data_4WLU
#
_entry.id   4WLU
#
_cell.length_a   59.982
_cell.length_b   152.140
_cell.length_c   155.035
_cell.angle_alpha   90.00
_cell.angle_beta   90.00
_cell.angle_gamma   90.00
#
_symmetry.space_group_name_H-M   'P 21 21 21'
#
loop_
_entity.id
_entity.type
_entity.pdbx_description
1 polymer 'Malate dehydrogenase, mitochondrial'
2 non-polymer '(2S)-2-hydroxybutanedioic acid'
3 non-polymer NICOTINAMIDE-ADENINE-DINUCLEOTIDE
4 water water
#
_entity_poly.entity_id   1
_entity_poly.type   'polypeptide(L)'
_entity_poly.pdbx_seq_one_letter_code
;MGSSHHHHHHSSGLVPRGSHMSAQNNAKVAVLGASGGIGQPLSLLLKNSPLVSRLTLYDIAHTPGVAADLSHIETKAAVK
GYLGPEQLPDCLKGCDVVVIPAGVPRKPGMTRDDLFNTNATIVATLTAACAQHCPEAMICVIANPVNSTIPITAEVFKKH
GVYNPNKIFGVTTLDIVRANTFVAELKGLDPARVNVPVIGGHAGKTIIPLISQCTPKVDFPQDQLTALTGRIQEAGTEVV
KAKAGAGSATLSMAYAGARFVFSLVDAMNGKEGVVECSFVKSQETECTYFSTPLLLGKKGIEKNLGIGKVSSFEEKMISD
AIPELKASIKKGEDFVKTLK
;
_entity_poly.pdbx_strand_id   A,B,C,D
#
loop_
_chem_comp.id
_chem_comp.type
_chem_comp.name
_chem_comp.formula
LMR non-polymer '(2S)-2-hydroxybutanedioic acid' 'C4 H6 O5'
NAD non-polymer NICOTINAMIDE-ADENINE-DINUCLEOTIDE 'C21 H27 N7 O14 P2'
#
# COMPACT_ATOMS: atom_id res chain seq x y z
N ASN A 26 -21.98 28.96 -5.53
CA ASN A 26 -21.61 28.28 -6.80
C ASN A 26 -20.11 28.42 -7.13
N ALA A 27 -19.27 28.06 -6.17
CA ALA A 27 -17.83 28.08 -6.37
C ALA A 27 -17.39 26.90 -7.25
N LYS A 28 -16.43 27.14 -8.13
CA LYS A 28 -15.81 26.09 -8.92
C LYS A 28 -14.44 25.83 -8.28
N VAL A 29 -14.25 24.62 -7.76
CA VAL A 29 -13.02 24.30 -7.01
C VAL A 29 -12.24 23.16 -7.67
N ALA A 30 -10.93 23.35 -7.79
CA ALA A 30 -10.02 22.31 -8.29
C ALA A 30 -9.14 21.76 -7.17
N VAL A 31 -8.97 20.44 -7.15
CA VAL A 31 -8.06 19.78 -6.24
C VAL A 31 -6.97 19.08 -7.05
N LEU A 32 -5.72 19.49 -6.85
CA LEU A 32 -4.57 18.86 -7.52
C LEU A 32 -3.85 17.93 -6.53
N GLY A 33 -3.89 16.63 -6.83
CA GLY A 33 -3.49 15.60 -5.88
C GLY A 33 -4.71 15.03 -5.18
N ALA A 34 -5.80 14.91 -5.93
CA ALA A 34 -7.11 14.56 -5.38
C ALA A 34 -7.27 13.09 -5.01
N SER A 35 -6.36 12.23 -5.51
CA SER A 35 -6.41 10.80 -5.19
C SER A 35 -5.62 10.41 -3.95
N GLY A 36 -4.91 11.37 -3.36
CA GLY A 36 -4.06 11.10 -2.20
C GLY A 36 -4.81 11.04 -0.88
N GLY A 37 -4.06 10.94 0.21
CA GLY A 37 -4.60 10.83 1.55
C GLY A 37 -5.40 12.06 2.00
N ILE A 38 -4.88 13.25 1.72
CA ILE A 38 -5.65 14.49 1.97
C ILE A 38 -6.68 14.69 0.88
N GLY A 39 -6.25 14.54 -0.37
CA GLY A 39 -7.08 14.82 -1.54
C GLY A 39 -8.46 14.19 -1.53
N GLN A 40 -8.56 12.92 -1.17
CA GLN A 40 -9.84 12.21 -1.23
C GLN A 40 -10.85 12.73 -0.19
N PRO A 41 -10.49 12.69 1.11
CA PRO A 41 -11.42 13.27 2.09
C PRO A 41 -11.70 14.76 1.87
N LEU A 42 -10.71 15.51 1.39
CA LEU A 42 -10.90 16.93 1.07
C LEU A 42 -11.97 17.08 0.00
N SER A 43 -11.87 16.25 -1.06
CA SER A 43 -12.82 16.26 -2.16
C SER A 43 -14.22 15.87 -1.69
N LEU A 44 -14.31 14.90 -0.78
CA LEU A 44 -15.60 14.55 -0.17
C LEU A 44 -16.25 15.76 0.52
N LEU A 45 -15.50 16.42 1.39
CA LEU A 45 -16.03 17.58 2.13
C LEU A 45 -16.49 18.69 1.19
N LEU A 46 -15.71 18.93 0.15
CA LEU A 46 -16.07 19.93 -0.86
C LEU A 46 -17.33 19.53 -1.62
N LYS A 47 -17.41 18.26 -2.01
CA LYS A 47 -18.58 17.74 -2.72
C LYS A 47 -19.84 17.84 -1.84
N ASN A 48 -19.68 17.64 -0.55
CA ASN A 48 -20.81 17.72 0.40
C ASN A 48 -21.36 19.13 0.60
N SER A 49 -20.61 20.16 0.19
CA SER A 49 -20.95 21.53 0.55
C SER A 49 -21.85 22.22 -0.50
N PRO A 50 -22.90 22.91 -0.03
CA PRO A 50 -23.73 23.67 -0.97
C PRO A 50 -23.04 24.93 -1.54
N LEU A 51 -21.87 25.28 -1.02
CA LEU A 51 -21.08 26.38 -1.58
C LEU A 51 -20.42 26.01 -2.92
N VAL A 52 -20.26 24.72 -3.19
CA VAL A 52 -19.56 24.26 -4.40
C VAL A 52 -20.53 23.79 -5.47
N SER A 53 -20.40 24.35 -6.68
CA SER A 53 -21.21 23.95 -7.84
C SER A 53 -20.45 23.05 -8.80
N ARG A 54 -19.12 23.14 -8.80
CA ARG A 54 -18.30 22.29 -9.66
C ARG A 54 -17.00 21.90 -8.95
N LEU A 55 -16.71 20.61 -8.96
CA LEU A 55 -15.52 20.06 -8.32
C LEU A 55 -14.71 19.30 -9.36
N THR A 56 -13.55 19.85 -9.74
CA THR A 56 -12.68 19.21 -10.70
C THR A 56 -11.45 18.61 -9.99
N LEU A 57 -11.18 17.34 -10.27
CA LEU A 57 -10.16 16.59 -9.56
C LEU A 57 -9.05 16.21 -10.53
N TYR A 58 -7.80 16.44 -10.11
CA TYR A 58 -6.64 16.07 -10.91
C TYR A 58 -5.63 15.27 -10.09
N ASP A 59 -5.03 14.28 -10.73
CA ASP A 59 -3.94 13.54 -10.15
C ASP A 59 -3.23 12.80 -11.28
N ILE A 60 -2.12 12.17 -10.98
CA ILE A 60 -1.39 11.38 -11.99
C ILE A 60 -1.90 9.93 -12.04
N ALA A 61 -2.77 9.58 -11.10
CA ALA A 61 -3.38 8.24 -11.05
C ALA A 61 -4.68 8.24 -10.24
N HIS A 62 -5.58 7.34 -10.61
CA HIS A 62 -6.80 6.98 -9.84
C HIS A 62 -7.94 8.00 -9.86
N THR A 63 -7.77 9.13 -10.54
CA THR A 63 -8.77 10.20 -10.51
C THR A 63 -10.15 9.76 -11.02
N PRO A 64 -10.19 9.03 -12.16
CA PRO A 64 -11.48 8.62 -12.71
C PRO A 64 -12.33 7.80 -11.73
N GLY A 65 -11.70 6.94 -10.94
CA GLY A 65 -12.38 6.13 -9.93
C GLY A 65 -12.86 6.95 -8.74
N VAL A 66 -12.02 7.88 -8.29
CA VAL A 66 -12.39 8.78 -7.19
C VAL A 66 -13.56 9.68 -7.60
N ALA A 67 -13.50 10.23 -8.80
CA ALA A 67 -14.59 11.07 -9.33
C ALA A 67 -15.89 10.27 -9.51
N ALA A 68 -15.77 9.06 -10.06
CA ALA A 68 -16.95 8.20 -10.24
C ALA A 68 -17.63 7.97 -8.89
N ASP A 69 -16.83 7.62 -7.90
CA ASP A 69 -17.25 7.42 -6.50
C ASP A 69 -18.02 8.64 -5.98
N LEU A 70 -17.38 9.80 -6.01
CA LEU A 70 -17.97 11.05 -5.50
C LEU A 70 -19.21 11.54 -6.28
N SER A 71 -19.26 11.25 -7.58
CA SER A 71 -20.36 11.72 -8.42
C SER A 71 -21.72 11.11 -8.05
N HIS A 72 -21.71 10.03 -7.27
CA HIS A 72 -22.96 9.40 -6.82
C HIS A 72 -23.61 10.09 -5.62
N ILE A 73 -22.86 10.97 -4.96
CA ILE A 73 -23.37 11.67 -3.78
C ILE A 73 -24.44 12.69 -4.19
N GLU A 74 -25.54 12.69 -3.43
CA GLU A 74 -26.75 13.47 -3.72
C GLU A 74 -26.65 14.98 -3.46
N THR A 75 -25.58 15.61 -3.92
CA THR A 75 -25.41 17.06 -3.79
C THR A 75 -25.24 17.67 -5.18
N LYS A 76 -25.40 18.98 -5.25
CA LYS A 76 -25.47 19.68 -6.54
C LYS A 76 -24.15 19.76 -7.32
N ALA A 77 -23.01 19.69 -6.63
CA ALA A 77 -21.71 19.88 -7.27
C ALA A 77 -21.44 18.86 -8.38
N ALA A 78 -21.19 19.36 -9.58
CA ALA A 78 -20.76 18.51 -10.69
C ALA A 78 -19.32 18.08 -10.46
N VAL A 79 -19.08 16.77 -10.48
CA VAL A 79 -17.76 16.21 -10.26
C VAL A 79 -17.19 15.68 -11.56
N LYS A 80 -15.95 16.05 -11.88
CA LYS A 80 -15.23 15.35 -12.94
C LYS A 80 -13.76 15.13 -12.59
N GLY A 81 -13.27 13.95 -12.97
CA GLY A 81 -11.88 13.57 -12.73
C GLY A 81 -11.05 13.76 -13.98
N TYR A 82 -9.81 14.21 -13.79
CA TYR A 82 -8.86 14.42 -14.89
C TYR A 82 -7.57 13.70 -14.57
N LEU A 83 -6.90 13.23 -15.61
CA LEU A 83 -5.73 12.38 -15.44
C LEU A 83 -4.69 12.71 -16.51
N GLY A 84 -3.47 13.04 -16.08
CA GLY A 84 -2.35 13.27 -17.00
C GLY A 84 -2.19 14.69 -17.51
N PRO A 85 -0.98 15.06 -17.97
CA PRO A 85 -0.63 16.42 -18.39
C PRO A 85 -1.63 17.08 -19.32
N GLU A 86 -2.07 16.33 -20.32
CA GLU A 86 -2.99 16.83 -21.34
C GLU A 86 -4.31 17.36 -20.76
N GLN A 87 -4.78 16.74 -19.68
CA GLN A 87 -6.08 17.10 -19.10
C GLN A 87 -6.01 18.13 -17.97
N LEU A 88 -4.81 18.43 -17.48
CA LEU A 88 -4.66 19.41 -16.39
C LEU A 88 -5.28 20.78 -16.71
N PRO A 89 -5.04 21.32 -17.93
CA PRO A 89 -5.66 22.61 -18.27
C PRO A 89 -7.20 22.59 -18.19
N ASP A 90 -7.82 21.51 -18.63
CA ASP A 90 -9.28 21.39 -18.57
C ASP A 90 -9.79 21.32 -17.14
N CYS A 91 -8.99 20.76 -16.24
CA CYS A 91 -9.33 20.73 -14.82
C CYS A 91 -9.33 22.12 -14.17
N LEU A 92 -8.44 22.98 -14.66
CA LEU A 92 -8.20 24.30 -14.06
C LEU A 92 -9.05 25.43 -14.62
N LYS A 93 -9.38 25.36 -15.91
CA LYS A 93 -10.11 26.44 -16.58
C LYS A 93 -11.40 26.83 -15.85
N GLY A 94 -11.53 28.11 -15.52
CA GLY A 94 -12.74 28.65 -14.90
C GLY A 94 -12.83 28.50 -13.39
N CYS A 95 -11.83 27.89 -12.76
CA CYS A 95 -11.84 27.68 -11.31
C CYS A 95 -11.76 28.98 -10.51
N ASP A 96 -12.50 29.04 -9.40
CA ASP A 96 -12.43 30.15 -8.47
C ASP A 96 -11.38 29.89 -7.39
N VAL A 97 -11.17 28.61 -7.07
CA VAL A 97 -10.22 28.19 -6.04
C VAL A 97 -9.53 26.91 -6.50
N VAL A 98 -8.22 26.85 -6.26
CA VAL A 98 -7.44 25.65 -6.48
C VAL A 98 -6.75 25.28 -5.17
N VAL A 99 -6.89 24.01 -4.76
CA VAL A 99 -6.20 23.51 -3.58
C VAL A 99 -5.19 22.47 -4.04
N ILE A 100 -3.98 22.54 -3.52
CA ILE A 100 -2.88 21.70 -3.97
C ILE A 100 -2.26 20.92 -2.82
N PRO A 101 -2.86 19.76 -2.48
CA PRO A 101 -2.20 18.81 -1.59
C PRO A 101 -1.19 17.91 -2.32
N ALA A 102 -1.05 18.07 -3.64
CA ALA A 102 -0.12 17.24 -4.42
C ALA A 102 1.30 17.33 -3.87
N GLY A 103 1.86 16.17 -3.52
CA GLY A 103 3.21 16.10 -2.96
C GLY A 103 3.42 14.82 -2.18
N VAL A 104 4.63 14.60 -1.71
CA VAL A 104 4.97 13.43 -0.91
C VAL A 104 4.91 13.79 0.58
N PRO A 105 4.44 12.85 1.43
CA PRO A 105 4.37 13.11 2.87
C PRO A 105 5.62 12.68 3.66
N ARG A 106 5.73 13.17 4.89
CA ARG A 106 6.84 12.86 5.81
C ARG A 106 6.82 11.45 6.36
N LYS A 107 8.01 10.93 6.68
CA LYS A 107 8.17 9.74 7.54
C LYS A 107 8.61 10.21 8.92
N PRO A 108 8.39 9.37 9.96
CA PRO A 108 8.87 9.68 11.31
C PRO A 108 10.35 10.09 11.33
N GLY A 109 10.63 11.20 12.02
CA GLY A 109 11.99 11.74 12.10
C GLY A 109 12.22 12.94 11.19
N MET A 110 11.65 12.89 9.99
CA MET A 110 11.85 13.93 9.00
C MET A 110 11.21 15.25 9.41
N THR A 111 11.83 16.34 8.98
CA THR A 111 11.21 17.65 9.02
C THR A 111 10.39 17.80 7.76
N ARG A 112 9.53 18.81 7.71
CA ARG A 112 8.79 19.10 6.50
C ARG A 112 9.76 19.59 5.41
N ASP A 113 10.80 20.31 5.83
CA ASP A 113 11.87 20.75 4.93
C ASP A 113 12.56 19.60 4.19
N ASP A 114 12.66 18.42 4.81
CA ASP A 114 13.27 17.25 4.17
C ASP A 114 12.51 16.80 2.92
N LEU A 115 11.27 17.25 2.75
CA LEU A 115 10.45 16.95 1.57
C LEU A 115 10.76 17.85 0.38
N PHE A 116 11.56 18.89 0.59
CA PHE A 116 11.75 19.94 -0.42
C PHE A 116 12.16 19.44 -1.81
N ASN A 117 13.14 18.55 -1.86
CA ASN A 117 13.74 18.16 -3.13
C ASN A 117 12.82 17.36 -4.05
N THR A 118 11.72 16.84 -3.51
CA THR A 118 10.67 16.22 -4.33
C THR A 118 9.59 17.24 -4.62
N ASN A 119 9.04 17.84 -3.57
CA ASN A 119 7.84 18.68 -3.69
C ASN A 119 8.04 20.04 -4.35
N ALA A 120 9.27 20.54 -4.38
CA ALA A 120 9.56 21.81 -5.04
C ALA A 120 9.21 21.76 -6.53
N THR A 121 9.64 20.69 -7.20
CA THR A 121 9.32 20.48 -8.62
C THR A 121 7.83 20.25 -8.86
N ILE A 122 7.17 19.51 -7.97
CA ILE A 122 5.74 19.25 -8.09
C ILE A 122 4.93 20.54 -7.98
N VAL A 123 5.24 21.35 -6.95
CA VAL A 123 4.56 22.63 -6.75
C VAL A 123 4.86 23.61 -7.90
N ALA A 124 6.11 23.67 -8.34
CA ALA A 124 6.48 24.54 -9.47
C ALA A 124 5.67 24.22 -10.73
N THR A 125 5.58 22.93 -11.05
CA THR A 125 4.86 22.45 -12.25
C THR A 125 3.38 22.76 -12.19
N LEU A 126 2.75 22.38 -11.08
CA LEU A 126 1.31 22.55 -10.92
C LEU A 126 0.89 24.01 -10.79
N THR A 127 1.71 24.83 -10.12
CA THR A 127 1.38 26.26 -10.00
C THR A 127 1.67 27.03 -11.30
N ALA A 128 2.59 26.53 -12.12
CA ALA A 128 2.77 27.07 -13.47
C ALA A 128 1.50 26.84 -14.29
N ALA A 129 0.90 25.66 -14.17
CA ALA A 129 -0.37 25.37 -14.86
C ALA A 129 -1.51 26.28 -14.38
N CYS A 130 -1.55 26.53 -13.07
CA CYS A 130 -2.52 27.48 -12.50
C CYS A 130 -2.32 28.89 -13.04
N ALA A 131 -1.07 29.34 -13.09
CA ALA A 131 -0.73 30.67 -13.60
C ALA A 131 -1.19 30.83 -15.05
N GLN A 132 -1.11 29.76 -15.84
CA GLN A 132 -1.52 29.78 -17.23
C GLN A 132 -3.03 29.71 -17.43
N HIS A 133 -3.71 28.83 -16.68
CA HIS A 133 -5.10 28.49 -16.98
C HIS A 133 -6.15 29.02 -16.01
N CYS A 134 -5.75 29.39 -14.80
CA CYS A 134 -6.66 30.07 -13.87
C CYS A 134 -5.89 31.06 -12.98
N PRO A 135 -5.26 32.07 -13.60
CA PRO A 135 -4.47 33.09 -12.88
C PRO A 135 -5.26 33.89 -11.86
N GLU A 136 -6.58 34.03 -12.06
CA GLU A 136 -7.43 34.81 -11.17
C GLU A 136 -7.96 34.02 -9.98
N ALA A 137 -7.70 32.71 -9.94
CA ALA A 137 -8.20 31.86 -8.86
C ALA A 137 -7.44 32.07 -7.57
N MET A 138 -8.05 31.65 -6.46
CA MET A 138 -7.37 31.61 -5.17
C MET A 138 -6.54 30.33 -5.17
N ILE A 139 -5.22 30.48 -5.00
CA ILE A 139 -4.30 29.35 -5.02
C ILE A 139 -3.97 28.96 -3.57
N CYS A 140 -4.44 27.79 -3.16
CA CYS A 140 -4.26 27.31 -1.80
C CYS A 140 -3.27 26.14 -1.78
N VAL A 141 -2.05 26.40 -1.31
CA VAL A 141 -1.01 25.39 -1.32
C VAL A 141 -0.98 24.64 0.00
N ILE A 142 -1.18 23.33 -0.09
CA ILE A 142 -1.07 22.44 1.06
C ILE A 142 0.30 21.76 1.08
N ALA A 143 0.78 21.36 -0.08
CA ALA A 143 2.08 20.67 -0.21
C ALA A 143 3.21 21.31 0.61
N ASN A 144 3.93 20.47 1.36
CA ASN A 144 5.02 20.90 2.23
C ASN A 144 6.38 20.84 1.54
N PRO A 145 7.38 21.59 2.06
CA PRO A 145 7.28 22.50 3.20
C PRO A 145 6.67 23.84 2.77
N VAL A 146 5.52 24.18 3.37
CA VAL A 146 4.78 25.40 3.02
C VAL A 146 5.67 26.65 3.09
N ASN A 147 6.55 26.72 4.09
CA ASN A 147 7.45 27.86 4.25
C ASN A 147 8.35 28.13 3.02
N SER A 148 8.56 27.12 2.18
CA SER A 148 9.31 27.29 0.93
C SER A 148 8.44 27.18 -0.34
N THR A 149 7.36 26.40 -0.30
CA THR A 149 6.53 26.17 -1.48
C THR A 149 5.65 27.36 -1.85
N ILE A 150 5.34 28.21 -0.89
CA ILE A 150 4.63 29.46 -1.19
C ILE A 150 5.54 30.45 -1.92
N PRO A 151 6.78 30.63 -1.44
CA PRO A 151 7.72 31.41 -2.24
C PRO A 151 7.90 30.87 -3.67
N ILE A 152 7.98 29.55 -3.81
CA ILE A 152 8.04 28.95 -5.15
C ILE A 152 6.82 29.37 -5.98
N THR A 153 5.64 29.19 -5.41
CA THR A 153 4.39 29.53 -6.08
C THR A 153 4.38 30.99 -6.53
N ALA A 154 4.79 31.89 -5.65
CA ALA A 154 4.86 33.31 -5.96
C ALA A 154 5.83 33.62 -7.10
N GLU A 155 7.02 33.02 -7.06
CA GLU A 155 8.01 33.24 -8.11
C GLU A 155 7.55 32.68 -9.46
N VAL A 156 6.85 31.54 -9.43
CA VAL A 156 6.30 30.95 -10.65
C VAL A 156 5.25 31.88 -11.27
N PHE A 157 4.37 32.42 -10.43
CA PHE A 157 3.36 33.38 -10.91
C PHE A 157 3.99 34.67 -11.46
N LYS A 158 5.06 35.16 -10.82
CA LYS A 158 5.80 36.33 -11.30
C LYS A 158 6.35 36.11 -12.70
N LYS A 159 6.99 34.96 -12.91
CA LYS A 159 7.53 34.56 -14.21
C LYS A 159 6.47 34.65 -15.31
N HIS A 160 5.24 34.25 -14.99
CA HIS A 160 4.13 34.31 -15.95
C HIS A 160 3.43 35.67 -15.98
N GLY A 161 3.92 36.62 -15.19
CA GLY A 161 3.39 37.98 -15.18
C GLY A 161 1.98 38.10 -14.65
N VAL A 162 1.59 37.23 -13.72
CA VAL A 162 0.22 37.24 -13.17
C VAL A 162 0.20 37.10 -11.65
N TYR A 163 1.27 37.56 -10.99
CA TYR A 163 1.37 37.44 -9.54
C TYR A 163 0.46 38.43 -8.83
N ASN A 164 -0.57 37.91 -8.16
CA ASN A 164 -1.41 38.69 -7.28
C ASN A 164 -1.24 38.17 -5.85
N PRO A 165 -0.48 38.90 -5.00
CA PRO A 165 -0.20 38.41 -3.64
C PRO A 165 -1.42 38.26 -2.73
N ASN A 166 -2.55 38.87 -3.09
CA ASN A 166 -3.78 38.73 -2.31
C ASN A 166 -4.54 37.43 -2.60
N LYS A 167 -4.05 36.63 -3.56
CA LYS A 167 -4.74 35.39 -3.93
C LYS A 167 -3.89 34.11 -3.81
N ILE A 168 -2.73 34.20 -3.15
CA ILE A 168 -1.87 33.01 -2.96
C ILE A 168 -1.73 32.71 -1.47
N PHE A 169 -2.11 31.49 -1.09
CA PHE A 169 -2.24 31.11 0.32
C PHE A 169 -1.52 29.81 0.68
N GLY A 170 -0.61 29.90 1.64
CA GLY A 170 -0.06 28.71 2.29
C GLY A 170 -1.01 28.31 3.41
N VAL A 171 -1.61 27.13 3.28
CA VAL A 171 -2.67 26.72 4.18
C VAL A 171 -2.06 26.31 5.52
N THR A 172 -2.23 27.16 6.52
CA THR A 172 -1.77 26.90 7.89
C THR A 172 -2.95 26.60 8.82
N THR A 173 -4.13 26.40 8.25
CA THR A 173 -5.37 26.32 9.02
C THR A 173 -5.36 25.21 10.07
N LEU A 174 -4.69 24.10 9.77
CA LEU A 174 -4.61 22.99 10.72
C LEU A 174 -3.91 23.38 12.05
N ASP A 175 -2.93 24.27 12.00
CA ASP A 175 -2.29 24.80 13.22
C ASP A 175 -3.30 25.50 14.12
N ILE A 176 -4.19 26.28 13.53
CA ILE A 176 -5.22 27.01 14.28
C ILE A 176 -6.25 26.01 14.82
N VAL A 177 -6.70 25.11 13.95
CA VAL A 177 -7.66 24.06 14.33
C VAL A 177 -7.11 23.28 15.53
N ARG A 178 -5.84 22.89 15.46
CA ARG A 178 -5.17 22.19 16.56
C ARG A 178 -5.15 23.04 17.84
N ALA A 179 -4.72 24.29 17.71
CA ALA A 179 -4.68 25.20 18.86
C ALA A 179 -6.05 25.31 19.55
N ASN A 180 -7.10 25.42 18.74
CA ASN A 180 -8.47 25.53 19.26
C ASN A 180 -8.85 24.28 20.06
N THR A 181 -8.61 23.13 19.47
CA THR A 181 -8.86 21.84 20.12
C THR A 181 -8.09 21.70 21.43
N PHE A 182 -6.80 21.99 21.41
CA PHE A 182 -5.97 21.77 22.60
C PHE A 182 -6.31 22.75 23.73
N VAL A 183 -6.58 24.01 23.39
CA VAL A 183 -7.03 24.99 24.37
C VAL A 183 -8.35 24.54 24.98
N ALA A 184 -9.28 24.14 24.12
CA ALA A 184 -10.61 23.68 24.55
C ALA A 184 -10.52 22.49 25.51
N GLU A 185 -9.67 21.52 25.16
CA GLU A 185 -9.47 20.34 26.00
C GLU A 185 -8.93 20.70 27.38
N LEU A 186 -7.94 21.59 27.43
CA LEU A 186 -7.33 21.98 28.71
C LEU A 186 -8.28 22.76 29.61
N LYS A 187 -9.08 23.64 29.02
CA LYS A 187 -10.01 24.48 29.78
C LYS A 187 -11.41 23.87 29.93
N GLY A 188 -11.67 22.76 29.27
CA GLY A 188 -13.01 22.19 29.25
C GLY A 188 -14.00 23.11 28.56
N LEU A 189 -13.64 23.57 27.37
CA LEU A 189 -14.50 24.44 26.56
C LEU A 189 -15.00 23.68 25.34
N ASP A 190 -16.02 24.25 24.72
CA ASP A 190 -16.48 23.80 23.41
C ASP A 190 -15.51 24.35 22.37
N PRO A 191 -14.79 23.46 21.66
CA PRO A 191 -13.79 23.96 20.69
C PRO A 191 -14.41 24.73 19.52
N ALA A 192 -15.71 24.54 19.29
CA ALA A 192 -16.43 25.36 18.31
C ALA A 192 -16.38 26.85 18.66
N ARG A 193 -16.32 27.15 19.96
CA ARG A 193 -16.33 28.53 20.45
C ARG A 193 -14.93 29.12 20.68
N VAL A 194 -13.88 28.33 20.41
CA VAL A 194 -12.50 28.77 20.63
C VAL A 194 -11.85 29.19 19.32
N ASN A 195 -11.15 30.32 19.35
CA ASN A 195 -10.41 30.82 18.18
C ASN A 195 -9.04 31.37 18.60
N VAL A 196 -7.98 30.61 18.29
CA VAL A 196 -6.61 30.99 18.61
C VAL A 196 -5.88 31.44 17.35
N PRO A 197 -5.45 32.72 17.29
CA PRO A 197 -4.55 33.13 16.22
C PRO A 197 -3.20 32.42 16.32
N VAL A 198 -2.73 31.88 15.21
CA VAL A 198 -1.42 31.25 15.13
C VAL A 198 -0.69 31.92 13.97
N ILE A 199 0.51 32.43 14.25
CA ILE A 199 1.26 33.21 13.28
C ILE A 199 2.61 32.59 12.99
N GLY A 200 3.36 33.20 12.06
CA GLY A 200 4.70 32.76 11.70
C GLY A 200 4.69 31.92 10.44
N GLY A 201 5.01 30.64 10.58
CA GLY A 201 5.00 29.71 9.46
C GLY A 201 4.45 28.35 9.86
N HIS A 202 4.63 27.37 8.97
CA HIS A 202 4.17 26.01 9.20
C HIS A 202 5.35 25.03 9.27
N ALA A 203 6.18 25.20 10.28
CA ALA A 203 7.25 24.27 10.60
C ALA A 203 7.75 24.53 12.02
N GLY A 204 7.70 23.49 12.85
CA GLY A 204 8.21 23.51 14.23
C GLY A 204 8.11 24.84 14.96
N LYS A 205 9.28 25.43 15.23
CA LYS A 205 9.36 26.67 16.01
C LYS A 205 8.83 27.91 15.29
N THR A 206 8.62 27.82 13.98
CA THR A 206 7.99 28.92 13.23
C THR A 206 6.47 28.99 13.46
N ILE A 207 5.91 27.96 14.10
CA ILE A 207 4.49 27.95 14.44
C ILE A 207 4.36 28.65 15.79
N ILE A 208 3.69 29.80 15.80
CA ILE A 208 3.62 30.64 16.99
C ILE A 208 2.16 30.86 17.40
N PRO A 209 1.65 30.05 18.34
CA PRO A 209 0.27 30.24 18.80
C PRO A 209 0.16 31.46 19.72
N LEU A 210 -0.72 32.40 19.37
CA LEU A 210 -0.90 33.61 20.17
C LEU A 210 -2.01 33.35 21.20
N ILE A 211 -1.66 32.62 22.25
CA ILE A 211 -2.63 32.26 23.28
C ILE A 211 -3.16 33.51 23.99
N SER A 212 -2.33 34.55 24.05
CA SER A 212 -2.76 35.84 24.65
C SER A 212 -3.93 36.47 23.87
N GLN A 213 -4.04 36.16 22.58
CA GLN A 213 -5.10 36.71 21.73
C GLN A 213 -6.28 35.77 21.54
N CYS A 214 -6.30 34.65 22.27
CA CYS A 214 -7.37 33.66 22.13
C CYS A 214 -8.73 34.24 22.53
N THR A 215 -9.76 33.85 21.80
CA THR A 215 -11.14 34.14 22.19
C THR A 215 -11.87 32.81 22.40
N PRO A 216 -12.48 32.60 23.58
CA PRO A 216 -12.52 33.51 24.71
C PRO A 216 -11.13 33.62 25.35
N LYS A 217 -10.90 34.69 26.10
CA LYS A 217 -9.63 34.88 26.76
C LYS A 217 -9.45 33.78 27.80
N VAL A 218 -8.28 33.15 27.77
CA VAL A 218 -7.95 32.04 28.65
C VAL A 218 -6.66 32.34 29.40
N ASP A 219 -6.65 32.05 30.69
CA ASP A 219 -5.47 32.22 31.52
C ASP A 219 -4.99 30.84 31.92
N PHE A 220 -3.78 30.50 31.49
CA PHE A 220 -3.19 29.21 31.82
C PHE A 220 -2.02 29.43 32.77
N PRO A 221 -1.85 28.54 33.76
CA PRO A 221 -0.56 28.54 34.45
C PRO A 221 0.58 28.27 33.47
N GLN A 222 1.77 28.77 33.78
CA GLN A 222 2.89 28.77 32.84
C GLN A 222 3.25 27.38 32.32
N ASP A 223 3.27 26.38 33.20
CA ASP A 223 3.66 25.02 32.80
C ASP A 223 2.67 24.40 31.82
N GLN A 224 1.38 24.71 31.98
CA GLN A 224 0.37 24.30 30.99
C GLN A 224 0.55 25.06 29.68
N LEU A 225 0.83 26.37 29.78
CA LEU A 225 1.00 27.22 28.60
C LEU A 225 2.19 26.78 27.75
N THR A 226 3.29 26.43 28.40
CA THR A 226 4.49 25.96 27.71
C THR A 226 4.25 24.60 27.04
N ALA A 227 3.59 23.69 27.76
CA ALA A 227 3.23 22.38 27.20
C ALA A 227 2.25 22.49 26.02
N LEU A 228 1.24 23.36 26.18
CA LEU A 228 0.27 23.66 25.12
C LEU A 228 0.96 24.16 23.86
N THR A 229 1.81 25.16 24.02
CA THR A 229 2.54 25.77 22.91
C THR A 229 3.39 24.74 22.17
N GLY A 230 4.17 23.97 22.93
CA GLY A 230 4.96 22.88 22.36
C GLY A 230 4.14 21.81 21.65
N ARG A 231 3.00 21.45 22.24
CA ARG A 231 2.10 20.46 21.65
C ARG A 231 1.59 20.94 20.28
N ILE A 232 1.21 22.21 20.20
CA ILE A 232 0.74 22.79 18.93
C ILE A 232 1.85 22.76 17.88
N GLN A 233 3.07 23.11 18.29
CA GLN A 233 4.21 23.17 17.37
C GLN A 233 4.61 21.81 16.83
N GLU A 234 4.50 20.78 17.67
CA GLU A 234 4.93 19.42 17.29
C GLU A 234 3.78 18.50 16.89
N ALA A 235 2.57 19.03 16.81
CA ALA A 235 1.37 18.23 16.52
C ALA A 235 1.48 17.39 15.25
N GLY A 236 2.01 17.99 14.19
CA GLY A 236 2.21 17.29 12.92
C GLY A 236 3.16 16.12 13.05
N THR A 237 4.22 16.31 13.82
CA THR A 237 5.18 15.24 14.07
C THR A 237 4.59 14.15 14.94
N GLU A 238 3.74 14.52 15.90
CA GLU A 238 3.10 13.51 16.74
C GLU A 238 2.16 12.61 15.93
N VAL A 239 1.48 13.16 14.92
CA VAL A 239 0.63 12.33 14.05
C VAL A 239 1.49 11.44 13.13
N VAL A 240 2.57 11.99 12.58
CA VAL A 240 3.51 11.20 11.77
C VAL A 240 4.02 10.02 12.60
N LYS A 241 4.46 10.29 13.83
CA LYS A 241 4.93 9.24 14.73
C LYS A 241 3.84 8.22 15.06
N ALA A 242 2.62 8.70 15.30
CA ALA A 242 1.49 7.80 15.57
C ALA A 242 1.14 6.92 14.38
N LYS A 243 1.36 7.41 13.16
CA LYS A 243 1.09 6.62 11.94
C LYS A 243 2.24 5.70 11.54
N ALA A 244 3.40 5.87 12.17
CA ALA A 244 4.53 4.92 12.09
C ALA A 244 4.95 4.53 10.68
N GLY A 245 4.96 5.50 9.76
CA GLY A 245 5.37 5.25 8.38
C GLY A 245 4.20 5.22 7.40
N ALA A 246 2.98 5.16 7.91
CA ALA A 246 1.79 5.15 7.05
C ALA A 246 1.25 6.57 6.80
N GLY A 247 2.15 7.53 6.64
CA GLY A 247 1.80 8.88 6.23
C GLY A 247 1.70 9.90 7.36
N SER A 248 1.10 11.04 7.04
CA SER A 248 0.93 12.14 7.99
C SER A 248 -0.56 12.46 8.07
N ALA A 249 -0.90 13.51 8.83
CA ALA A 249 -2.29 13.91 9.02
C ALA A 249 -3.01 14.07 7.68
N THR A 250 -4.13 13.36 7.52
CA THR A 250 -4.90 13.40 6.28
C THR A 250 -6.33 13.90 6.50
N LEU A 251 -7.01 13.34 7.50
CA LEU A 251 -8.42 13.65 7.77
C LEU A 251 -8.59 15.03 8.40
N SER A 252 -7.76 15.34 9.40
CA SER A 252 -7.76 16.67 10.02
C SER A 252 -7.25 17.74 9.05
N MET A 253 -6.39 17.35 8.10
CA MET A 253 -5.92 18.29 7.10
C MET A 253 -6.99 18.55 6.05
N ALA A 254 -7.76 17.51 5.71
CA ALA A 254 -8.92 17.66 4.84
C ALA A 254 -9.92 18.62 5.47
N TYR A 255 -10.22 18.42 6.75
CA TYR A 255 -11.09 19.33 7.49
C TYR A 255 -10.57 20.77 7.41
N ALA A 256 -9.29 20.96 7.68
CA ALA A 256 -8.70 22.29 7.74
C ALA A 256 -8.64 22.96 6.37
N GLY A 257 -8.29 22.20 5.34
CA GLY A 257 -8.28 22.70 3.97
C GLY A 257 -9.68 23.12 3.52
N ALA A 258 -10.66 22.28 3.83
CA ALA A 258 -12.06 22.56 3.49
C ALA A 258 -12.54 23.82 4.21
N ARG A 259 -12.24 23.93 5.51
CA ARG A 259 -12.59 25.14 6.25
C ARG A 259 -12.04 26.38 5.54
N PHE A 260 -10.78 26.32 5.13
CA PHE A 260 -10.13 27.48 4.51
C PHE A 260 -10.77 27.85 3.17
N VAL A 261 -11.09 26.84 2.36
CA VAL A 261 -11.80 27.08 1.11
C VAL A 261 -13.16 27.70 1.35
N PHE A 262 -13.91 27.17 2.32
CA PHE A 262 -15.23 27.70 2.65
C PHE A 262 -15.16 29.15 3.13
N SER A 263 -14.16 29.47 3.96
CA SER A 263 -13.92 30.86 4.35
C SER A 263 -13.65 31.75 3.13
N LEU A 264 -12.81 31.29 2.22
CA LEU A 264 -12.54 32.00 0.95
C LEU A 264 -13.82 32.21 0.14
N VAL A 265 -14.63 31.16 0.02
CA VAL A 265 -15.87 31.23 -0.78
C VAL A 265 -16.90 32.16 -0.14
N ASP A 266 -17.10 32.06 1.17
CA ASP A 266 -17.99 32.98 1.89
C ASP A 266 -17.59 34.44 1.63
N ALA A 267 -16.29 34.73 1.78
CA ALA A 267 -15.78 36.08 1.53
C ALA A 267 -15.99 36.52 0.08
N MET A 268 -15.77 35.60 -0.86
CA MET A 268 -16.02 35.88 -2.28
C MET A 268 -17.49 36.19 -2.55
N ASN A 269 -18.39 35.52 -1.81
CA ASN A 269 -19.83 35.80 -1.90
C ASN A 269 -20.26 37.02 -1.08
N GLY A 270 -19.29 37.77 -0.54
CA GLY A 270 -19.57 39.04 0.13
C GLY A 270 -19.85 38.96 1.62
N LYS A 271 -19.63 37.79 2.25
CA LYS A 271 -19.76 37.71 3.70
C LYS A 271 -18.69 38.58 4.35
N GLU A 272 -19.08 39.35 5.35
CA GLU A 272 -18.19 40.30 5.99
C GLU A 272 -17.61 39.70 7.27
N GLY A 273 -16.44 40.19 7.66
CA GLY A 273 -15.80 39.77 8.91
C GLY A 273 -15.18 38.38 8.89
N VAL A 274 -14.90 37.85 7.70
CA VAL A 274 -14.28 36.53 7.58
C VAL A 274 -12.78 36.66 7.78
N VAL A 275 -12.28 36.04 8.84
CA VAL A 275 -10.86 36.15 9.20
C VAL A 275 -10.22 34.77 9.28
N GLU A 276 -9.12 34.59 8.56
CA GLU A 276 -8.32 33.36 8.62
C GLU A 276 -6.83 33.70 8.64
N CYS A 277 -6.07 32.95 9.42
CA CYS A 277 -4.62 33.00 9.35
C CYS A 277 -4.16 32.21 8.13
N SER A 278 -3.15 32.73 7.44
CA SER A 278 -2.55 32.02 6.30
C SER A 278 -1.17 32.58 5.96
N PHE A 279 -0.29 31.70 5.52
CA PHE A 279 1.08 32.06 5.16
C PHE A 279 1.07 32.73 3.78
N VAL A 280 1.31 34.05 3.77
CA VAL A 280 1.17 34.87 2.57
C VAL A 280 2.32 35.88 2.43
N LYS A 281 2.36 36.56 1.28
CA LYS A 281 3.25 37.71 1.10
C LYS A 281 2.96 38.73 2.20
N SER A 282 4.00 39.12 2.92
CA SER A 282 3.83 39.91 4.14
C SER A 282 4.89 40.99 4.31
N GLN A 283 4.51 42.06 4.99
CA GLN A 283 5.42 43.14 5.39
C GLN A 283 5.44 43.32 6.92
N GLU A 284 4.91 42.34 7.64
CA GLU A 284 4.83 42.40 9.11
C GLU A 284 6.19 42.30 9.79
N THR A 285 7.09 41.52 9.19
CA THR A 285 8.45 41.36 9.68
C THR A 285 9.39 41.50 8.49
N GLU A 286 10.68 41.27 8.72
CA GLU A 286 11.65 41.26 7.64
C GLU A 286 11.50 40.02 6.73
N CYS A 287 10.74 39.03 7.20
CA CYS A 287 10.35 37.90 6.36
C CYS A 287 9.36 38.38 5.29
N THR A 288 9.66 38.11 4.03
CA THR A 288 8.80 38.52 2.93
C THR A 288 7.52 37.66 2.85
N TYR A 289 7.54 36.50 3.50
CA TYR A 289 6.32 35.70 3.68
C TYR A 289 6.15 35.36 5.15
N PHE A 290 4.91 35.40 5.64
CA PHE A 290 4.63 35.29 7.06
C PHE A 290 3.14 35.05 7.24
N SER A 291 2.76 34.33 8.29
CA SER A 291 1.35 34.06 8.54
C SER A 291 0.82 34.98 9.64
N THR A 292 -0.29 35.67 9.32
CA THR A 292 -1.03 36.49 10.29
C THR A 292 -2.52 36.36 9.98
N PRO A 293 -3.39 36.77 10.91
CA PRO A 293 -4.82 36.80 10.60
C PRO A 293 -5.11 37.75 9.44
N LEU A 294 -5.94 37.30 8.50
CA LEU A 294 -6.27 38.06 7.30
C LEU A 294 -7.77 38.24 7.20
N LEU A 295 -8.21 39.48 7.03
CA LEU A 295 -9.59 39.74 6.65
C LEU A 295 -9.71 39.40 5.17
N LEU A 296 -10.59 38.46 4.85
CA LEU A 296 -10.79 38.02 3.48
C LEU A 296 -11.96 38.78 2.87
N GLY A 297 -11.88 39.06 1.58
CA GLY A 297 -12.95 39.78 0.88
C GLY A 297 -13.24 39.17 -0.47
N LYS A 298 -13.88 39.95 -1.33
CA LYS A 298 -14.30 39.46 -2.64
C LYS A 298 -13.12 39.15 -3.55
N LYS A 299 -11.97 39.79 -3.32
CA LYS A 299 -10.78 39.58 -4.15
C LYS A 299 -9.64 38.89 -3.42
N GLY A 300 -9.96 38.12 -2.37
CA GLY A 300 -8.96 37.42 -1.58
C GLY A 300 -8.65 38.16 -0.30
N ILE A 301 -7.37 38.44 -0.06
CA ILE A 301 -6.98 39.21 1.12
C ILE A 301 -7.53 40.64 0.96
N GLU A 302 -8.49 40.99 1.83
CA GLU A 302 -8.99 42.35 1.93
C GLU A 302 -7.98 43.18 2.73
N LYS A 303 -7.57 42.64 3.87
CA LYS A 303 -6.68 43.36 4.78
C LYS A 303 -5.89 42.40 5.68
N ASN A 304 -4.57 42.54 5.68
CA ASN A 304 -3.73 41.84 6.66
C ASN A 304 -3.89 42.53 8.00
N LEU A 305 -4.45 41.82 8.98
CA LEU A 305 -4.69 42.39 10.31
C LEU A 305 -3.43 42.45 11.16
N GLY A 306 -2.34 41.84 10.70
CA GLY A 306 -1.05 41.95 11.35
C GLY A 306 -0.89 41.10 12.60
N ILE A 307 0.22 41.29 13.30
CA ILE A 307 0.52 40.53 14.51
C ILE A 307 -0.25 41.03 15.72
N GLY A 308 -0.44 42.34 15.81
CA GLY A 308 -1.13 42.94 16.96
C GLY A 308 -0.29 42.95 18.21
N LYS A 309 -0.94 43.13 19.35
CA LYS A 309 -0.26 43.13 20.65
C LYS A 309 -0.07 41.69 21.11
N VAL A 310 1.16 41.36 21.50
CA VAL A 310 1.48 40.02 21.99
C VAL A 310 2.25 40.09 23.31
N SER A 311 2.35 38.96 24.00
CA SER A 311 3.14 38.86 25.23
C SER A 311 4.63 38.86 24.90
N SER A 312 5.46 39.01 25.93
CA SER A 312 6.91 38.94 25.80
C SER A 312 7.36 37.56 25.31
N PHE A 313 6.76 36.52 25.87
CA PHE A 313 7.00 35.12 25.48
C PHE A 313 6.75 34.95 23.98
N GLU A 314 5.63 35.48 23.49
CA GLU A 314 5.24 35.38 22.09
C GLU A 314 6.17 36.20 21.19
N GLU A 315 6.53 37.40 21.64
CA GLU A 315 7.50 38.26 20.95
C GLU A 315 8.83 37.54 20.74
N LYS A 316 9.32 36.87 21.79
CA LYS A 316 10.55 36.07 21.70
C LYS A 316 10.42 34.99 20.63
N MET A 317 9.30 34.27 20.63
CA MET A 317 9.07 33.21 19.65
C MET A 317 9.08 33.74 18.21
N ILE A 318 8.56 34.95 18.00
CA ILE A 318 8.59 35.56 16.67
C ILE A 318 10.02 35.83 16.23
N SER A 319 10.79 36.48 17.11
CA SER A 319 12.21 36.76 16.87
C SER A 319 12.99 35.49 16.56
N ASP A 320 12.73 34.43 17.32
CA ASP A 320 13.41 33.15 17.12
C ASP A 320 13.01 32.44 15.83
N ALA A 321 11.79 32.70 15.36
CA ALA A 321 11.28 32.08 14.14
C ALA A 321 11.88 32.66 12.86
N ILE A 322 12.28 33.93 12.92
CA ILE A 322 12.67 34.70 11.73
C ILE A 322 13.84 34.08 10.95
N PRO A 323 14.94 33.71 11.62
CA PRO A 323 16.05 33.10 10.88
C PRO A 323 15.64 31.86 10.08
N GLU A 324 14.87 30.96 10.68
CA GLU A 324 14.41 29.77 9.98
C GLU A 324 13.50 30.12 8.79
N LEU A 325 12.54 31.01 9.01
CA LEU A 325 11.61 31.41 7.94
C LEU A 325 12.36 32.00 6.75
N LYS A 326 13.28 32.93 7.02
CA LYS A 326 14.08 33.55 5.97
C LYS A 326 14.87 32.52 5.18
N ALA A 327 15.41 31.53 5.89
CA ALA A 327 16.18 30.45 5.25
C ALA A 327 15.27 29.58 4.36
N SER A 328 14.09 29.23 4.86
CA SER A 328 13.11 28.46 4.06
C SER A 328 12.61 29.26 2.86
N ILE A 329 12.46 30.57 3.04
CA ILE A 329 12.00 31.44 1.97
C ILE A 329 13.04 31.52 0.84
N LYS A 330 14.27 31.85 1.20
CA LYS A 330 15.36 31.96 0.23
C LYS A 330 15.54 30.64 -0.53
N LYS A 331 15.45 29.53 0.19
CA LYS A 331 15.56 28.19 -0.37
C LYS A 331 14.55 28.00 -1.52
N GLY A 332 13.30 28.40 -1.28
CA GLY A 332 12.26 28.33 -2.30
C GLY A 332 12.53 29.24 -3.48
N GLU A 333 12.94 30.47 -3.19
CA GLU A 333 13.27 31.45 -4.24
C GLU A 333 14.44 30.96 -5.09
N ASP A 334 15.51 30.51 -4.43
CA ASP A 334 16.69 30.02 -5.13
C ASP A 334 16.36 28.87 -6.08
N PHE A 335 15.53 27.94 -5.64
CA PHE A 335 15.09 26.82 -6.47
C PHE A 335 14.53 27.28 -7.81
N VAL A 336 13.70 28.33 -7.79
CA VAL A 336 13.09 28.85 -9.01
C VAL A 336 14.13 29.54 -9.91
N LYS A 337 15.16 30.12 -9.30
CA LYS A 337 16.21 30.81 -10.06
C LYS A 337 17.15 29.83 -10.77
N THR A 338 17.18 28.58 -10.31
CA THR A 338 17.98 27.54 -10.94
C THR A 338 17.25 26.80 -12.09
N LEU A 339 16.14 27.37 -12.57
CA LEU A 339 15.37 26.77 -13.66
C LEU A 339 15.45 27.61 -14.92
N ASN B 26 -24.59 13.76 22.68
CA ASN B 26 -24.66 12.67 23.70
C ASN B 26 -24.34 11.27 23.15
N ALA B 27 -24.43 11.09 21.83
CA ALA B 27 -24.27 9.77 21.22
C ALA B 27 -22.82 9.30 21.21
N LYS B 28 -22.60 8.06 21.65
CA LYS B 28 -21.31 7.40 21.53
C LYS B 28 -21.36 6.41 20.37
N VAL B 29 -20.49 6.61 19.38
CA VAL B 29 -20.48 5.80 18.16
C VAL B 29 -19.14 5.07 17.97
N ALA B 30 -19.22 3.77 17.73
CA ALA B 30 -18.03 2.98 17.42
C ALA B 30 -18.00 2.68 15.93
N VAL B 31 -16.82 2.80 15.33
CA VAL B 31 -16.60 2.40 13.95
C VAL B 31 -15.65 1.21 13.95
N LEU B 32 -16.16 0.04 13.56
CA LEU B 32 -15.35 -1.17 13.51
C LEU B 32 -14.82 -1.33 12.08
N GLY B 33 -13.50 -1.27 11.94
CA GLY B 33 -12.86 -1.19 10.63
C GLY B 33 -12.59 0.27 10.25
N ALA B 34 -12.19 1.06 11.24
CA ALA B 34 -12.05 2.52 11.08
C ALA B 34 -10.90 2.96 10.18
N SER B 35 -9.91 2.10 9.98
CA SER B 35 -8.70 2.47 9.22
C SER B 35 -8.83 2.26 7.71
N GLY B 36 -9.94 1.70 7.25
CA GLY B 36 -10.11 1.37 5.85
C GLY B 36 -10.59 2.50 4.95
N GLY B 37 -10.85 2.17 3.69
CA GLY B 37 -11.29 3.13 2.69
C GLY B 37 -12.60 3.82 3.06
N ILE B 38 -13.54 3.06 3.58
CA ILE B 38 -14.79 3.65 4.07
C ILE B 38 -14.59 4.22 5.46
N GLY B 39 -13.93 3.44 6.31
CA GLY B 39 -13.80 3.75 7.73
C GLY B 39 -13.23 5.13 8.06
N GLN B 40 -12.19 5.54 7.33
CA GLN B 40 -11.52 6.81 7.62
C GLN B 40 -12.40 8.03 7.30
N PRO B 41 -12.90 8.15 6.05
CA PRO B 41 -13.80 9.27 5.76
C PRO B 41 -15.14 9.21 6.51
N LEU B 42 -15.63 8.01 6.80
CA LEU B 42 -16.83 7.87 7.64
C LEU B 42 -16.57 8.45 9.02
N SER B 43 -15.45 8.05 9.62
CA SER B 43 -15.06 8.54 10.93
C SER B 43 -14.85 10.06 10.96
N LEU B 44 -14.32 10.60 9.86
CA LEU B 44 -14.20 12.05 9.66
C LEU B 44 -15.58 12.73 9.71
N LEU B 45 -16.53 12.21 8.96
CA LEU B 45 -17.89 12.79 8.93
C LEU B 45 -18.56 12.71 10.30
N LEU B 46 -18.35 11.61 11.02
CA LEU B 46 -18.90 11.46 12.37
C LEU B 46 -18.26 12.45 13.35
N LYS B 47 -16.93 12.56 13.27
CA LYS B 47 -16.20 13.52 14.10
C LYS B 47 -16.67 14.95 13.88
N ASN B 48 -17.03 15.27 12.64
CA ASN B 48 -17.47 16.62 12.28
C ASN B 48 -18.87 16.97 12.80
N SER B 49 -19.66 15.96 13.17
CA SER B 49 -21.06 16.17 13.54
C SER B 49 -21.26 16.53 15.01
N PRO B 50 -22.14 17.51 15.29
CA PRO B 50 -22.46 17.83 16.68
C PRO B 50 -23.40 16.81 17.34
N LEU B 51 -23.87 15.82 16.58
CA LEU B 51 -24.68 14.73 17.12
C LEU B 51 -23.85 13.68 17.86
N VAL B 52 -22.53 13.69 17.65
CA VAL B 52 -21.63 12.71 18.25
C VAL B 52 -20.78 13.34 19.36
N SER B 53 -20.84 12.77 20.56
CA SER B 53 -20.02 13.25 21.68
C SER B 53 -18.79 12.37 21.94
N ARG B 54 -18.88 11.09 21.61
CA ARG B 54 -17.70 10.23 21.70
C ARG B 54 -17.61 9.28 20.51
N LEU B 55 -16.43 9.23 19.92
CA LEU B 55 -16.15 8.40 18.75
C LEU B 55 -15.05 7.42 19.09
N THR B 56 -15.36 6.13 19.07
CA THR B 56 -14.34 5.10 19.30
C THR B 56 -14.06 4.37 17.99
N LEU B 57 -12.78 4.23 17.68
CA LEU B 57 -12.35 3.67 16.40
C LEU B 57 -11.62 2.35 16.63
N TYR B 58 -12.02 1.33 15.89
CA TYR B 58 -11.42 0.01 16.03
C TYR B 58 -10.95 -0.53 14.69
N ASP B 59 -9.76 -1.12 14.70
CA ASP B 59 -9.25 -1.85 13.56
C ASP B 59 -8.16 -2.80 14.03
N ILE B 60 -7.64 -3.62 13.12
CA ILE B 60 -6.51 -4.50 13.43
C ILE B 60 -5.18 -3.85 13.03
N ALA B 61 -5.25 -2.71 12.34
CA ALA B 61 -4.07 -1.94 11.95
C ALA B 61 -4.38 -0.44 11.84
N HIS B 62 -3.39 0.38 12.20
CA HIS B 62 -3.37 1.85 11.93
C HIS B 62 -4.27 2.75 12.80
N THR B 63 -5.14 2.18 13.63
CA THR B 63 -6.11 2.98 14.40
C THR B 63 -5.52 4.09 15.26
N PRO B 64 -4.38 3.83 15.94
CA PRO B 64 -3.78 4.89 16.76
C PRO B 64 -3.42 6.15 15.97
N GLY B 65 -2.94 5.97 14.74
CA GLY B 65 -2.62 7.08 13.84
C GLY B 65 -3.86 7.78 13.33
N VAL B 66 -4.88 7.01 12.96
CA VAL B 66 -6.14 7.57 12.47
C VAL B 66 -6.84 8.39 13.56
N ALA B 67 -6.80 7.88 14.80
CA ALA B 67 -7.41 8.54 15.94
C ALA B 67 -6.66 9.80 16.34
N ALA B 68 -5.33 9.72 16.38
CA ALA B 68 -4.50 10.91 16.64
C ALA B 68 -4.87 12.03 15.66
N ASP B 69 -4.87 11.68 14.38
CA ASP B 69 -5.23 12.59 13.28
C ASP B 69 -6.59 13.26 13.53
N LEU B 70 -7.63 12.44 13.68
CA LEU B 70 -8.99 12.94 13.89
C LEU B 70 -9.16 13.73 15.19
N SER B 71 -8.39 13.38 16.23
CA SER B 71 -8.52 14.04 17.54
C SER B 71 -8.13 15.51 17.53
N HIS B 72 -7.41 15.95 16.50
CA HIS B 72 -7.00 17.34 16.38
C HIS B 72 -8.10 18.26 15.82
N ILE B 73 -9.20 17.68 15.35
CA ILE B 73 -10.29 18.47 14.76
C ILE B 73 -11.12 19.18 15.83
N GLU B 74 -11.40 20.44 15.54
CA GLU B 74 -12.01 21.39 16.48
C GLU B 74 -13.52 21.21 16.74
N THR B 75 -13.94 19.95 16.96
CA THR B 75 -15.33 19.65 17.31
C THR B 75 -15.35 18.93 18.64
N LYS B 76 -16.53 18.81 19.24
CA LYS B 76 -16.62 18.32 20.63
C LYS B 76 -16.42 16.80 20.79
N ALA B 77 -16.60 16.02 19.74
CA ALA B 77 -16.50 14.55 19.85
C ALA B 77 -15.12 14.10 20.34
N ALA B 78 -15.07 13.45 21.50
CA ALA B 78 -13.82 12.87 22.01
C ALA B 78 -13.50 11.60 21.21
N VAL B 79 -12.30 11.55 20.63
CA VAL B 79 -11.90 10.47 19.73
C VAL B 79 -10.87 9.57 20.42
N LYS B 80 -11.06 8.26 20.32
CA LYS B 80 -10.08 7.29 20.79
C LYS B 80 -9.93 6.09 19.86
N GLY B 81 -8.68 5.65 19.68
CA GLY B 81 -8.35 4.56 18.79
C GLY B 81 -8.02 3.30 19.57
N TYR B 82 -8.46 2.16 19.04
CA TYR B 82 -8.26 0.86 19.67
C TYR B 82 -7.72 -0.10 18.61
N LEU B 83 -6.78 -0.96 19.01
CA LEU B 83 -6.03 -1.78 18.08
C LEU B 83 -5.99 -3.24 18.53
N GLY B 84 -6.55 -4.13 17.70
CA GLY B 84 -6.55 -5.56 17.98
C GLY B 84 -7.62 -6.00 18.97
N PRO B 85 -8.01 -7.29 18.93
CA PRO B 85 -9.13 -7.83 19.74
C PRO B 85 -9.03 -7.63 21.24
N GLU B 86 -7.81 -7.43 21.75
CA GLU B 86 -7.59 -7.18 23.19
C GLU B 86 -8.26 -5.87 23.63
N GLN B 87 -8.30 -4.89 22.74
CA GLN B 87 -8.84 -3.56 23.03
C GLN B 87 -10.25 -3.34 22.49
N LEU B 88 -10.84 -4.37 21.89
CA LEU B 88 -12.19 -4.27 21.34
C LEU B 88 -13.27 -4.06 22.42
N PRO B 89 -13.19 -4.77 23.55
CA PRO B 89 -14.18 -4.55 24.62
C PRO B 89 -14.19 -3.12 25.18
N ASP B 90 -13.02 -2.51 25.27
CA ASP B 90 -12.88 -1.13 25.75
C ASP B 90 -13.45 -0.14 24.73
N CYS B 91 -13.39 -0.52 23.46
CA CYS B 91 -13.94 0.27 22.37
C CYS B 91 -15.47 0.29 22.39
N LEU B 92 -16.07 -0.86 22.70
CA LEU B 92 -17.52 -1.05 22.61
C LEU B 92 -18.30 -0.64 23.86
N LYS B 93 -17.62 -0.53 25.00
CA LYS B 93 -18.28 -0.24 26.27
C LYS B 93 -19.08 1.07 26.21
N GLY B 94 -20.38 0.97 26.49
CA GLY B 94 -21.26 2.14 26.57
C GLY B 94 -21.68 2.73 25.23
N CYS B 95 -21.50 2.00 24.14
CA CYS B 95 -21.82 2.52 22.81
C CYS B 95 -23.33 2.58 22.57
N ASP B 96 -23.75 3.64 21.89
CA ASP B 96 -25.14 3.81 21.48
C ASP B 96 -25.33 3.27 20.06
N VAL B 97 -24.31 3.44 19.22
CA VAL B 97 -24.35 2.97 17.84
C VAL B 97 -23.01 2.33 17.47
N VAL B 98 -23.07 1.26 16.69
CA VAL B 98 -21.86 0.61 16.18
C VAL B 98 -22.04 0.46 14.69
N VAL B 99 -21.11 1.03 13.92
CA VAL B 99 -21.12 0.92 12.46
C VAL B 99 -19.95 0.04 12.04
N ILE B 100 -20.21 -0.85 11.09
CA ILE B 100 -19.27 -1.92 10.78
C ILE B 100 -18.98 -1.98 9.29
N PRO B 101 -18.03 -1.14 8.82
CA PRO B 101 -17.45 -1.31 7.50
C PRO B 101 -16.31 -2.34 7.47
N ALA B 102 -15.93 -2.88 8.63
CA ALA B 102 -14.86 -3.88 8.68
C ALA B 102 -15.13 -5.05 7.73
N GLY B 103 -14.19 -5.29 6.82
CA GLY B 103 -14.35 -6.33 5.81
C GLY B 103 -13.36 -6.13 4.68
N VAL B 104 -13.58 -6.86 3.59
CA VAL B 104 -12.70 -6.80 2.43
C VAL B 104 -13.56 -6.40 1.22
N PRO B 105 -13.05 -5.48 0.37
CA PRO B 105 -13.83 -5.00 -0.77
C PRO B 105 -13.65 -5.82 -2.04
N ARG B 106 -14.46 -5.51 -3.04
CA ARG B 106 -14.47 -6.20 -4.31
C ARG B 106 -13.36 -5.76 -5.26
N LYS B 107 -12.87 -6.72 -6.05
CA LYS B 107 -12.07 -6.43 -7.23
C LYS B 107 -12.97 -6.52 -8.47
N PRO B 108 -12.55 -5.89 -9.58
CA PRO B 108 -13.33 -5.97 -10.83
C PRO B 108 -13.64 -7.41 -11.24
N GLY B 109 -14.89 -7.65 -11.63
CA GLY B 109 -15.35 -8.99 -11.99
C GLY B 109 -16.14 -9.68 -10.88
N MET B 110 -15.75 -9.46 -9.63
CA MET B 110 -16.39 -10.13 -8.50
C MET B 110 -17.81 -9.64 -8.23
N THR B 111 -18.61 -10.50 -7.61
CA THR B 111 -19.90 -10.12 -7.04
C THR B 111 -19.66 -9.85 -5.56
N ARG B 112 -20.61 -9.19 -4.91
CA ARG B 112 -20.53 -8.97 -3.46
C ARG B 112 -20.53 -10.30 -2.72
N ASP B 113 -21.21 -11.30 -3.29
CA ASP B 113 -21.25 -12.65 -2.72
C ASP B 113 -19.86 -13.29 -2.64
N ASP B 114 -19.00 -13.02 -3.62
CA ASP B 114 -17.64 -13.56 -3.63
C ASP B 114 -16.84 -13.20 -2.37
N LEU B 115 -17.27 -12.15 -1.68
CA LEU B 115 -16.63 -11.71 -0.43
C LEU B 115 -17.09 -12.49 0.81
N PHE B 116 -18.08 -13.36 0.66
CA PHE B 116 -18.70 -14.04 1.80
C PHE B 116 -17.70 -14.72 2.75
N ASN B 117 -16.78 -15.50 2.19
CA ASN B 117 -15.91 -16.36 3.00
C ASN B 117 -14.93 -15.62 3.90
N THR B 118 -14.64 -14.36 3.59
CA THR B 118 -13.82 -13.51 4.45
C THR B 118 -14.70 -12.73 5.42
N ASN B 119 -15.68 -12.02 4.88
CA ASN B 119 -16.49 -11.08 5.66
C ASN B 119 -17.50 -11.73 6.62
N ALA B 120 -18.00 -12.91 6.27
CA ALA B 120 -18.89 -13.65 7.17
C ALA B 120 -18.24 -13.82 8.53
N THR B 121 -17.00 -14.31 8.53
CA THR B 121 -16.24 -14.53 9.76
C THR B 121 -15.94 -13.21 10.48
N ILE B 122 -15.59 -12.18 9.71
CA ILE B 122 -15.33 -10.86 10.29
C ILE B 122 -16.59 -10.32 10.98
N VAL B 123 -17.72 -10.32 10.27
CA VAL B 123 -18.98 -9.82 10.84
C VAL B 123 -19.42 -10.66 12.05
N ALA B 124 -19.30 -11.98 11.96
CA ALA B 124 -19.65 -12.87 13.07
C ALA B 124 -18.80 -12.59 14.31
N THR B 125 -17.51 -12.33 14.11
CA THR B 125 -16.60 -12.05 15.21
C THR B 125 -16.88 -10.70 15.89
N LEU B 126 -17.06 -9.67 15.06
CA LEU B 126 -17.25 -8.31 15.58
C LEU B 126 -18.63 -8.14 16.23
N THR B 127 -19.66 -8.69 15.60
CA THR B 127 -21.01 -8.62 16.17
C THR B 127 -21.14 -9.48 17.44
N ALA B 128 -20.36 -10.55 17.54
CA ALA B 128 -20.29 -11.33 18.78
C ALA B 128 -19.77 -10.48 19.92
N ALA B 129 -18.75 -9.67 19.63
CA ALA B 129 -18.22 -8.74 20.63
C ALA B 129 -19.26 -7.67 21.00
N CYS B 130 -20.04 -7.25 20.02
CA CYS B 130 -21.12 -6.27 20.25
C CYS B 130 -22.21 -6.84 21.16
N ALA B 131 -22.63 -8.07 20.89
CA ALA B 131 -23.63 -8.75 21.71
C ALA B 131 -23.16 -8.91 23.15
N GLN B 132 -21.86 -9.12 23.34
CA GLN B 132 -21.28 -9.28 24.68
C GLN B 132 -21.07 -7.96 25.42
N HIS B 133 -20.66 -6.92 24.70
CA HIS B 133 -20.16 -5.70 25.36
C HIS B 133 -21.03 -4.44 25.20
N CYS B 134 -21.86 -4.39 24.16
CA CYS B 134 -22.84 -3.31 24.01
C CYS B 134 -24.11 -3.85 23.33
N PRO B 135 -24.76 -4.83 23.97
CA PRO B 135 -25.93 -5.50 23.38
C PRO B 135 -27.11 -4.58 23.07
N GLU B 136 -27.20 -3.43 23.75
CA GLU B 136 -28.27 -2.45 23.53
C GLU B 136 -27.99 -1.42 22.43
N ALA B 137 -26.78 -1.44 21.86
CA ALA B 137 -26.43 -0.48 20.80
C ALA B 137 -27.16 -0.76 19.50
N MET B 138 -27.32 0.27 18.68
CA MET B 138 -27.81 0.08 17.31
C MET B 138 -26.65 -0.47 16.48
N ILE B 139 -26.89 -1.56 15.75
CA ILE B 139 -25.83 -2.20 14.97
C ILE B 139 -26.06 -1.96 13.48
N CYS B 140 -25.14 -1.21 12.87
CA CYS B 140 -25.26 -0.81 11.47
C CYS B 140 -24.19 -1.52 10.66
N VAL B 141 -24.60 -2.49 9.84
CA VAL B 141 -23.68 -3.32 9.10
C VAL B 141 -23.51 -2.79 7.68
N ILE B 142 -22.29 -2.39 7.37
CA ILE B 142 -21.92 -1.96 6.02
C ILE B 142 -21.26 -3.13 5.28
N ALA B 143 -20.50 -3.95 5.99
CA ALA B 143 -19.75 -5.06 5.39
C ALA B 143 -20.59 -5.95 4.48
N ASN B 144 -20.07 -6.23 3.29
CA ASN B 144 -20.78 -7.04 2.28
C ASN B 144 -20.46 -8.53 2.37
N PRO B 145 -21.34 -9.39 1.80
CA PRO B 145 -22.61 -9.06 1.16
C PRO B 145 -23.70 -8.80 2.22
N VAL B 146 -24.31 -7.62 2.18
CA VAL B 146 -25.28 -7.21 3.18
C VAL B 146 -26.45 -8.20 3.32
N ASN B 147 -26.87 -8.77 2.19
CA ASN B 147 -28.00 -9.70 2.18
C ASN B 147 -27.77 -10.94 3.06
N SER B 148 -26.51 -11.29 3.30
CA SER B 148 -26.16 -12.41 4.17
C SER B 148 -25.57 -12.00 5.53
N THR B 149 -24.91 -10.83 5.59
CA THR B 149 -24.24 -10.41 6.85
C THR B 149 -25.22 -9.92 7.92
N ILE B 150 -26.40 -9.47 7.51
CA ILE B 150 -27.45 -9.13 8.47
C ILE B 150 -28.02 -10.40 9.10
N PRO B 151 -28.39 -11.40 8.27
CA PRO B 151 -28.73 -12.70 8.85
C PRO B 151 -27.70 -13.25 9.82
N ILE B 152 -26.41 -13.11 9.51
CA ILE B 152 -25.35 -13.55 10.41
C ILE B 152 -25.39 -12.76 11.72
N THR B 153 -25.54 -11.44 11.60
CA THR B 153 -25.54 -10.57 12.79
C THR B 153 -26.68 -10.95 13.74
N ALA B 154 -27.88 -11.14 13.19
CA ALA B 154 -29.05 -11.51 13.98
C ALA B 154 -28.89 -12.85 14.71
N GLU B 155 -28.37 -13.85 14.01
CA GLU B 155 -28.15 -15.17 14.61
C GLU B 155 -27.09 -15.15 15.72
N VAL B 156 -26.05 -14.33 15.53
CA VAL B 156 -25.01 -14.16 16.56
C VAL B 156 -25.61 -13.51 17.82
N PHE B 157 -26.49 -12.53 17.62
CA PHE B 157 -27.19 -11.90 18.74
C PHE B 157 -28.15 -12.88 19.43
N LYS B 158 -28.83 -13.72 18.65
CA LYS B 158 -29.69 -14.78 19.20
C LYS B 158 -28.89 -15.73 20.08
N LYS B 159 -27.77 -16.22 19.55
CA LYS B 159 -26.87 -17.12 20.29
C LYS B 159 -26.42 -16.53 21.63
N HIS B 160 -26.26 -15.21 21.69
CA HIS B 160 -25.87 -14.54 22.93
C HIS B 160 -27.06 -14.15 23.81
N GLY B 161 -28.28 -14.33 23.29
CA GLY B 161 -29.50 -14.10 24.07
C GLY B 161 -29.90 -12.65 24.22
N VAL B 162 -29.51 -11.81 23.26
CA VAL B 162 -29.79 -10.36 23.32
C VAL B 162 -30.35 -9.84 22.00
N TYR B 163 -31.00 -10.71 21.24
CA TYR B 163 -31.51 -10.35 19.92
C TYR B 163 -32.67 -9.35 19.99
N ASN B 164 -32.42 -8.12 19.55
CA ASN B 164 -33.46 -7.12 19.37
C ASN B 164 -33.52 -6.69 17.89
N PRO B 165 -34.50 -7.22 17.13
CA PRO B 165 -34.57 -6.94 15.69
C PRO B 165 -34.86 -5.48 15.32
N ASN B 166 -35.26 -4.66 16.28
CA ASN B 166 -35.45 -3.24 16.04
C ASN B 166 -34.14 -2.43 16.03
N LYS B 167 -33.02 -3.07 16.34
CA LYS B 167 -31.73 -2.39 16.49
C LYS B 167 -30.61 -2.88 15.53
N ILE B 168 -30.97 -3.72 14.56
CA ILE B 168 -29.98 -4.29 13.63
C ILE B 168 -30.30 -3.86 12.20
N PHE B 169 -29.38 -3.12 11.59
CA PHE B 169 -29.63 -2.47 10.30
C PHE B 169 -28.59 -2.83 9.25
N GLY B 170 -29.07 -3.29 8.10
CA GLY B 170 -28.23 -3.41 6.91
C GLY B 170 -28.25 -2.09 6.18
N VAL B 171 -27.09 -1.45 6.07
CA VAL B 171 -27.01 -0.11 5.48
C VAL B 171 -27.08 -0.20 3.95
N THR B 172 -28.23 0.18 3.41
CA THR B 172 -28.47 0.21 1.97
C THR B 172 -28.62 1.65 1.48
N THR B 173 -28.31 2.61 2.37
CA THR B 173 -28.55 4.02 2.10
C THR B 173 -27.91 4.50 0.81
N LEU B 174 -26.77 3.94 0.44
CA LEU B 174 -26.08 4.33 -0.80
C LEU B 174 -26.93 4.10 -2.06
N ASP B 175 -27.79 3.07 -2.04
CA ASP B 175 -28.71 2.83 -3.16
C ASP B 175 -29.70 3.97 -3.32
N ILE B 176 -30.22 4.46 -2.20
CA ILE B 176 -31.17 5.58 -2.22
C ILE B 176 -30.45 6.83 -2.70
N VAL B 177 -29.26 7.06 -2.17
CA VAL B 177 -28.44 8.22 -2.52
C VAL B 177 -28.13 8.24 -4.02
N ARG B 178 -27.78 7.08 -4.58
CA ARG B 178 -27.54 6.95 -6.02
C ARG B 178 -28.77 7.24 -6.85
N ALA B 179 -29.90 6.64 -6.44
CA ALA B 179 -31.17 6.80 -7.14
C ALA B 179 -31.56 8.27 -7.20
N ASN B 180 -31.41 8.96 -6.08
CA ASN B 180 -31.69 10.40 -6.02
C ASN B 180 -30.82 11.18 -7.00
N THR B 181 -29.53 10.85 -7.02
CA THR B 181 -28.57 11.53 -7.89
C THR B 181 -28.91 11.32 -9.35
N PHE B 182 -29.13 10.07 -9.74
CA PHE B 182 -29.38 9.73 -11.14
C PHE B 182 -30.72 10.27 -11.66
N VAL B 183 -31.76 10.21 -10.83
CA VAL B 183 -33.05 10.80 -11.20
C VAL B 183 -32.92 12.31 -11.36
N ALA B 184 -32.18 12.96 -10.44
CA ALA B 184 -31.96 14.40 -10.49
C ALA B 184 -31.18 14.81 -11.74
N GLU B 185 -30.15 14.03 -12.10
CA GLU B 185 -29.36 14.29 -13.31
C GLU B 185 -30.25 14.34 -14.56
N LEU B 186 -31.05 13.29 -14.74
CA LEU B 186 -31.89 13.16 -15.94
C LEU B 186 -32.97 14.24 -16.04
N LYS B 187 -33.48 14.69 -14.90
CA LYS B 187 -34.56 15.69 -14.87
C LYS B 187 -34.08 17.11 -14.53
N GLY B 188 -32.78 17.28 -14.35
CA GLY B 188 -32.20 18.59 -14.04
C GLY B 188 -32.69 19.19 -12.74
N LEU B 189 -32.90 18.34 -11.74
CA LEU B 189 -33.33 18.79 -10.42
C LEU B 189 -32.15 18.91 -9.45
N ASP B 190 -32.35 19.62 -8.36
CA ASP B 190 -31.41 19.61 -7.24
C ASP B 190 -31.55 18.25 -6.55
N PRO B 191 -30.45 17.47 -6.48
CA PRO B 191 -30.51 16.15 -5.83
C PRO B 191 -31.02 16.17 -4.38
N ALA B 192 -30.79 17.27 -3.67
CA ALA B 192 -31.25 17.44 -2.29
C ALA B 192 -32.79 17.48 -2.20
N ARG B 193 -33.44 17.81 -3.31
CA ARG B 193 -34.89 17.88 -3.38
C ARG B 193 -35.52 16.52 -3.73
N VAL B 194 -34.71 15.52 -4.05
CA VAL B 194 -35.20 14.25 -4.59
C VAL B 194 -35.13 13.11 -3.57
N ASN B 195 -36.19 12.30 -3.52
CA ASN B 195 -36.23 11.10 -2.67
C ASN B 195 -36.83 9.91 -3.40
N VAL B 196 -36.01 8.88 -3.61
CA VAL B 196 -36.44 7.65 -4.26
C VAL B 196 -36.34 6.50 -3.26
N PRO B 197 -37.50 5.93 -2.87
CA PRO B 197 -37.45 4.71 -2.06
C PRO B 197 -36.83 3.55 -2.85
N VAL B 198 -35.89 2.85 -2.22
CA VAL B 198 -35.32 1.64 -2.81
C VAL B 198 -35.55 0.50 -1.82
N ILE B 199 -36.08 -0.61 -2.32
CA ILE B 199 -36.45 -1.73 -1.47
C ILE B 199 -35.75 -3.02 -1.91
N GLY B 200 -35.96 -4.09 -1.15
CA GLY B 200 -35.38 -5.40 -1.44
C GLY B 200 -34.13 -5.68 -0.62
N GLY B 201 -32.99 -5.73 -1.30
CA GLY B 201 -31.70 -5.93 -0.66
C GLY B 201 -30.61 -5.14 -1.38
N HIS B 202 -29.37 -5.49 -1.10
CA HIS B 202 -28.22 -4.76 -1.66
C HIS B 202 -27.31 -5.70 -2.47
N ALA B 203 -27.80 -6.08 -3.64
CA ALA B 203 -27.03 -6.88 -4.59
C ALA B 203 -27.81 -7.02 -5.90
N GLY B 204 -27.23 -6.52 -6.99
CA GLY B 204 -27.79 -6.68 -8.33
C GLY B 204 -29.28 -6.49 -8.44
N LYS B 205 -29.98 -7.55 -8.79
CA LYS B 205 -31.43 -7.51 -9.02
C LYS B 205 -32.25 -7.34 -7.74
N THR B 206 -31.65 -7.60 -6.58
CA THR B 206 -32.35 -7.40 -5.31
C THR B 206 -32.49 -5.92 -4.96
N ILE B 207 -31.79 -5.03 -5.70
CA ILE B 207 -31.93 -3.59 -5.53
C ILE B 207 -33.09 -3.09 -6.38
N ILE B 208 -34.18 -2.71 -5.73
CA ILE B 208 -35.42 -2.35 -6.43
C ILE B 208 -35.80 -0.90 -6.17
N PRO B 209 -35.43 0.01 -7.07
CA PRO B 209 -35.82 1.42 -6.92
C PRO B 209 -37.28 1.67 -7.30
N LEU B 210 -38.08 2.14 -6.34
CA LEU B 210 -39.49 2.44 -6.60
C LEU B 210 -39.63 3.84 -7.17
N ILE B 211 -39.37 3.96 -8.47
CA ILE B 211 -39.44 5.24 -9.17
C ILE B 211 -40.88 5.78 -9.19
N SER B 212 -41.86 4.88 -9.16
CA SER B 212 -43.27 5.28 -9.07
C SER B 212 -43.55 6.10 -7.81
N GLN B 213 -42.80 5.83 -6.74
CA GLN B 213 -42.97 6.53 -5.46
C GLN B 213 -42.01 7.70 -5.26
N CYS B 214 -41.31 8.11 -6.32
CA CYS B 214 -40.33 9.18 -6.21
C CYS B 214 -40.99 10.53 -5.94
N THR B 215 -40.40 11.33 -5.05
CA THR B 215 -40.81 12.72 -4.85
C THR B 215 -39.65 13.64 -5.24
N PRO B 216 -39.90 14.60 -6.15
CA PRO B 216 -41.16 14.87 -6.84
C PRO B 216 -41.53 13.79 -7.86
N LYS B 217 -42.78 13.81 -8.29
CA LYS B 217 -43.28 12.91 -9.31
C LYS B 217 -42.46 13.10 -10.59
N VAL B 218 -41.96 12.00 -11.15
CA VAL B 218 -41.22 12.04 -12.40
C VAL B 218 -41.79 10.98 -13.35
N ASP B 219 -41.79 11.30 -14.65
CA ASP B 219 -42.25 10.35 -15.67
C ASP B 219 -41.11 10.04 -16.62
N PHE B 220 -40.84 8.76 -16.82
CA PHE B 220 -39.87 8.29 -17.81
C PHE B 220 -40.55 7.31 -18.76
N PRO B 221 -40.15 7.30 -20.04
CA PRO B 221 -40.51 6.19 -20.92
C PRO B 221 -39.94 4.88 -20.40
N GLN B 222 -40.57 3.76 -20.75
CA GLN B 222 -40.20 2.45 -20.21
C GLN B 222 -38.73 2.08 -20.51
N ASP B 223 -38.21 2.51 -21.65
CA ASP B 223 -36.82 2.19 -22.01
C ASP B 223 -35.81 2.97 -21.16
N GLN B 224 -36.10 4.25 -20.89
CA GLN B 224 -35.29 5.06 -19.99
C GLN B 224 -35.34 4.51 -18.57
N LEU B 225 -36.56 4.19 -18.12
CA LEU B 225 -36.79 3.65 -16.78
C LEU B 225 -36.01 2.36 -16.57
N THR B 226 -35.94 1.52 -17.61
CA THR B 226 -35.19 0.26 -17.55
C THR B 226 -33.69 0.49 -17.42
N ALA B 227 -33.16 1.44 -18.19
CA ALA B 227 -31.74 1.78 -18.13
C ALA B 227 -31.38 2.44 -16.80
N LEU B 228 -32.23 3.38 -16.37
CA LEU B 228 -32.09 4.02 -15.06
C LEU B 228 -32.09 2.98 -13.93
N THR B 229 -33.04 2.06 -13.99
CA THR B 229 -33.15 1.00 -13.00
C THR B 229 -31.86 0.16 -12.97
N GLY B 230 -31.37 -0.21 -14.15
CA GLY B 230 -30.13 -0.98 -14.27
C GLY B 230 -28.92 -0.19 -13.82
N ARG B 231 -28.90 1.11 -14.11
CA ARG B 231 -27.81 1.98 -13.69
C ARG B 231 -27.72 1.99 -12.15
N ILE B 232 -28.87 2.10 -11.49
CA ILE B 232 -28.92 2.07 -10.02
C ILE B 232 -28.47 0.71 -9.49
N GLN B 233 -28.95 -0.35 -10.12
CA GLN B 233 -28.66 -1.71 -9.68
C GLN B 233 -27.17 -2.09 -9.76
N GLU B 234 -26.48 -1.60 -10.77
CA GLU B 234 -25.10 -2.00 -11.02
C GLU B 234 -24.11 -0.86 -10.72
N ALA B 235 -24.58 0.18 -10.04
CA ALA B 235 -23.75 1.35 -9.73
C ALA B 235 -22.49 1.03 -8.93
N GLY B 236 -22.59 0.09 -7.99
CA GLY B 236 -21.44 -0.38 -7.22
C GLY B 236 -20.38 -1.01 -8.11
N THR B 237 -20.83 -1.82 -9.06
CA THR B 237 -19.94 -2.46 -10.02
C THR B 237 -19.31 -1.43 -10.95
N GLU B 238 -20.09 -0.42 -11.33
CA GLU B 238 -19.61 0.69 -12.15
C GLU B 238 -18.44 1.43 -11.51
N VAL B 239 -18.51 1.64 -10.19
CA VAL B 239 -17.41 2.28 -9.44
C VAL B 239 -16.21 1.33 -9.31
N VAL B 240 -16.47 0.06 -9.03
CA VAL B 240 -15.42 -0.96 -8.98
C VAL B 240 -14.63 -0.99 -10.30
N LYS B 241 -15.34 -0.98 -11.42
CA LYS B 241 -14.69 -0.92 -12.74
C LYS B 241 -13.85 0.34 -12.88
N ALA B 242 -14.43 1.48 -12.51
CA ALA B 242 -13.77 2.77 -12.64
C ALA B 242 -12.48 2.84 -11.83
N LYS B 243 -12.45 2.17 -10.69
CA LYS B 243 -11.26 2.14 -9.83
C LYS B 243 -10.22 1.10 -10.29
N ALA B 244 -10.63 0.17 -11.14
CA ALA B 244 -9.71 -0.76 -11.82
C ALA B 244 -8.77 -1.51 -10.88
N GLY B 245 -9.30 -2.01 -9.77
CA GLY B 245 -8.51 -2.80 -8.83
C GLY B 245 -8.10 -2.04 -7.58
N ALA B 246 -8.40 -0.74 -7.54
CA ALA B 246 -8.06 0.09 -6.39
C ALA B 246 -9.24 0.20 -5.40
N GLY B 247 -10.03 -0.87 -5.29
CA GLY B 247 -11.12 -0.92 -4.32
C GLY B 247 -12.49 -0.56 -4.89
N SER B 248 -13.44 -0.33 -3.99
CA SER B 248 -14.82 -0.04 -4.35
C SER B 248 -15.22 1.32 -3.76
N ALA B 249 -16.49 1.69 -3.91
CA ALA B 249 -17.01 2.97 -3.45
C ALA B 249 -16.68 3.19 -1.97
N THR B 250 -15.96 4.26 -1.67
CA THR B 250 -15.54 4.56 -0.30
C THR B 250 -16.11 5.89 0.19
N LEU B 251 -15.92 6.94 -0.62
CA LEU B 251 -16.29 8.30 -0.22
C LEU B 251 -17.81 8.50 -0.22
N SER B 252 -18.48 8.00 -1.26
CA SER B 252 -19.94 8.03 -1.33
C SER B 252 -20.56 7.12 -0.25
N MET B 253 -19.85 6.05 0.09
CA MET B 253 -20.31 5.16 1.16
C MET B 253 -20.10 5.78 2.54
N ALA B 254 -19.04 6.56 2.70
CA ALA B 254 -18.86 7.33 3.93
C ALA B 254 -20.03 8.30 4.09
N TYR B 255 -20.36 9.01 3.02
CA TYR B 255 -21.51 9.91 3.02
C TYR B 255 -22.80 9.21 3.42
N ALA B 256 -23.11 8.11 2.73
CA ALA B 256 -24.36 7.39 2.97
C ALA B 256 -24.44 6.78 4.37
N GLY B 257 -23.32 6.22 4.85
CA GLY B 257 -23.25 5.66 6.19
C GLY B 257 -23.42 6.73 7.26
N ALA B 258 -22.75 7.87 7.09
CA ALA B 258 -22.93 9.02 7.97
C ALA B 258 -24.39 9.47 7.96
N ARG B 259 -24.97 9.59 6.76
CA ARG B 259 -26.38 9.96 6.63
C ARG B 259 -27.27 9.02 7.46
N PHE B 260 -27.07 7.72 7.33
CA PHE B 260 -27.92 6.76 8.05
C PHE B 260 -27.72 6.86 9.56
N VAL B 261 -26.47 6.98 10.00
CA VAL B 261 -26.17 7.12 11.42
C VAL B 261 -26.78 8.41 11.97
N PHE B 262 -26.67 9.51 11.24
CA PHE B 262 -27.27 10.78 11.67
C PHE B 262 -28.79 10.70 11.78
N SER B 263 -29.43 10.05 10.81
CA SER B 263 -30.87 9.84 10.84
C SER B 263 -31.25 9.07 12.11
N LEU B 264 -30.52 7.98 12.34
CA LEU B 264 -30.72 7.13 13.50
C LEU B 264 -30.53 7.89 14.82
N VAL B 265 -29.42 8.64 14.91
CA VAL B 265 -29.13 9.39 16.14
C VAL B 265 -30.17 10.49 16.41
N ASP B 266 -30.57 11.22 15.38
CA ASP B 266 -31.65 12.22 15.52
C ASP B 266 -32.93 11.57 16.02
N ALA B 267 -33.30 10.44 15.41
CA ALA B 267 -34.47 9.67 15.82
C ALA B 267 -34.37 9.22 17.28
N MET B 268 -33.18 8.79 17.69
CA MET B 268 -32.93 8.41 19.09
C MET B 268 -33.06 9.60 20.04
N ASN B 269 -32.84 10.81 19.51
CA ASN B 269 -33.01 12.03 20.29
C ASN B 269 -34.43 12.62 20.25
N GLY B 270 -35.36 11.89 19.63
CA GLY B 270 -36.77 12.25 19.66
C GLY B 270 -37.29 13.04 18.47
N LYS B 271 -36.46 13.23 17.45
CA LYS B 271 -36.94 13.84 16.22
C LYS B 271 -37.99 12.95 15.57
N GLU B 272 -39.08 13.56 15.13
CA GLU B 272 -40.22 12.84 14.55
C GLU B 272 -40.12 12.75 13.03
N GLY B 273 -40.73 11.71 12.46
CA GLY B 273 -40.84 11.57 11.02
C GLY B 273 -39.55 11.27 10.29
N VAL B 274 -38.58 10.69 10.99
CA VAL B 274 -37.33 10.26 10.37
C VAL B 274 -37.56 8.92 9.69
N VAL B 275 -37.44 8.93 8.36
CA VAL B 275 -37.68 7.74 7.54
C VAL B 275 -36.43 7.39 6.75
N GLU B 276 -35.96 6.14 6.89
CA GLU B 276 -34.87 5.61 6.07
C GLU B 276 -35.14 4.17 5.68
N CYS B 277 -34.78 3.82 4.44
CA CYS B 277 -34.81 2.42 4.00
C CYS B 277 -33.61 1.69 4.60
N SER B 278 -33.81 0.45 5.02
CA SER B 278 -32.72 -0.38 5.53
C SER B 278 -33.08 -1.87 5.51
N PHE B 279 -32.08 -2.71 5.26
CA PHE B 279 -32.25 -4.17 5.22
C PHE B 279 -32.34 -4.69 6.65
N VAL B 280 -33.55 -5.12 7.04
CA VAL B 280 -33.83 -5.49 8.43
C VAL B 280 -34.70 -6.75 8.51
N LYS B 281 -34.80 -7.32 9.72
CA LYS B 281 -35.76 -8.38 9.98
C LYS B 281 -37.12 -7.88 9.51
N SER B 282 -37.76 -8.65 8.64
CA SER B 282 -38.97 -8.20 7.97
C SER B 282 -40.00 -9.32 7.86
N GLN B 283 -41.26 -8.95 8.02
CA GLN B 283 -42.40 -9.83 7.78
C GLN B 283 -43.24 -9.28 6.64
N GLU B 284 -42.67 -8.34 5.87
CA GLU B 284 -43.39 -7.68 4.77
C GLU B 284 -43.54 -8.62 3.59
N THR B 285 -42.62 -9.58 3.47
CA THR B 285 -42.61 -10.52 2.35
C THR B 285 -42.31 -11.93 2.85
N GLU B 286 -42.21 -12.87 1.91
CA GLU B 286 -41.78 -14.24 2.19
C GLU B 286 -40.40 -14.25 2.88
N CYS B 287 -39.54 -13.30 2.49
CA CYS B 287 -38.18 -13.21 3.01
C CYS B 287 -38.14 -12.82 4.49
N THR B 288 -37.27 -13.49 5.24
CA THR B 288 -37.10 -13.22 6.67
C THR B 288 -36.46 -11.84 6.90
N TYR B 289 -35.67 -11.39 5.92
CA TYR B 289 -35.07 -10.05 5.95
C TYR B 289 -35.35 -9.37 4.64
N PHE B 290 -35.59 -8.06 4.70
CA PHE B 290 -36.03 -7.29 3.54
C PHE B 290 -35.87 -5.80 3.84
N SER B 291 -35.59 -5.02 2.81
CA SER B 291 -35.41 -3.58 2.98
C SER B 291 -36.66 -2.82 2.53
N THR B 292 -37.17 -1.99 3.42
CA THR B 292 -38.29 -1.09 3.11
C THR B 292 -38.04 0.20 3.90
N PRO B 293 -38.79 1.27 3.57
CA PRO B 293 -38.74 2.48 4.38
C PRO B 293 -39.16 2.21 5.83
N LEU B 294 -38.39 2.73 6.78
CA LEU B 294 -38.64 2.50 8.20
C LEU B 294 -38.76 3.82 8.93
N LEU B 295 -39.80 3.97 9.75
CA LEU B 295 -39.88 5.10 10.65
C LEU B 295 -38.94 4.77 11.81
N LEU B 296 -37.89 5.57 11.95
CA LEU B 296 -36.94 5.36 13.03
C LEU B 296 -37.40 6.12 14.26
N GLY B 297 -36.90 5.70 15.43
CA GLY B 297 -37.28 6.32 16.69
C GLY B 297 -36.37 5.88 17.82
N LYS B 298 -36.83 6.08 19.05
CA LYS B 298 -35.99 5.82 20.22
C LYS B 298 -35.71 4.34 20.44
N LYS B 299 -36.60 3.47 19.95
CA LYS B 299 -36.36 2.03 20.03
C LYS B 299 -35.59 1.49 18.83
N GLY B 300 -35.17 2.38 17.93
CA GLY B 300 -34.58 1.97 16.66
C GLY B 300 -35.66 2.01 15.60
N ILE B 301 -36.11 0.84 15.16
CA ILE B 301 -37.22 0.76 14.21
C ILE B 301 -38.53 1.00 14.97
N GLU B 302 -39.16 2.14 14.70
CA GLU B 302 -40.44 2.46 15.32
C GLU B 302 -41.58 1.76 14.58
N LYS B 303 -41.52 1.79 13.25
CA LYS B 303 -42.57 1.19 12.41
C LYS B 303 -42.01 0.88 11.02
N ASN B 304 -42.24 -0.34 10.54
CA ASN B 304 -41.92 -0.69 9.16
C ASN B 304 -43.05 -0.22 8.27
N LEU B 305 -42.76 0.71 7.36
CA LEU B 305 -43.78 1.34 6.53
C LEU B 305 -44.17 0.50 5.32
N GLY B 306 -43.46 -0.61 5.08
CA GLY B 306 -43.83 -1.55 4.04
C GLY B 306 -43.47 -1.12 2.63
N ILE B 307 -43.89 -1.93 1.66
CA ILE B 307 -43.60 -1.69 0.25
C ILE B 307 -44.52 -0.61 -0.33
N GLY B 308 -45.78 -0.61 0.09
CA GLY B 308 -46.76 0.35 -0.39
C GLY B 308 -47.21 0.05 -1.80
N LYS B 309 -47.65 1.09 -2.51
CA LYS B 309 -48.20 0.95 -3.85
C LYS B 309 -47.09 0.95 -4.89
N VAL B 310 -47.09 -0.06 -5.76
CA VAL B 310 -46.05 -0.23 -6.78
C VAL B 310 -46.63 -0.41 -8.17
N SER B 311 -45.80 -0.17 -9.18
CA SER B 311 -46.19 -0.42 -10.57
C SER B 311 -46.05 -1.91 -10.88
N SER B 312 -46.57 -2.32 -12.03
CA SER B 312 -46.42 -3.69 -12.50
C SER B 312 -44.95 -4.04 -12.66
N PHE B 313 -44.20 -3.11 -13.25
CA PHE B 313 -42.76 -3.25 -13.45
C PHE B 313 -42.05 -3.52 -12.12
N GLU B 314 -42.37 -2.71 -11.11
CA GLU B 314 -41.78 -2.86 -9.78
C GLU B 314 -42.22 -4.16 -9.10
N GLU B 315 -43.48 -4.55 -9.32
CA GLU B 315 -44.01 -5.80 -8.77
C GLU B 315 -43.23 -7.02 -9.28
N LYS B 316 -42.93 -7.03 -10.59
CA LYS B 316 -42.17 -8.14 -11.17
C LYS B 316 -40.75 -8.24 -10.59
N MET B 317 -40.10 -7.09 -10.41
CA MET B 317 -38.75 -7.07 -9.84
C MET B 317 -38.74 -7.62 -8.42
N ILE B 318 -39.78 -7.30 -7.64
CA ILE B 318 -39.91 -7.85 -6.28
C ILE B 318 -40.00 -9.38 -6.35
N SER B 319 -40.79 -9.89 -7.28
CA SER B 319 -40.97 -11.33 -7.44
C SER B 319 -39.67 -12.01 -7.85
N ASP B 320 -38.97 -11.43 -8.83
CA ASP B 320 -37.73 -11.99 -9.35
C ASP B 320 -36.58 -11.98 -8.34
N ALA B 321 -36.61 -11.04 -7.41
CA ALA B 321 -35.52 -10.87 -6.44
C ALA B 321 -35.60 -11.84 -5.25
N ILE B 322 -36.82 -12.24 -4.90
CA ILE B 322 -37.07 -13.05 -3.70
C ILE B 322 -36.25 -14.35 -3.63
N PRO B 323 -36.15 -15.10 -4.74
CA PRO B 323 -35.31 -16.30 -4.72
C PRO B 323 -33.86 -16.03 -4.29
N GLU B 324 -33.25 -14.99 -4.84
CA GLU B 324 -31.87 -14.63 -4.48
C GLU B 324 -31.76 -14.23 -3.01
N LEU B 325 -32.67 -13.38 -2.54
CA LEU B 325 -32.67 -12.93 -1.16
C LEU B 325 -32.75 -14.10 -0.18
N LYS B 326 -33.69 -15.03 -0.44
CA LYS B 326 -33.84 -16.21 0.40
C LYS B 326 -32.55 -17.03 0.47
N ALA B 327 -31.93 -17.23 -0.69
CA ALA B 327 -30.66 -17.96 -0.79
C ALA B 327 -29.57 -17.27 0.03
N SER B 328 -29.49 -15.95 -0.11
CA SER B 328 -28.51 -15.15 0.65
C SER B 328 -28.78 -15.19 2.14
N ILE B 329 -30.05 -15.09 2.52
CA ILE B 329 -30.46 -15.16 3.92
C ILE B 329 -30.08 -16.52 4.53
N LYS B 330 -30.45 -17.60 3.84
CA LYS B 330 -30.17 -18.96 4.29
C LYS B 330 -28.66 -19.21 4.42
N LYS B 331 -27.89 -18.68 3.48
CA LYS B 331 -26.43 -18.83 3.49
C LYS B 331 -25.81 -18.26 4.77
N GLY B 332 -26.23 -17.05 5.14
CA GLY B 332 -25.75 -16.41 6.36
C GLY B 332 -26.14 -17.18 7.60
N GLU B 333 -27.39 -17.65 7.63
CA GLU B 333 -27.91 -18.46 8.74
C GLU B 333 -27.15 -19.79 8.85
N ASP B 334 -26.95 -20.45 7.70
CA ASP B 334 -26.18 -21.70 7.66
C ASP B 334 -24.77 -21.52 8.20
N PHE B 335 -24.10 -20.45 7.77
CA PHE B 335 -22.74 -20.15 8.21
C PHE B 335 -22.63 -20.10 9.73
N VAL B 336 -23.59 -19.45 10.39
CA VAL B 336 -23.57 -19.30 11.84
C VAL B 336 -23.70 -20.65 12.57
N LYS B 337 -24.40 -21.61 11.95
CA LYS B 337 -24.53 -22.96 12.52
C LYS B 337 -23.18 -23.65 12.70
N THR B 338 -22.26 -23.39 11.78
CA THR B 338 -20.98 -24.10 11.74
C THR B 338 -19.97 -23.66 12.82
N LEU B 339 -20.20 -22.51 13.44
CA LEU B 339 -19.26 -21.96 14.42
C LEU B 339 -19.24 -22.78 15.72
N ASN C 26 25.75 -23.56 9.35
CA ASN C 26 26.84 -22.79 10.03
C ASN C 26 26.38 -21.40 10.51
N ALA C 27 26.28 -20.43 9.59
CA ALA C 27 26.08 -19.03 9.98
C ALA C 27 24.66 -18.69 10.42
N LYS C 28 24.56 -17.87 11.47
CA LYS C 28 23.28 -17.27 11.88
C LYS C 28 23.23 -15.82 11.40
N VAL C 29 22.22 -15.49 10.60
CA VAL C 29 22.10 -14.16 10.02
C VAL C 29 20.78 -13.49 10.40
N ALA C 30 20.88 -12.28 10.96
CA ALA C 30 19.71 -11.46 11.24
C ALA C 30 19.55 -10.40 10.14
N VAL C 31 18.31 -10.17 9.73
CA VAL C 31 17.98 -9.12 8.77
C VAL C 31 17.04 -8.14 9.47
N LEU C 32 17.54 -6.93 9.74
CA LEU C 32 16.75 -5.89 10.40
C LEU C 32 16.13 -4.98 9.34
N GLY C 33 14.79 -4.97 9.30
CA GLY C 33 14.04 -4.34 8.22
C GLY C 33 13.66 -5.37 7.15
N ALA C 34 13.35 -6.59 7.59
CA ALA C 34 13.13 -7.73 6.69
C ALA C 34 11.82 -7.71 5.89
N SER C 35 10.84 -6.93 6.33
CA SER C 35 9.56 -6.85 5.63
C SER C 35 9.56 -5.87 4.46
N GLY C 36 10.64 -5.10 4.31
CA GLY C 36 10.70 -4.05 3.30
C GLY C 36 11.00 -4.50 1.89
N GLY C 37 11.17 -3.52 1.00
CA GLY C 37 11.46 -3.77 -0.41
C GLY C 37 12.75 -4.53 -0.64
N ILE C 38 13.82 -4.14 0.07
CA ILE C 38 15.08 -4.89 0.03
C ILE C 38 14.97 -6.11 0.93
N GLY C 39 14.45 -5.89 2.13
CA GLY C 39 14.35 -6.92 3.16
C GLY C 39 13.81 -8.27 2.72
N GLN C 40 12.69 -8.27 2.01
CA GLN C 40 12.03 -9.52 1.64
C GLN C 40 12.83 -10.36 0.62
N PRO C 41 13.18 -9.78 -0.54
CA PRO C 41 14.01 -10.54 -1.48
C PRO C 41 15.41 -10.86 -0.95
N LEU C 42 15.98 -9.98 -0.14
CA LEU C 42 17.26 -10.25 0.52
C LEU C 42 17.13 -11.50 1.40
N SER C 43 16.06 -11.53 2.19
CA SER C 43 15.76 -12.67 3.04
C SER C 43 15.52 -13.95 2.21
N LEU C 44 14.89 -13.81 1.05
CA LEU C 44 14.69 -14.93 0.13
C LEU C 44 16.05 -15.52 -0.32
N LEU C 45 16.97 -14.66 -0.73
CA LEU C 45 18.28 -15.09 -1.20
C LEU C 45 19.10 -15.72 -0.06
N LEU C 46 18.97 -15.19 1.15
CA LEU C 46 19.63 -15.78 2.32
C LEU C 46 19.04 -17.15 2.69
N LYS C 47 17.72 -17.25 2.68
CA LYS C 47 17.03 -18.53 2.93
C LYS C 47 17.44 -19.60 1.90
N ASN C 48 17.64 -19.18 0.64
CA ASN C 48 18.04 -20.10 -0.43
C ASN C 48 19.48 -20.61 -0.32
N SER C 49 20.31 -19.99 0.52
CA SER C 49 21.74 -20.28 0.56
C SER C 49 22.12 -21.44 1.49
N PRO C 50 23.06 -22.29 1.05
CA PRO C 50 23.58 -23.37 1.91
C PRO C 50 24.49 -22.86 3.03
N LEU C 51 24.94 -21.61 2.92
CA LEU C 51 25.82 -21.01 3.92
C LEU C 51 25.07 -20.62 5.21
N VAL C 52 23.75 -20.55 5.14
CA VAL C 52 22.92 -20.06 6.26
C VAL C 52 22.14 -21.21 6.88
N SER C 53 22.30 -21.39 8.19
CA SER C 53 21.52 -22.38 8.94
C SER C 53 20.43 -21.77 9.81
N ARG C 54 20.56 -20.49 10.16
CA ARG C 54 19.55 -19.82 10.96
C ARG C 54 19.29 -18.40 10.42
N LEU C 55 18.03 -18.09 10.15
CA LEU C 55 17.64 -16.79 9.59
C LEU C 55 16.59 -16.13 10.48
N THR C 56 17.00 -15.09 11.19
CA THR C 56 16.09 -14.32 12.03
C THR C 56 15.73 -13.03 11.31
N LEU C 57 14.43 -12.76 11.25
CA LEU C 57 13.89 -11.61 10.53
C LEU C 57 13.26 -10.64 11.53
N TYR C 58 13.61 -9.36 11.41
CA TYR C 58 13.10 -8.34 12.31
C TYR C 58 12.51 -7.16 11.55
N ASP C 59 11.34 -6.70 12.00
CA ASP C 59 10.73 -5.49 11.49
C ASP C 59 9.74 -4.94 12.53
N ILE C 60 9.07 -3.84 12.20
CA ILE C 60 8.02 -3.30 13.05
C ILE C 60 6.62 -3.66 12.54
N ALA C 61 6.58 -4.30 11.36
CA ALA C 61 5.33 -4.82 10.82
C ALA C 61 5.58 -6.00 9.86
N HIS C 62 4.61 -6.92 9.80
CA HIS C 62 4.54 -7.98 8.78
C HIS C 62 5.54 -9.13 8.88
N THR C 63 6.48 -9.07 9.83
CA THR C 63 7.53 -10.09 9.91
C THR C 63 6.99 -11.53 10.06
N PRO C 64 5.98 -11.74 10.92
CA PRO C 64 5.41 -13.09 11.07
C PRO C 64 4.96 -13.72 9.74
N GLY C 65 4.28 -12.94 8.91
CA GLY C 65 3.81 -13.41 7.61
C GLY C 65 4.93 -13.68 6.63
N VAL C 66 5.96 -12.84 6.66
CA VAL C 66 7.14 -13.00 5.81
C VAL C 66 7.92 -14.27 6.19
N ALA C 67 8.10 -14.49 7.50
CA ALA C 67 8.80 -15.66 8.00
C ALA C 67 8.03 -16.95 7.70
N ALA C 68 6.71 -16.91 7.85
CA ALA C 68 5.86 -18.06 7.54
C ALA C 68 5.96 -18.44 6.06
N ASP C 69 5.92 -17.41 5.20
CA ASP C 69 6.15 -17.55 3.77
C ASP C 69 7.46 -18.29 3.51
N LEU C 70 8.55 -17.72 4.02
CA LEU C 70 9.90 -18.24 3.76
C LEU C 70 10.18 -19.61 4.40
N SER C 71 9.50 -19.91 5.50
CA SER C 71 9.73 -21.17 6.23
C SER C 71 9.33 -22.41 5.42
N HIS C 72 8.47 -22.22 4.42
CA HIS C 72 8.01 -23.32 3.57
C HIS C 72 9.03 -23.73 2.50
N ILE C 73 10.09 -22.95 2.31
CA ILE C 73 11.09 -23.24 1.30
C ILE C 73 12.01 -24.41 1.71
N GLU C 74 12.25 -25.29 0.74
CA GLU C 74 12.94 -26.57 0.95
C GLU C 74 14.46 -26.47 1.15
N THR C 75 14.89 -25.57 2.03
CA THR C 75 16.30 -25.44 2.38
C THR C 75 16.44 -25.56 3.89
N LYS C 76 17.67 -25.71 4.36
CA LYS C 76 17.90 -26.06 5.77
C LYS C 76 17.73 -24.87 6.73
N ALA C 77 17.98 -23.66 6.25
CA ALA C 77 17.94 -22.48 7.11
C ALA C 77 16.62 -22.40 7.88
N ALA C 78 16.70 -22.40 9.21
CA ALA C 78 15.51 -22.23 10.04
C ALA C 78 15.16 -20.73 10.11
N VAL C 79 13.92 -20.41 9.78
CA VAL C 79 13.47 -19.01 9.72
C VAL C 79 12.60 -18.66 10.92
N LYS C 80 12.84 -17.51 11.52
CA LYS C 80 11.97 -16.99 12.59
C LYS C 80 11.77 -15.49 12.42
N GLY C 81 10.51 -15.05 12.54
CA GLY C 81 10.15 -13.64 12.41
C GLY C 81 9.91 -13.01 13.76
N TYR C 82 10.48 -11.82 13.96
CA TYR C 82 10.30 -11.06 15.20
C TYR C 82 9.72 -9.69 14.90
N LEU C 83 8.97 -9.15 15.85
CA LEU C 83 8.14 -7.97 15.64
C LEU C 83 8.19 -7.05 16.86
N GLY C 84 8.76 -5.86 16.69
CA GLY C 84 8.81 -4.85 17.75
C GLY C 84 10.06 -4.91 18.60
N PRO C 85 10.47 -3.77 19.19
CA PRO C 85 11.76 -3.64 19.91
C PRO C 85 11.91 -4.61 21.09
N GLU C 86 10.79 -4.99 21.70
CA GLU C 86 10.80 -5.96 22.81
C GLU C 86 11.39 -7.31 22.37
N GLN C 87 11.20 -7.65 21.11
CA GLN C 87 11.66 -8.93 20.55
C GLN C 87 13.04 -8.84 19.88
N LEU C 88 13.63 -7.65 19.85
CA LEU C 88 14.89 -7.43 19.15
C LEU C 88 16.08 -8.20 19.76
N PRO C 89 16.16 -8.28 21.10
CA PRO C 89 17.21 -9.12 21.70
C PRO C 89 17.16 -10.59 21.28
N ASP C 90 15.98 -11.20 21.33
CA ASP C 90 15.80 -12.58 20.92
C ASP C 90 16.26 -12.81 19.47
N CYS C 91 15.92 -11.86 18.60
CA CYS C 91 16.33 -11.90 17.20
C CYS C 91 17.85 -11.85 17.04
N LEU C 92 18.50 -11.03 17.86
CA LEU C 92 19.94 -10.76 17.73
C LEU C 92 20.86 -11.80 18.39
N LYS C 93 20.37 -12.47 19.44
CA LYS C 93 21.21 -13.40 20.23
C LYS C 93 21.92 -14.43 19.36
N GLY C 94 23.24 -14.52 19.51
CA GLY C 94 24.05 -15.52 18.82
C GLY C 94 24.31 -15.30 17.34
N CYS C 95 23.96 -14.12 16.83
CA CYS C 95 24.14 -13.81 15.41
C CYS C 95 25.61 -13.72 14.99
N ASP C 96 25.90 -14.27 13.81
CA ASP C 96 27.24 -14.15 13.20
C ASP C 96 27.29 -12.93 12.28
N VAL C 97 26.19 -12.65 11.59
CA VAL C 97 26.07 -11.50 10.70
C VAL C 97 24.72 -10.82 10.92
N VAL C 98 24.73 -9.49 10.94
CA VAL C 98 23.50 -8.69 10.99
C VAL C 98 23.47 -7.75 9.79
N VAL C 99 22.43 -7.88 8.95
CA VAL C 99 22.23 -7.00 7.80
C VAL C 99 21.09 -6.02 8.10
N ILE C 100 21.31 -4.75 7.82
CA ILE C 100 20.38 -3.70 8.21
C ILE C 100 19.93 -2.87 6.99
N PRO C 101 18.90 -3.36 6.27
CA PRO C 101 18.20 -2.51 5.31
C PRO C 101 17.10 -1.65 5.94
N ALA C 102 16.90 -1.75 7.26
CA ALA C 102 15.85 -0.99 7.93
C ALA C 102 16.01 0.51 7.71
N GLY C 103 14.93 1.16 7.30
CA GLY C 103 14.96 2.58 7.04
C GLY C 103 13.86 3.01 6.09
N VAL C 104 14.08 4.13 5.42
CA VAL C 104 13.10 4.75 4.56
C VAL C 104 13.78 5.03 3.21
N PRO C 105 13.09 4.75 2.08
CA PRO C 105 13.67 4.97 0.75
C PRO C 105 13.40 6.36 0.18
N ARG C 106 14.18 6.74 -0.83
CA ARG C 106 14.05 8.05 -1.51
C ARG C 106 12.83 8.12 -2.41
N LYS C 107 12.31 9.33 -2.57
CA LYS C 107 11.39 9.67 -3.66
C LYS C 107 12.17 10.45 -4.72
N PRO C 108 11.67 10.50 -5.97
CA PRO C 108 12.34 11.27 -7.04
C PRO C 108 12.65 12.71 -6.64
N GLY C 109 13.89 13.14 -6.92
CA GLY C 109 14.36 14.47 -6.54
C GLY C 109 15.27 14.48 -5.31
N MET C 110 15.02 13.58 -4.37
CA MET C 110 15.79 13.53 -3.13
C MET C 110 17.19 12.96 -3.36
N THR C 111 18.12 13.38 -2.51
CA THR C 111 19.42 12.74 -2.37
C THR C 111 19.32 11.70 -1.27
N ARG C 112 20.35 10.85 -1.15
CA ARG C 112 20.39 9.88 -0.08
C ARG C 112 20.48 10.59 1.27
N ASP C 113 21.19 11.72 1.29
CA ASP C 113 21.33 12.54 2.49
C ASP C 113 19.98 13.10 3.00
N ASP C 114 19.01 13.29 2.12
CA ASP C 114 17.68 13.74 2.54
C ASP C 114 16.97 12.73 3.45
N LEU C 115 17.44 11.48 3.44
CA LEU C 115 16.90 10.44 4.32
C LEU C 115 17.49 10.46 5.73
N PHE C 116 18.50 11.31 5.95
CA PHE C 116 19.28 11.28 7.19
C PHE C 116 18.45 11.34 8.47
N ASN C 117 17.51 12.26 8.54
CA ASN C 117 16.77 12.52 9.79
C ASN C 117 15.89 11.37 10.26
N THR C 118 15.43 10.53 9.33
CA THR C 118 14.70 9.31 9.67
C THR C 118 15.67 8.17 9.97
N ASN C 119 16.60 7.92 9.05
CA ASN C 119 17.43 6.71 9.12
C ASN C 119 18.55 6.77 10.15
N ALA C 120 19.02 7.97 10.49
CA ALA C 120 20.05 8.12 11.52
C ALA C 120 19.59 7.52 12.84
N THR C 121 18.37 7.86 13.26
CA THR C 121 17.79 7.33 14.49
C THR C 121 17.52 5.83 14.39
N ILE C 122 17.04 5.37 13.24
CA ILE C 122 16.76 3.96 13.06
C ILE C 122 18.07 3.17 13.19
N VAL C 123 19.11 3.61 12.48
CA VAL C 123 20.40 2.91 12.50
C VAL C 123 21.03 2.98 13.90
N ALA C 124 21.00 4.14 14.53
CA ALA C 124 21.55 4.29 15.89
C ALA C 124 20.86 3.34 16.88
N THR C 125 19.54 3.26 16.80
CA THR C 125 18.76 2.40 17.69
C THR C 125 19.08 0.92 17.45
N LEU C 126 19.03 0.49 16.19
CA LEU C 126 19.24 -0.92 15.85
C LEU C 126 20.69 -1.37 16.13
N THR C 127 21.67 -0.51 15.82
CA THR C 127 23.07 -0.85 16.05
C THR C 127 23.46 -0.81 17.53
N ALA C 128 22.72 -0.04 18.33
CA ALA C 128 22.90 -0.07 19.78
C ALA C 128 22.43 -1.41 20.35
N ALA C 129 21.35 -1.95 19.78
CA ALA C 129 20.86 -3.28 20.16
C ALA C 129 21.87 -4.36 19.76
N CYS C 130 22.49 -4.19 18.58
CA CYS C 130 23.56 -5.09 18.14
C CYS C 130 24.75 -5.04 19.10
N ALA C 131 25.13 -3.83 19.50
CA ALA C 131 26.24 -3.65 20.44
C ALA C 131 25.98 -4.38 21.77
N GLN C 132 24.73 -4.38 22.20
CA GLN C 132 24.36 -4.99 23.48
C GLN C 132 24.23 -6.51 23.39
N HIS C 133 23.59 -7.00 22.33
CA HIS C 133 23.14 -8.38 22.26
C HIS C 133 23.93 -9.30 21.32
N CYS C 134 24.66 -8.72 20.37
CA CYS C 134 25.58 -9.49 19.53
C CYS C 134 26.78 -8.64 19.09
N PRO C 135 27.55 -8.13 20.07
CA PRO C 135 28.70 -7.27 19.76
C PRO C 135 29.78 -7.91 18.89
N GLU C 136 29.80 -9.24 18.83
CA GLU C 136 30.80 -9.96 18.06
C GLU C 136 30.42 -10.11 16.58
N ALA C 137 29.15 -9.87 16.25
CA ALA C 137 28.64 -10.09 14.89
C ALA C 137 29.24 -9.12 13.87
N MET C 138 29.21 -9.53 12.61
CA MET C 138 29.53 -8.63 11.50
C MET C 138 28.31 -7.76 11.23
N ILE C 139 28.50 -6.45 11.25
CA ILE C 139 27.41 -5.50 11.03
C ILE C 139 27.52 -4.96 9.61
N CYS C 140 26.53 -5.30 8.78
CA CYS C 140 26.47 -4.83 7.40
C CYS C 140 25.33 -3.84 7.26
N VAL C 141 25.66 -2.57 7.07
CA VAL C 141 24.67 -1.51 6.99
C VAL C 141 24.31 -1.19 5.54
N ILE C 142 23.03 -1.34 5.23
CA ILE C 142 22.50 -0.99 3.92
C ILE C 142 21.83 0.38 3.97
N ALA C 143 21.14 0.69 5.07
CA ALA C 143 20.36 1.94 5.20
C ALA C 143 21.14 3.19 4.84
N ASN C 144 20.51 4.07 4.07
CA ASN C 144 21.14 5.29 3.58
C ASN C 144 20.91 6.49 4.51
N PRO C 145 21.76 7.52 4.41
CA PRO C 145 22.96 7.60 3.57
C PRO C 145 24.13 6.84 4.20
N VAL C 146 24.68 5.87 3.45
CA VAL C 146 25.76 5.00 3.94
C VAL C 146 26.98 5.79 4.41
N ASN C 147 27.28 6.89 3.73
CA ASN C 147 28.42 7.74 4.09
C ASN C 147 28.32 8.35 5.50
N SER C 148 27.10 8.43 6.04
CA SER C 148 26.89 8.88 7.42
C SER C 148 26.49 7.76 8.39
N THR C 149 25.77 6.75 7.90
CA THR C 149 25.21 5.72 8.79
C THR C 149 26.28 4.76 9.33
N ILE C 150 27.39 4.60 8.61
CA ILE C 150 28.52 3.80 9.10
C ILE C 150 29.25 4.49 10.24
N PRO C 151 29.60 5.79 10.06
CA PRO C 151 30.11 6.55 11.20
C PRO C 151 29.17 6.47 12.42
N ILE C 152 27.87 6.61 12.21
CA ILE C 152 26.88 6.47 13.29
C ILE C 152 27.02 5.10 13.96
N THR C 153 27.09 4.04 13.15
CA THR C 153 27.22 2.68 13.68
C THR C 153 28.48 2.54 14.53
N ALA C 154 29.60 3.02 14.00
CA ALA C 154 30.89 2.94 14.70
C ALA C 154 30.86 3.65 16.05
N GLU C 155 30.32 4.87 16.07
CA GLU C 155 30.23 5.68 17.30
C GLU C 155 29.31 5.07 18.35
N VAL C 156 28.25 4.40 17.91
CA VAL C 156 27.34 3.70 18.83
C VAL C 156 28.06 2.53 19.51
N PHE C 157 28.81 1.77 18.72
CA PHE C 157 29.61 0.66 19.25
C PHE C 157 30.72 1.16 20.20
N LYS C 158 31.32 2.31 19.89
CA LYS C 158 32.31 2.94 20.77
C LYS C 158 31.70 3.32 22.13
N LYS C 159 30.49 3.89 22.11
CA LYS C 159 29.80 4.27 23.35
C LYS C 159 29.51 3.06 24.24
N HIS C 160 29.28 1.91 23.62
CA HIS C 160 29.08 0.66 24.36
C HIS C 160 30.40 -0.04 24.70
N GLY C 161 31.51 0.48 24.19
CA GLY C 161 32.84 -0.05 24.49
C GLY C 161 33.17 -1.36 23.81
N VAL C 162 32.48 -1.66 22.71
CA VAL C 162 32.65 -2.93 21.99
C VAL C 162 33.03 -2.69 20.53
N TYR C 163 33.71 -1.58 20.27
CA TYR C 163 34.02 -1.18 18.89
C TYR C 163 35.11 -2.08 18.28
N ASN C 164 34.79 -2.68 17.13
CA ASN C 164 35.75 -3.44 16.35
C ASN C 164 35.65 -3.00 14.88
N PRO C 165 36.63 -2.19 14.40
CA PRO C 165 36.59 -1.65 13.04
C PRO C 165 36.69 -2.68 11.93
N ASN C 166 37.10 -3.91 12.25
CA ASN C 166 37.17 -4.98 11.27
C ASN C 166 35.82 -5.65 10.97
N LYS C 167 34.78 -5.30 11.72
CA LYS C 167 33.47 -5.98 11.65
C LYS C 167 32.29 -5.08 11.26
N ILE C 168 32.55 -3.83 10.91
CA ILE C 168 31.49 -2.88 10.56
C ILE C 168 31.63 -2.50 9.08
N PHE C 169 30.60 -2.78 8.29
CA PHE C 169 30.67 -2.65 6.82
C PHE C 169 29.51 -1.83 6.24
N GLY C 170 29.85 -0.80 5.48
CA GLY C 170 28.88 -0.08 4.65
C GLY C 170 28.80 -0.79 3.31
N VAL C 171 27.61 -1.28 2.98
CA VAL C 171 27.44 -2.12 1.80
C VAL C 171 27.37 -1.25 0.54
N THR C 172 28.47 -1.24 -0.21
CA THR C 172 28.60 -0.49 -1.45
C THR C 172 28.53 -1.41 -2.65
N THR C 173 28.29 -2.69 -2.40
CA THR C 173 28.45 -3.74 -3.39
C THR C 173 27.65 -3.48 -4.67
N LEU C 174 26.50 -2.81 -4.55
CA LEU C 174 25.69 -2.51 -5.74
C LEU C 174 26.42 -1.59 -6.72
N ASP C 175 27.31 -0.73 -6.22
CA ASP C 175 28.11 0.12 -7.11
C ASP C 175 29.05 -0.70 -7.98
N ILE C 176 29.64 -1.75 -7.40
CA ILE C 176 30.53 -2.65 -8.13
C ILE C 176 29.72 -3.44 -9.15
N VAL C 177 28.58 -3.98 -8.69
CA VAL C 177 27.68 -4.76 -9.54
C VAL C 177 27.25 -3.95 -10.75
N ARG C 178 26.85 -2.70 -10.52
CA ARG C 178 26.44 -1.80 -11.61
C ARG C 178 27.58 -1.52 -12.59
N ALA C 179 28.76 -1.22 -12.05
CA ALA C 179 29.95 -0.99 -12.88
C ALA C 179 30.25 -2.21 -13.75
N ASN C 180 30.16 -3.40 -13.16
CA ASN C 180 30.39 -4.65 -13.90
C ASN C 180 29.42 -4.76 -15.06
N THR C 181 28.14 -4.54 -14.77
CA THR C 181 27.09 -4.62 -15.78
C THR C 181 27.26 -3.61 -16.90
N PHE C 182 27.57 -2.36 -16.54
CA PHE C 182 27.66 -1.30 -17.55
C PHE C 182 28.90 -1.44 -18.44
N VAL C 183 30.03 -1.81 -17.84
CA VAL C 183 31.25 -2.08 -18.62
C VAL C 183 31.01 -3.26 -19.57
N ALA C 184 30.39 -4.31 -19.06
CA ALA C 184 30.12 -5.52 -19.83
C ALA C 184 29.21 -5.27 -21.03
N GLU C 185 28.17 -4.45 -20.83
CA GLU C 185 27.26 -4.10 -21.93
C GLU C 185 27.97 -3.35 -23.05
N LEU C 186 28.84 -2.42 -22.69
CA LEU C 186 29.54 -1.58 -23.67
C LEU C 186 30.60 -2.35 -24.47
N LYS C 187 31.27 -3.29 -23.80
CA LYS C 187 32.30 -4.12 -24.46
C LYS C 187 31.77 -5.47 -24.95
N GLY C 188 30.45 -5.68 -24.87
CA GLY C 188 29.84 -6.94 -25.29
C GLY C 188 30.35 -8.13 -24.52
N LEU C 189 30.65 -7.94 -23.24
CA LEU C 189 31.20 -9.00 -22.40
C LEU C 189 30.13 -9.61 -21.51
N ASP C 190 30.46 -10.77 -20.93
CA ASP C 190 29.64 -11.40 -19.92
C ASP C 190 29.93 -10.69 -18.59
N PRO C 191 28.92 -10.02 -18.00
CA PRO C 191 29.15 -9.31 -16.73
C PRO C 191 29.68 -10.19 -15.59
N ALA C 192 29.42 -11.50 -15.66
CA ALA C 192 29.99 -12.45 -14.71
C ALA C 192 31.53 -12.52 -14.80
N ARG C 193 32.08 -12.21 -15.97
CA ARG C 193 33.53 -12.20 -16.18
C ARG C 193 34.20 -10.87 -15.81
N VAL C 194 33.42 -9.86 -15.45
CA VAL C 194 33.94 -8.50 -15.27
C VAL C 194 34.00 -8.10 -13.79
N ASN C 195 35.11 -7.48 -13.39
CA ASN C 195 35.28 -6.95 -12.03
C ASN C 195 35.85 -5.54 -12.08
N VAL C 196 35.07 -4.57 -11.61
CA VAL C 196 35.51 -3.18 -11.52
C VAL C 196 35.56 -2.77 -10.05
N PRO C 197 36.79 -2.49 -9.54
CA PRO C 197 36.87 -1.90 -8.20
C PRO C 197 36.20 -0.52 -8.17
N VAL C 198 35.39 -0.28 -7.14
CA VAL C 198 34.78 1.03 -6.93
C VAL C 198 35.11 1.48 -5.52
N ILE C 199 35.59 2.71 -5.38
CA ILE C 199 36.09 3.23 -4.11
C ILE C 199 35.43 4.56 -3.73
N GLY C 200 35.74 5.03 -2.53
CA GLY C 200 35.21 6.29 -2.02
C GLY C 200 34.05 6.04 -1.08
N GLY C 201 32.86 6.47 -1.49
CA GLY C 201 31.64 6.27 -0.71
C GLY C 201 30.45 5.91 -1.58
N HIS C 202 29.26 6.03 -1.02
CA HIS C 202 28.03 5.69 -1.72
C HIS C 202 27.06 6.88 -1.79
N ALA C 203 27.44 7.86 -2.59
CA ALA C 203 26.59 9.01 -2.92
C ALA C 203 27.25 9.86 -4.01
N GLY C 204 26.53 10.10 -5.11
CA GLY C 204 26.96 11.03 -6.16
C GLY C 204 28.40 10.88 -6.61
N LYS C 205 29.19 11.94 -6.46
CA LYS C 205 30.58 11.92 -6.95
C LYS C 205 31.54 11.22 -5.98
N THR C 206 31.06 10.79 -4.81
CA THR C 206 31.89 9.98 -3.92
C THR C 206 32.01 8.52 -4.42
N ILE C 207 31.14 8.14 -5.36
CA ILE C 207 31.23 6.84 -6.03
C ILE C 207 32.28 6.91 -7.15
N ILE C 208 33.42 6.25 -6.94
CA ILE C 208 34.55 6.38 -7.85
C ILE C 208 34.92 5.03 -8.46
N PRO C 209 34.38 4.73 -9.65
CA PRO C 209 34.73 3.47 -10.28
C PRO C 209 36.12 3.52 -10.91
N LEU C 210 37.00 2.63 -10.45
CA LEU C 210 38.36 2.55 -10.97
C LEU C 210 38.39 1.70 -12.23
N ILE C 211 37.98 2.30 -13.34
CA ILE C 211 37.91 1.60 -14.62
C ILE C 211 39.31 1.20 -15.10
N SER C 212 40.32 1.97 -14.69
CA SER C 212 41.71 1.65 -15.03
C SER C 212 42.18 0.32 -14.42
N GLN C 213 41.53 -0.12 -13.34
CA GLN C 213 41.87 -1.39 -12.69
C GLN C 213 40.90 -2.53 -13.06
N CYS C 214 40.09 -2.33 -14.08
CA CYS C 214 39.09 -3.32 -14.47
C CYS C 214 39.75 -4.59 -15.03
N THR C 215 39.26 -5.74 -14.58
CA THR C 215 39.60 -7.02 -15.17
C THR C 215 38.34 -7.58 -15.82
N PRO C 216 38.38 -7.86 -17.14
CA PRO C 216 39.52 -7.70 -18.05
C PRO C 216 39.84 -6.23 -18.36
N LYS C 217 41.07 -6.00 -18.79
CA LYS C 217 41.54 -4.71 -19.28
C LYS C 217 40.60 -4.17 -20.34
N VAL C 218 40.19 -2.91 -20.20
CA VAL C 218 39.28 -2.26 -21.16
C VAL C 218 39.70 -0.83 -21.46
N ASP C 219 39.57 -0.45 -22.73
CA ASP C 219 39.91 0.91 -23.18
C ASP C 219 38.67 1.64 -23.66
N PHE C 220 38.39 2.78 -23.04
CA PHE C 220 37.38 3.70 -23.53
C PHE C 220 38.06 5.02 -23.83
N PRO C 221 37.66 5.70 -24.93
CA PRO C 221 38.08 7.10 -25.02
C PRO C 221 37.45 7.89 -23.89
N GLN C 222 38.07 9.01 -23.51
CA GLN C 222 37.65 9.77 -22.33
C GLN C 222 36.17 10.14 -22.31
N ASP C 223 35.60 10.45 -23.47
CA ASP C 223 34.19 10.83 -23.56
C ASP C 223 33.25 9.69 -23.15
N GLN C 224 33.56 8.47 -23.57
CA GLN C 224 32.78 7.29 -23.19
C GLN C 224 33.00 6.98 -21.72
N LEU C 225 34.27 7.01 -21.30
CA LEU C 225 34.64 6.79 -19.91
C LEU C 225 33.89 7.73 -18.97
N THR C 226 33.84 9.00 -19.34
CA THR C 226 33.14 10.02 -18.54
C THR C 226 31.65 9.72 -18.43
N ALA C 227 31.04 9.33 -19.55
CA ALA C 227 29.62 8.97 -19.59
C ALA C 227 29.35 7.75 -18.73
N LEU C 228 30.19 6.73 -18.88
CA LEU C 228 30.13 5.50 -18.10
C LEU C 228 30.28 5.77 -16.60
N THR C 229 31.23 6.64 -16.25
CA THR C 229 31.47 7.00 -14.87
C THR C 229 30.24 7.67 -14.25
N GLY C 230 29.66 8.63 -14.97
CA GLY C 230 28.46 9.32 -14.52
C GLY C 230 27.26 8.39 -14.37
N ARG C 231 27.11 7.47 -15.32
CA ARG C 231 26.06 6.46 -15.26
C ARG C 231 26.15 5.64 -13.98
N ILE C 232 27.36 5.18 -13.66
CA ILE C 232 27.60 4.40 -12.45
C ILE C 232 27.28 5.23 -11.21
N GLN C 233 27.70 6.49 -11.21
CA GLN C 233 27.45 7.41 -10.10
C GLN C 233 25.98 7.70 -9.88
N GLU C 234 25.22 7.87 -10.97
CA GLU C 234 23.81 8.29 -10.88
C GLU C 234 22.81 7.14 -11.00
N ALA C 235 23.30 5.90 -11.03
CA ALA C 235 22.46 4.72 -11.26
C ALA C 235 21.33 4.57 -10.23
N GLY C 236 21.62 4.89 -8.97
CA GLY C 236 20.61 4.83 -7.90
C GLY C 236 19.48 5.81 -8.13
N THR C 237 19.85 6.99 -8.63
CA THR C 237 18.88 8.04 -8.92
C THR C 237 18.06 7.68 -10.16
N GLU C 238 18.72 7.05 -11.13
CA GLU C 238 18.06 6.54 -12.34
C GLU C 238 16.92 5.58 -12.02
N VAL C 239 17.15 4.68 -11.08
CA VAL C 239 16.13 3.70 -10.67
C VAL C 239 15.02 4.39 -9.87
N VAL C 240 15.39 5.30 -8.97
CA VAL C 240 14.40 6.08 -8.21
C VAL C 240 13.44 6.79 -9.18
N LYS C 241 13.99 7.40 -10.23
CA LYS C 241 13.17 8.12 -11.20
C LYS C 241 12.35 7.18 -12.09
N ALA C 242 12.90 6.02 -12.43
CA ALA C 242 12.14 5.03 -13.21
C ALA C 242 10.98 4.46 -12.38
N LYS C 243 11.13 4.38 -11.07
CA LYS C 243 10.05 3.88 -10.21
C LYS C 243 9.00 4.95 -9.88
N ALA C 244 9.30 6.20 -10.22
CA ALA C 244 8.32 7.31 -10.15
C ALA C 244 7.55 7.38 -8.83
N GLY C 245 8.24 7.18 -7.72
CA GLY C 245 7.62 7.32 -6.40
C GLY C 245 7.35 5.99 -5.70
N ALA C 246 7.52 4.88 -6.41
CA ALA C 246 7.31 3.56 -5.84
C ALA C 246 8.62 2.99 -5.28
N GLY C 247 9.45 3.85 -4.69
CA GLY C 247 10.64 3.42 -3.98
C GLY C 247 11.91 3.51 -4.80
N SER C 248 12.97 2.87 -4.29
CA SER C 248 14.28 2.88 -4.94
C SER C 248 14.67 1.43 -5.25
N ALA C 249 15.91 1.21 -5.68
CA ALA C 249 16.42 -0.13 -5.99
C ALA C 249 16.19 -1.11 -4.85
N THR C 250 15.47 -2.19 -5.14
CA THR C 250 15.16 -3.20 -4.14
C THR C 250 15.76 -4.55 -4.52
N LEU C 251 15.41 -5.03 -5.71
CA LEU C 251 15.79 -6.38 -6.14
C LEU C 251 17.29 -6.50 -6.39
N SER C 252 17.87 -5.52 -7.09
CA SER C 252 19.31 -5.52 -7.34
C SER C 252 20.11 -5.27 -6.07
N MET C 253 19.52 -4.52 -5.13
CA MET C 253 20.16 -4.34 -3.83
C MET C 253 20.12 -5.61 -2.99
N ALA C 254 19.03 -6.37 -3.10
CA ALA C 254 18.95 -7.67 -2.46
C ALA C 254 20.04 -8.57 -3.00
N TYR C 255 20.21 -8.56 -4.32
CA TYR C 255 21.30 -9.30 -4.97
C TYR C 255 22.65 -8.86 -4.40
N ALA C 256 22.93 -7.55 -4.42
CA ALA C 256 24.21 -7.02 -3.92
C ALA C 256 24.43 -7.29 -2.44
N GLY C 257 23.38 -7.12 -1.65
CA GLY C 257 23.41 -7.41 -0.22
C GLY C 257 23.72 -8.88 0.05
N ALA C 258 23.03 -9.76 -0.66
CA ALA C 258 23.26 -11.20 -0.57
C ALA C 258 24.71 -11.53 -0.93
N ARG C 259 25.18 -11.02 -2.06
CA ARG C 259 26.56 -11.24 -2.50
C ARG C 259 27.56 -10.88 -1.40
N PHE C 260 27.41 -9.70 -0.82
CA PHE C 260 28.36 -9.26 0.20
C PHE C 260 28.34 -10.18 1.42
N VAL C 261 27.14 -10.55 1.88
CA VAL C 261 27.00 -11.46 3.02
C VAL C 261 27.64 -12.82 2.74
N PHE C 262 27.45 -13.34 1.52
CA PHE C 262 28.04 -14.63 1.14
C PHE C 262 29.57 -14.57 1.10
N SER C 263 30.12 -13.48 0.58
CA SER C 263 31.57 -13.26 0.61
C SER C 263 32.08 -13.26 2.05
N LEU C 264 31.34 -12.61 2.93
CA LEU C 264 31.71 -12.47 4.33
C LEU C 264 31.66 -13.83 5.06
N VAL C 265 30.61 -14.61 4.79
CA VAL C 265 30.45 -15.94 5.42
C VAL C 265 31.50 -16.93 4.88
N ASP C 266 31.73 -16.91 3.57
CA ASP C 266 32.79 -17.73 2.96
C ASP C 266 34.13 -17.43 3.62
N ALA C 267 34.45 -16.15 3.78
CA ALA C 267 35.67 -15.72 4.46
C ALA C 267 35.70 -16.19 5.92
N MET C 268 34.55 -16.12 6.59
CA MET C 268 34.42 -16.61 7.97
C MET C 268 34.61 -18.12 8.06
N ASN C 269 34.21 -18.84 7.00
CA ASN C 269 34.43 -20.28 6.92
C ASN C 269 35.84 -20.66 6.44
N GLY C 270 36.74 -19.68 6.34
CA GLY C 270 38.15 -19.93 6.02
C GLY C 270 38.53 -19.85 4.56
N LYS C 271 37.59 -19.49 3.68
CA LYS C 271 37.90 -19.36 2.26
C LYS C 271 38.92 -18.25 2.06
N GLU C 272 39.83 -18.43 1.10
CA GLU C 272 40.97 -17.54 0.92
C GLU C 272 40.83 -16.67 -0.32
N GLY C 273 41.47 -15.50 -0.28
CA GLY C 273 41.44 -14.57 -1.39
C GLY C 273 40.07 -13.96 -1.67
N VAL C 274 39.25 -13.84 -0.63
CA VAL C 274 37.93 -13.20 -0.75
C VAL C 274 38.12 -11.70 -0.64
N VAL C 275 37.86 -10.99 -1.74
CA VAL C 275 38.02 -9.53 -1.79
C VAL C 275 36.69 -8.85 -2.13
N GLU C 276 36.31 -7.87 -1.33
CA GLU C 276 35.13 -7.04 -1.59
C GLU C 276 35.41 -5.59 -1.17
N CYS C 277 34.97 -4.65 -2.01
CA CYS C 277 34.99 -3.24 -1.65
C CYS C 277 33.88 -2.97 -0.63
N SER C 278 34.15 -2.13 0.35
CA SER C 278 33.15 -1.77 1.35
C SER C 278 33.57 -0.50 2.09
N PHE C 279 32.58 0.32 2.44
CA PHE C 279 32.80 1.56 3.17
C PHE C 279 33.09 1.22 4.64
N VAL C 280 34.33 1.43 5.06
CA VAL C 280 34.77 1.04 6.40
C VAL C 280 35.71 2.08 7.04
N LYS C 281 35.95 1.92 8.34
CA LYS C 281 36.99 2.68 9.03
C LYS C 281 38.31 2.50 8.26
N SER C 282 38.92 3.62 7.89
CA SER C 282 40.05 3.61 6.94
C SER C 282 41.13 4.64 7.30
N GLN C 283 42.36 4.35 6.89
CA GLN C 283 43.48 5.30 6.94
C GLN C 283 44.16 5.42 5.57
N GLU C 284 43.42 5.10 4.51
CA GLU C 284 43.94 5.16 3.15
C GLU C 284 43.96 6.60 2.63
N THR C 285 43.13 7.45 3.23
CA THR C 285 43.06 8.87 2.89
C THR C 285 42.93 9.67 4.18
N GLU C 286 42.74 10.99 4.05
CA GLU C 286 42.41 11.83 5.22
C GLU C 286 40.99 11.56 5.76
N CYS C 287 40.17 10.85 4.99
CA CYS C 287 38.85 10.42 5.46
C CYS C 287 39.00 9.25 6.44
N THR C 288 38.36 9.37 7.60
CA THR C 288 38.40 8.33 8.62
C THR C 288 37.53 7.12 8.23
N TYR C 289 36.68 7.28 7.22
CA TYR C 289 35.95 6.18 6.61
C TYR C 289 36.02 6.30 5.10
N PHE C 290 36.16 5.16 4.42
CA PHE C 290 36.44 5.16 3.00
C PHE C 290 36.26 3.73 2.48
N SER C 291 35.81 3.60 1.24
CA SER C 291 35.63 2.28 0.63
C SER C 291 36.80 1.92 -0.29
N THR C 292 37.43 0.79 -0.01
CA THR C 292 38.49 0.22 -0.87
C THR C 292 38.32 -1.29 -0.89
N PRO C 293 39.00 -1.99 -1.83
CA PRO C 293 38.98 -3.45 -1.80
C PRO C 293 39.53 -3.96 -0.48
N LEU C 294 38.81 -4.89 0.14
CA LEU C 294 39.20 -5.45 1.42
C LEU C 294 39.39 -6.96 1.28
N LEU C 295 40.53 -7.46 1.76
CA LEU C 295 40.71 -8.89 1.91
C LEU C 295 40.00 -9.31 3.18
N LEU C 296 39.05 -10.24 3.05
CA LEU C 296 38.23 -10.66 4.18
C LEU C 296 38.75 -11.98 4.75
N GLY C 297 38.68 -12.11 6.07
CA GLY C 297 39.14 -13.30 6.77
C GLY C 297 38.15 -13.75 7.82
N LYS C 298 38.62 -14.57 8.75
CA LYS C 298 37.74 -15.14 9.79
C LYS C 298 37.28 -14.10 10.81
N LYS C 299 38.05 -13.03 10.99
CA LYS C 299 37.72 -11.98 11.95
C LYS C 299 37.24 -10.70 11.26
N GLY C 300 36.66 -10.84 10.06
CA GLY C 300 36.16 -9.69 9.31
C GLY C 300 37.19 -9.20 8.30
N ILE C 301 37.62 -7.95 8.45
CA ILE C 301 38.67 -7.41 7.57
C ILE C 301 40.02 -8.02 7.94
N GLU C 302 40.62 -8.74 7.00
CA GLU C 302 41.96 -9.29 7.16
C GLU C 302 42.99 -8.24 6.81
N LYS C 303 42.76 -7.53 5.70
CA LYS C 303 43.68 -6.51 5.23
C LYS C 303 42.98 -5.56 4.25
N ASN C 304 43.20 -4.26 4.45
CA ASN C 304 42.75 -3.25 3.50
C ASN C 304 43.78 -3.17 2.38
N LEU C 305 43.37 -3.49 1.15
CA LEU C 305 44.28 -3.54 0.01
C LEU C 305 44.54 -2.15 -0.59
N GLY C 306 43.91 -1.12 -0.03
CA GLY C 306 44.18 0.27 -0.43
C GLY C 306 43.66 0.63 -1.80
N ILE C 307 43.99 1.84 -2.23
CA ILE C 307 43.52 2.40 -3.51
C ILE C 307 44.30 1.85 -4.70
N GLY C 308 45.61 1.65 -4.52
CA GLY C 308 46.46 1.16 -5.59
C GLY C 308 46.76 2.25 -6.61
N LYS C 309 47.32 1.85 -7.74
CA LYS C 309 47.68 2.77 -8.82
C LYS C 309 46.43 3.17 -9.59
N VAL C 310 46.25 4.48 -9.78
CA VAL C 310 45.08 5.00 -10.51
C VAL C 310 45.50 6.01 -11.57
N SER C 311 44.57 6.35 -12.45
CA SER C 311 44.77 7.36 -13.47
C SER C 311 44.66 8.76 -12.87
N SER C 312 45.03 9.77 -13.66
CA SER C 312 44.88 11.16 -13.24
C SER C 312 43.41 11.55 -13.16
N PHE C 313 42.61 10.96 -14.06
CA PHE C 313 41.16 11.12 -14.04
C PHE C 313 40.58 10.62 -12.72
N GLU C 314 40.96 9.41 -12.34
CA GLU C 314 40.52 8.80 -11.09
C GLU C 314 41.07 9.54 -9.87
N GLU C 315 42.36 9.86 -9.90
CA GLU C 315 43.01 10.62 -8.83
C GLU C 315 42.28 11.95 -8.57
N LYS C 316 41.90 12.64 -9.65
CA LYS C 316 41.14 13.88 -9.55
C LYS C 316 39.77 13.64 -8.89
N MET C 317 39.10 12.55 -9.27
CA MET C 317 37.81 12.20 -8.67
C MET C 317 37.94 11.96 -7.16
N ILE C 318 39.01 11.29 -6.75
CA ILE C 318 39.27 11.05 -5.32
C ILE C 318 39.41 12.37 -4.57
N SER C 319 40.23 13.26 -5.11
CA SER C 319 40.48 14.57 -4.49
C SER C 319 39.18 15.37 -4.35
N ASP C 320 38.36 15.36 -5.39
CA ASP C 320 37.09 16.10 -5.38
C ASP C 320 36.02 15.47 -4.49
N ALA C 321 36.18 14.18 -4.16
CA ALA C 321 35.20 13.47 -3.33
C ALA C 321 35.39 13.69 -1.83
N ILE C 322 36.63 13.94 -1.42
CA ILE C 322 37.00 13.99 0.01
C ILE C 322 36.20 15.02 0.84
N PRO C 323 36.00 16.24 0.32
CA PRO C 323 35.20 17.20 1.08
C PRO C 323 33.77 16.71 1.41
N GLU C 324 33.08 16.13 0.44
CA GLU C 324 31.74 15.58 0.68
C GLU C 324 31.78 14.43 1.69
N LEU C 325 32.73 13.51 1.52
CA LEU C 325 32.87 12.37 2.43
C LEU C 325 33.10 12.84 3.86
N LYS C 326 34.06 13.75 4.06
CA LYS C 326 34.36 14.29 5.40
C LYS C 326 33.13 14.96 6.02
N ALA C 327 32.38 15.71 5.22
CA ALA C 327 31.15 16.35 5.69
C ALA C 327 30.08 15.32 6.09
N SER C 328 29.91 14.28 5.27
CA SER C 328 28.97 13.21 5.59
C SER C 328 29.40 12.43 6.85
N ILE C 329 30.69 12.18 6.97
CA ILE C 329 31.25 11.49 8.13
C ILE C 329 30.99 12.30 9.41
N LYS C 330 31.35 13.58 9.36
CA LYS C 330 31.15 14.49 10.51
C LYS C 330 29.69 14.55 10.93
N LYS C 331 28.79 14.62 9.95
CA LYS C 331 27.35 14.69 10.19
C LYS C 331 26.86 13.47 11.00
N GLY C 332 27.34 12.29 10.64
CA GLY C 332 27.01 11.07 11.36
C GLY C 332 27.57 11.06 12.78
N GLU C 333 28.84 11.41 12.91
CA GLU C 333 29.48 11.52 14.23
C GLU C 333 28.77 12.51 15.13
N ASP C 334 28.48 13.69 14.60
CA ASP C 334 27.79 14.74 15.36
C ASP C 334 26.39 14.31 15.81
N PHE C 335 25.72 13.49 15.00
CA PHE C 335 24.40 13.00 15.36
C PHE C 335 24.44 12.14 16.62
N VAL C 336 25.41 11.23 16.68
CA VAL C 336 25.54 10.31 17.82
C VAL C 336 25.97 11.08 19.08
N LYS C 337 26.73 12.17 18.91
CA LYS C 337 27.15 12.99 20.04
C LYS C 337 25.95 13.63 20.75
N THR C 338 24.85 13.83 20.02
CA THR C 338 23.62 14.37 20.59
C THR C 338 22.65 13.29 21.10
N LEU C 339 23.17 12.12 21.45
CA LEU C 339 22.34 11.05 22.02
C LEU C 339 22.83 10.68 23.43
N ASN D 26 19.99 -19.09 -25.77
CA ASN D 26 19.41 -19.43 -24.43
C ASN D 26 17.98 -18.92 -24.27
N ALA D 27 17.37 -19.19 -23.11
CA ALA D 27 15.94 -19.02 -22.91
C ALA D 27 15.46 -17.56 -22.85
N LYS D 28 14.44 -17.26 -23.63
CA LYS D 28 13.77 -15.97 -23.58
C LYS D 28 12.48 -16.12 -22.77
N VAL D 29 12.46 -15.57 -21.56
CA VAL D 29 11.35 -15.76 -20.64
C VAL D 29 10.56 -14.47 -20.42
N ALA D 30 9.24 -14.58 -20.51
CA ALA D 30 8.34 -13.48 -20.22
C ALA D 30 7.64 -13.74 -18.88
N VAL D 31 7.53 -12.70 -18.06
CA VAL D 31 6.77 -12.75 -16.82
C VAL D 31 5.60 -11.76 -16.92
N LEU D 32 4.38 -12.27 -16.91
CA LEU D 32 3.18 -11.44 -16.99
C LEU D 32 2.58 -11.26 -15.59
N GLY D 33 2.60 -10.03 -15.10
CA GLY D 33 2.30 -9.72 -13.70
C GLY D 33 3.59 -9.54 -12.91
N ALA D 34 4.61 -9.02 -13.58
CA ALA D 34 5.97 -8.99 -13.02
C ALA D 34 6.17 -7.99 -11.87
N SER D 35 5.25 -7.05 -11.71
CA SER D 35 5.36 -6.03 -10.64
C SER D 35 4.74 -6.45 -9.32
N GLY D 36 4.05 -7.58 -9.30
CA GLY D 36 3.36 -8.05 -8.10
C GLY D 36 4.25 -8.73 -7.07
N GLY D 37 3.62 -9.20 -6.00
CA GLY D 37 4.34 -9.85 -4.90
C GLY D 37 5.13 -11.08 -5.30
N ILE D 38 4.55 -11.92 -6.17
CA ILE D 38 5.28 -13.05 -6.73
C ILE D 38 6.19 -12.59 -7.87
N GLY D 39 5.66 -11.71 -8.72
CA GLY D 39 6.33 -11.31 -9.95
C GLY D 39 7.71 -10.72 -9.81
N GLN D 40 7.89 -9.87 -8.80
CA GLN D 40 9.17 -9.20 -8.60
C GLN D 40 10.29 -10.15 -8.13
N PRO D 41 10.10 -10.89 -7.02
CA PRO D 41 11.16 -11.83 -6.61
C PRO D 41 11.32 -13.02 -7.57
N LEU D 42 10.26 -13.40 -8.27
CA LEU D 42 10.38 -14.41 -9.33
C LEU D 42 11.31 -13.90 -10.42
N SER D 43 11.09 -12.67 -10.84
CA SER D 43 11.92 -12.04 -11.87
C SER D 43 13.37 -11.88 -11.43
N LEU D 44 13.58 -11.61 -10.15
CA LEU D 44 14.94 -11.56 -9.58
C LEU D 44 15.64 -12.91 -9.72
N LEU D 45 14.94 -13.98 -9.34
CA LEU D 45 15.49 -15.33 -9.43
C LEU D 45 15.80 -15.70 -10.88
N LEU D 46 14.90 -15.33 -11.80
CA LEU D 46 15.12 -15.57 -13.23
C LEU D 46 16.30 -14.76 -13.77
N LYS D 47 16.42 -13.50 -13.34
CA LYS D 47 17.55 -12.65 -13.75
C LYS D 47 18.89 -13.20 -13.24
N ASN D 48 18.88 -13.80 -12.05
CA ASN D 48 20.10 -14.36 -11.46
C ASN D 48 20.63 -15.63 -12.16
N SER D 49 19.81 -16.26 -12.98
CA SER D 49 20.14 -17.55 -13.60
C SER D 49 20.86 -17.43 -14.95
N PRO D 50 21.96 -18.21 -15.13
CA PRO D 50 22.62 -18.30 -16.45
C PRO D 50 21.77 -18.95 -17.56
N LEU D 51 20.65 -19.55 -17.20
CA LEU D 51 19.76 -20.17 -18.18
C LEU D 51 18.98 -19.17 -19.01
N VAL D 52 18.81 -17.96 -18.49
CA VAL D 52 17.96 -16.94 -19.12
C VAL D 52 18.81 -15.91 -19.87
N SER D 53 18.52 -15.69 -21.15
CA SER D 53 19.23 -14.71 -21.97
C SER D 53 18.43 -13.42 -22.18
N ARG D 54 17.10 -13.54 -22.16
CA ARG D 54 16.23 -12.37 -22.30
C ARG D 54 15.06 -12.50 -21.33
N LEU D 55 14.87 -11.46 -20.51
CA LEU D 55 13.77 -11.41 -19.54
C LEU D 55 12.85 -10.23 -19.85
N THR D 56 11.67 -10.54 -20.39
CA THR D 56 10.68 -9.50 -20.70
C THR D 56 9.61 -9.49 -19.61
N LEU D 57 9.40 -8.32 -19.01
CA LEU D 57 8.49 -8.16 -17.88
C LEU D 57 7.26 -7.35 -18.30
N TYR D 58 6.08 -7.87 -17.98
CA TYR D 58 4.84 -7.20 -18.31
C TYR D 58 3.94 -6.99 -17.11
N ASP D 59 3.26 -5.85 -17.08
CA ASP D 59 2.26 -5.56 -16.06
C ASP D 59 1.42 -4.38 -16.56
N ILE D 60 0.44 -3.98 -15.76
CA ILE D 60 -0.34 -2.78 -16.02
C ILE D 60 0.22 -1.57 -15.27
N ALA D 61 1.13 -1.83 -14.33
CA ALA D 61 1.78 -0.77 -13.56
C ALA D 61 3.19 -1.18 -13.10
N HIS D 62 4.07 -0.18 -12.97
CA HIS D 62 5.38 -0.29 -12.30
C HIS D 62 6.50 -1.04 -13.04
N THR D 63 6.22 -1.67 -14.18
CA THR D 63 7.24 -2.51 -14.84
C THR D 63 8.53 -1.79 -15.26
N PRO D 64 8.42 -0.54 -15.75
CA PRO D 64 9.66 0.15 -16.15
C PRO D 64 10.65 0.29 -14.99
N GLY D 65 10.15 0.58 -13.80
CA GLY D 65 10.98 0.70 -12.61
C GLY D 65 11.57 -0.63 -12.18
N VAL D 66 10.79 -1.69 -12.31
CA VAL D 66 11.22 -3.04 -11.94
C VAL D 66 12.31 -3.51 -12.90
N ALA D 67 12.12 -3.28 -14.20
CA ALA D 67 13.12 -3.63 -15.22
C ALA D 67 14.41 -2.84 -15.04
N ALA D 68 14.28 -1.53 -14.80
CA ALA D 68 15.45 -0.69 -14.52
C ALA D 68 16.28 -1.27 -13.38
N ASP D 69 15.59 -1.55 -12.27
CA ASP D 69 16.18 -2.16 -11.09
C ASP D 69 16.94 -3.46 -11.43
N LEU D 70 16.24 -4.42 -12.04
CA LEU D 70 16.83 -5.72 -12.38
C LEU D 70 17.96 -5.64 -13.42
N SER D 71 17.89 -4.66 -14.32
CA SER D 71 18.88 -4.54 -15.40
C SER D 71 20.29 -4.21 -14.92
N HIS D 72 20.44 -3.79 -13.66
CA HIS D 72 21.76 -3.47 -13.11
C HIS D 72 22.50 -4.70 -12.57
N ILE D 73 21.81 -5.84 -12.47
CA ILE D 73 22.41 -7.06 -11.92
C ILE D 73 23.41 -7.67 -12.90
N GLU D 74 24.56 -8.08 -12.36
CA GLU D 74 25.71 -8.55 -13.14
C GLU D 74 25.56 -9.95 -13.78
N THR D 75 24.45 -10.16 -14.47
CA THR D 75 24.22 -11.41 -15.21
C THR D 75 23.84 -11.07 -16.64
N LYS D 76 23.88 -12.06 -17.52
CA LYS D 76 23.77 -11.80 -18.97
C LYS D 76 22.36 -11.50 -19.45
N ALA D 77 21.34 -11.86 -18.68
CA ALA D 77 19.96 -11.71 -19.14
C ALA D 77 19.63 -10.25 -19.45
N ALA D 78 19.22 -9.99 -20.70
CA ALA D 78 18.75 -8.66 -21.10
C ALA D 78 17.33 -8.46 -20.56
N VAL D 79 17.15 -7.42 -19.74
CA VAL D 79 15.87 -7.17 -19.08
C VAL D 79 15.16 -5.97 -19.70
N LYS D 80 13.92 -6.19 -20.14
CA LYS D 80 13.07 -5.14 -20.69
C LYS D 80 11.73 -5.14 -19.99
N GLY D 81 11.19 -3.94 -19.75
CA GLY D 81 9.89 -3.77 -19.12
C GLY D 81 8.85 -3.32 -20.13
N TYR D 82 7.64 -3.85 -19.99
CA TYR D 82 6.52 -3.49 -20.86
C TYR D 82 5.31 -3.17 -20.01
N LEU D 83 4.50 -2.24 -20.50
CA LEU D 83 3.43 -1.64 -19.72
C LEU D 83 2.20 -1.41 -20.59
N GLY D 84 1.07 -1.97 -20.18
CA GLY D 84 -0.20 -1.77 -20.88
C GLY D 84 -0.38 -2.71 -22.07
N PRO D 85 -1.64 -3.09 -22.36
CA PRO D 85 -1.96 -4.11 -23.38
C PRO D 85 -1.45 -3.83 -24.79
N GLU D 86 -1.08 -2.58 -25.07
CA GLU D 86 -0.53 -2.19 -26.36
C GLU D 86 0.88 -2.75 -26.56
N GLN D 87 1.64 -2.83 -25.47
CA GLN D 87 3.02 -3.33 -25.49
C GLN D 87 3.12 -4.84 -25.23
N LEU D 88 1.98 -5.47 -24.98
CA LEU D 88 1.94 -6.90 -24.64
C LEU D 88 2.46 -7.80 -25.77
N PRO D 89 2.08 -7.52 -27.03
CA PRO D 89 2.63 -8.31 -28.15
C PRO D 89 4.16 -8.27 -28.23
N ASP D 90 4.73 -7.09 -28.00
CA ASP D 90 6.19 -6.91 -28.04
C ASP D 90 6.90 -7.66 -26.91
N CYS D 91 6.23 -7.76 -25.75
CA CYS D 91 6.77 -8.52 -24.62
C CYS D 91 6.81 -10.03 -24.88
N LEU D 92 5.91 -10.53 -25.72
CA LEU D 92 5.74 -11.96 -25.93
C LEU D 92 6.48 -12.53 -27.15
N LYS D 93 6.78 -11.69 -28.14
CA LYS D 93 7.37 -12.16 -29.39
C LYS D 93 8.74 -12.81 -29.17
N GLY D 94 8.88 -14.04 -29.65
CA GLY D 94 10.13 -14.78 -29.57
C GLY D 94 10.35 -15.52 -28.25
N CYS D 95 9.34 -15.54 -27.38
CA CYS D 95 9.49 -16.16 -26.06
C CYS D 95 9.46 -17.68 -26.11
N ASP D 96 10.32 -18.32 -25.31
CA ASP D 96 10.34 -19.77 -25.13
C ASP D 96 9.44 -20.19 -23.98
N VAL D 97 9.43 -19.37 -22.92
CA VAL D 97 8.61 -19.62 -21.74
C VAL D 97 7.87 -18.34 -21.34
N VAL D 98 6.60 -18.51 -20.96
CA VAL D 98 5.79 -17.42 -20.42
C VAL D 98 5.21 -17.86 -19.07
N VAL D 99 5.51 -17.11 -18.01
CA VAL D 99 4.99 -17.37 -16.67
C VAL D 99 3.99 -16.28 -16.30
N ILE D 100 2.86 -16.70 -15.71
CA ILE D 100 1.73 -15.81 -15.49
C ILE D 100 1.25 -15.81 -14.04
N PRO D 101 1.95 -15.05 -13.17
CA PRO D 101 1.41 -14.75 -11.85
C PRO D 101 0.33 -13.65 -11.87
N ALA D 102 0.15 -12.96 -13.00
CA ALA D 102 -0.87 -11.89 -13.11
C ALA D 102 -2.25 -12.33 -12.58
N GLY D 103 -2.80 -11.56 -11.65
CA GLY D 103 -4.09 -11.86 -11.04
C GLY D 103 -4.22 -11.24 -9.65
N VAL D 104 -5.35 -11.49 -8.99
CA VAL D 104 -5.58 -10.97 -7.64
C VAL D 104 -5.35 -12.10 -6.62
N PRO D 105 -4.75 -11.78 -5.45
CA PRO D 105 -4.51 -12.79 -4.43
C PRO D 105 -5.64 -12.90 -3.41
N ARG D 106 -5.57 -13.93 -2.56
CA ARG D 106 -6.59 -14.20 -1.54
C ARG D 106 -6.45 -13.33 -0.30
N LYS D 107 -7.59 -13.02 0.32
CA LYS D 107 -7.65 -12.49 1.67
C LYS D 107 -8.03 -13.65 2.60
N PRO D 108 -7.68 -13.56 3.89
CA PRO D 108 -8.03 -14.65 4.83
C PRO D 108 -9.50 -15.05 4.79
N GLY D 109 -9.76 -16.36 4.84
CA GLY D 109 -11.11 -16.90 4.76
C GLY D 109 -11.49 -17.39 3.37
N MET D 110 -11.03 -16.69 2.34
CA MET D 110 -11.35 -17.05 0.95
C MET D 110 -10.73 -18.38 0.53
N THR D 111 -11.41 -19.05 -0.40
CA THR D 111 -10.83 -20.17 -1.14
C THR D 111 -10.17 -19.59 -2.38
N ARG D 112 -9.35 -20.40 -3.06
CA ARG D 112 -8.74 -19.96 -4.31
C ARG D 112 -9.82 -19.77 -5.37
N ASP D 113 -10.90 -20.54 -5.27
CA ASP D 113 -12.03 -20.44 -6.20
C ASP D 113 -12.79 -19.12 -6.08
N ASP D 114 -12.76 -18.49 -4.90
CA ASP D 114 -13.34 -17.16 -4.71
C ASP D 114 -12.68 -16.09 -5.60
N LEU D 115 -11.48 -16.38 -6.10
CA LEU D 115 -10.76 -15.46 -7.00
C LEU D 115 -11.19 -15.56 -8.46
N PHE D 116 -11.98 -16.59 -8.79
CA PHE D 116 -12.30 -16.94 -10.17
C PHE D 116 -12.84 -15.78 -11.00
N ASN D 117 -13.84 -15.09 -10.46
CA ASN D 117 -14.55 -14.06 -11.23
C ASN D 117 -13.71 -12.83 -11.60
N THR D 118 -12.56 -12.66 -10.95
CA THR D 118 -11.59 -11.65 -11.36
C THR D 118 -10.54 -12.30 -12.27
N ASN D 119 -9.87 -13.33 -11.77
CA ASN D 119 -8.71 -13.91 -12.46
C ASN D 119 -9.01 -14.65 -13.76
N ALA D 120 -10.23 -15.17 -13.91
CA ALA D 120 -10.62 -15.87 -15.14
C ALA D 120 -10.41 -14.97 -16.37
N THR D 121 -10.94 -13.76 -16.31
CA THR D 121 -10.84 -12.80 -17.42
C THR D 121 -9.40 -12.35 -17.67
N ILE D 122 -8.65 -12.17 -16.59
CA ILE D 122 -7.24 -11.81 -16.67
C ILE D 122 -6.47 -12.90 -17.44
N VAL D 123 -6.63 -14.15 -17.02
CA VAL D 123 -5.94 -15.27 -17.65
C VAL D 123 -6.36 -15.45 -19.11
N ALA D 124 -7.66 -15.38 -19.37
CA ALA D 124 -8.17 -15.51 -20.73
C ALA D 124 -7.58 -14.47 -21.66
N THR D 125 -7.50 -13.22 -21.18
CA THR D 125 -6.93 -12.13 -21.98
C THR D 125 -5.46 -12.38 -22.26
N LEU D 126 -4.70 -12.63 -21.20
CA LEU D 126 -3.25 -12.80 -21.32
C LEU D 126 -2.88 -14.05 -22.13
N THR D 127 -3.61 -15.14 -21.96
CA THR D 127 -3.33 -16.37 -22.72
C THR D 127 -3.74 -16.24 -24.19
N ALA D 128 -4.79 -15.45 -24.46
CA ALA D 128 -5.18 -15.17 -25.84
C ALA D 128 -4.06 -14.44 -26.58
N ALA D 129 -3.42 -13.49 -25.89
CA ALA D 129 -2.25 -12.79 -26.44
C ALA D 129 -1.08 -13.73 -26.69
N CYS D 130 -0.86 -14.68 -25.77
CA CYS D 130 0.18 -15.70 -25.94
C CYS D 130 -0.10 -16.55 -27.18
N ALA D 131 -1.33 -17.04 -27.29
CA ALA D 131 -1.76 -17.83 -28.44
C ALA D 131 -1.54 -17.07 -29.76
N GLN D 132 -1.73 -15.76 -29.73
CA GLN D 132 -1.55 -14.92 -30.91
C GLN D 132 -0.09 -14.62 -31.23
N HIS D 133 0.75 -14.49 -30.20
CA HIS D 133 2.10 -13.92 -30.38
C HIS D 133 3.28 -14.84 -30.10
N CYS D 134 3.09 -15.87 -29.26
CA CYS D 134 4.13 -16.88 -29.04
C CYS D 134 3.47 -18.24 -28.78
N PRO D 135 2.69 -18.72 -29.76
CA PRO D 135 1.93 -19.97 -29.61
C PRO D 135 2.80 -21.20 -29.33
N GLU D 136 4.08 -21.13 -29.68
CA GLU D 136 5.02 -22.24 -29.50
C GLU D 136 5.65 -22.27 -28.10
N ALA D 137 5.41 -21.25 -27.29
CA ALA D 137 6.07 -21.13 -25.99
C ALA D 137 5.45 -22.06 -24.95
N MET D 138 6.23 -22.38 -23.92
CA MET D 138 5.70 -23.06 -22.74
C MET D 138 4.92 -22.03 -21.93
N ILE D 139 3.67 -22.36 -21.58
CA ILE D 139 2.81 -21.47 -20.81
C ILE D 139 2.68 -22.00 -19.37
N CYS D 140 3.23 -21.25 -18.41
CA CYS D 140 3.17 -21.64 -17.00
C CYS D 140 2.25 -20.68 -16.24
N VAL D 141 1.08 -21.18 -15.85
CA VAL D 141 0.07 -20.37 -15.18
C VAL D 141 0.24 -20.51 -13.68
N ILE D 142 0.50 -19.39 -13.02
CA ILE D 142 0.55 -19.34 -11.55
C ILE D 142 -0.79 -18.85 -11.01
N ALA D 143 -1.42 -17.90 -11.70
CA ALA D 143 -2.67 -17.28 -11.23
C ALA D 143 -3.73 -18.28 -10.79
N ASN D 144 -4.43 -17.96 -9.71
CA ASN D 144 -5.42 -18.85 -9.12
C ASN D 144 -6.85 -18.51 -9.54
N PRO D 145 -7.78 -19.48 -9.41
CA PRO D 145 -7.54 -20.86 -9.01
C PRO D 145 -6.98 -21.69 -10.17
N VAL D 146 -5.81 -22.30 -9.95
CA VAL D 146 -5.11 -23.08 -10.98
C VAL D 146 -5.99 -24.19 -11.57
N ASN D 147 -6.83 -24.81 -10.73
CA ASN D 147 -7.72 -25.88 -11.17
C ASN D 147 -8.72 -25.45 -12.25
N SER D 148 -9.00 -24.15 -12.33
CA SER D 148 -9.85 -23.61 -13.37
C SER D 148 -9.09 -22.81 -14.44
N THR D 149 -7.99 -22.14 -14.05
CA THR D 149 -7.30 -21.24 -14.97
C THR D 149 -6.49 -21.97 -16.05
N ILE D 150 -6.02 -23.17 -15.75
CA ILE D 150 -5.37 -23.99 -16.78
C ILE D 150 -6.39 -24.44 -17.83
N PRO D 151 -7.55 -24.98 -17.39
CA PRO D 151 -8.59 -25.27 -18.38
C PRO D 151 -8.98 -24.09 -19.26
N ILE D 152 -9.03 -22.88 -18.68
CA ILE D 152 -9.29 -21.66 -19.45
C ILE D 152 -8.20 -21.44 -20.50
N THR D 153 -6.94 -21.62 -20.10
CA THR D 153 -5.81 -21.45 -21.01
C THR D 153 -5.89 -22.41 -22.21
N ALA D 154 -6.18 -23.68 -21.92
CA ALA D 154 -6.30 -24.70 -22.97
C ALA D 154 -7.39 -24.35 -23.97
N GLU D 155 -8.58 -24.02 -23.46
CA GLU D 155 -9.70 -23.67 -24.33
C GLU D 155 -9.44 -22.41 -25.14
N VAL D 156 -8.72 -21.45 -24.55
CA VAL D 156 -8.33 -20.23 -25.28
C VAL D 156 -7.36 -20.58 -26.42
N PHE D 157 -6.36 -21.40 -26.13
CA PHE D 157 -5.45 -21.87 -27.17
C PHE D 157 -6.17 -22.68 -28.26
N LYS D 158 -7.16 -23.48 -27.86
CA LYS D 158 -7.99 -24.24 -28.80
C LYS D 158 -8.77 -23.32 -29.75
N LYS D 159 -9.35 -22.25 -29.20
CA LYS D 159 -10.08 -21.27 -30.00
C LYS D 159 -9.22 -20.60 -31.08
N HIS D 160 -7.93 -20.48 -30.81
CA HIS D 160 -6.99 -19.91 -31.78
C HIS D 160 -6.35 -20.99 -32.66
N GLY D 161 -6.73 -22.24 -32.45
CA GLY D 161 -6.24 -23.37 -33.25
C GLY D 161 -4.76 -23.67 -33.05
N VAL D 162 -4.26 -23.42 -31.84
CA VAL D 162 -2.84 -23.61 -31.54
C VAL D 162 -2.63 -24.40 -30.25
N TYR D 163 -3.58 -25.26 -29.91
CA TYR D 163 -3.51 -26.02 -28.66
C TYR D 163 -2.48 -27.13 -28.72
N ASN D 164 -1.50 -27.07 -27.82
CA ASN D 164 -0.53 -28.14 -27.62
C ASN D 164 -0.48 -28.49 -26.13
N PRO D 165 -1.07 -29.65 -25.75
CA PRO D 165 -1.18 -30.02 -24.34
C PRO D 165 0.15 -30.35 -23.66
N ASN D 166 1.21 -30.55 -24.45
CA ASN D 166 2.54 -30.78 -23.90
C ASN D 166 3.23 -29.50 -23.41
N LYS D 167 2.62 -28.34 -23.65
CA LYS D 167 3.27 -27.04 -23.37
C LYS D 167 2.52 -26.13 -22.39
N ILE D 168 1.45 -26.62 -21.79
CA ILE D 168 0.63 -25.82 -20.88
C ILE D 168 0.68 -26.40 -19.47
N PHE D 169 1.18 -25.61 -18.52
CA PHE D 169 1.49 -26.08 -17.17
C PHE D 169 0.88 -25.24 -16.06
N GLY D 170 0.10 -25.89 -15.19
CA GLY D 170 -0.35 -25.30 -13.95
C GLY D 170 0.69 -25.52 -12.88
N VAL D 171 1.25 -24.44 -12.35
CA VAL D 171 2.36 -24.52 -11.41
C VAL D 171 1.86 -24.90 -10.02
N THR D 172 2.07 -26.16 -9.66
CA THR D 172 1.71 -26.70 -8.36
C THR D 172 2.95 -26.92 -7.51
N THR D 173 4.09 -26.49 -8.04
CA THR D 173 5.39 -26.78 -7.45
C THR D 173 5.49 -26.43 -5.98
N LEU D 174 4.81 -25.37 -5.54
CA LEU D 174 4.89 -24.96 -4.14
C LEU D 174 4.34 -26.04 -3.20
N ASP D 175 3.36 -26.79 -3.65
CA ASP D 175 2.85 -27.94 -2.87
C ASP D 175 3.96 -28.96 -2.60
N ILE D 176 4.78 -29.23 -3.61
CA ILE D 176 5.86 -30.23 -3.49
C ILE D 176 6.95 -29.69 -2.55
N VAL D 177 7.30 -28.42 -2.72
CA VAL D 177 8.30 -27.75 -1.89
C VAL D 177 7.87 -27.78 -0.41
N ARG D 178 6.62 -27.43 -0.16
CA ARG D 178 6.06 -27.49 1.20
C ARG D 178 6.12 -28.89 1.78
N ALA D 179 5.64 -29.87 1.03
CA ALA D 179 5.66 -31.27 1.47
C ALA D 179 7.06 -31.69 1.87
N ASN D 180 8.04 -31.36 1.02
CA ASN D 180 9.45 -31.66 1.28
C ASN D 180 9.94 -31.05 2.60
N THR D 181 9.59 -29.78 2.82
CA THR D 181 10.00 -29.07 4.02
C THR D 181 9.37 -29.70 5.27
N PHE D 182 8.08 -29.97 5.22
CA PHE D 182 7.36 -30.51 6.37
C PHE D 182 7.80 -31.94 6.73
N VAL D 183 7.99 -32.79 5.72
CA VAL D 183 8.51 -34.14 5.93
C VAL D 183 9.91 -34.08 6.55
N ALA D 184 10.78 -33.27 5.95
CA ALA D 184 12.15 -33.09 6.44
C ALA D 184 12.19 -32.60 7.88
N GLU D 185 11.31 -31.65 8.21
CA GLU D 185 11.18 -31.14 9.58
C GLU D 185 10.88 -32.27 10.57
N LEU D 186 9.82 -33.02 10.29
CA LEU D 186 9.35 -34.07 11.19
C LEU D 186 10.37 -35.22 11.35
N LYS D 187 11.13 -35.51 10.30
CA LYS D 187 12.09 -36.62 10.30
C LYS D 187 13.55 -36.20 10.45
N GLY D 188 13.78 -34.93 10.78
CA GLY D 188 15.15 -34.42 10.97
C GLY D 188 16.06 -34.61 9.77
N LEU D 189 15.51 -34.46 8.58
CA LEU D 189 16.26 -34.62 7.34
C LEU D 189 16.62 -33.27 6.73
N ASP D 190 17.52 -33.30 5.75
CA ASP D 190 17.83 -32.11 4.98
C ASP D 190 16.76 -32.00 3.88
N PRO D 191 15.96 -30.92 3.90
CA PRO D 191 14.87 -30.80 2.91
C PRO D 191 15.33 -30.77 1.46
N ALA D 192 16.59 -30.44 1.21
CA ALA D 192 17.14 -30.40 -0.14
C ALA D 192 17.30 -31.79 -0.79
N ARG D 193 17.27 -32.85 0.02
CA ARG D 193 17.34 -34.23 -0.49
C ARG D 193 16.06 -35.03 -0.21
N VAL D 194 14.96 -34.33 0.09
CA VAL D 194 13.65 -34.96 0.22
C VAL D 194 12.85 -34.64 -1.04
N ASN D 195 12.12 -35.65 -1.54
CA ASN D 195 11.24 -35.47 -2.69
C ASN D 195 9.90 -36.18 -2.47
N VAL D 196 8.85 -35.38 -2.33
CA VAL D 196 7.50 -35.89 -2.09
C VAL D 196 6.62 -35.57 -3.30
N PRO D 197 6.18 -36.59 -4.03
CA PRO D 197 5.22 -36.34 -5.11
C PRO D 197 3.89 -35.82 -4.57
N VAL D 198 3.33 -34.82 -5.23
CA VAL D 198 2.00 -34.32 -4.90
C VAL D 198 1.17 -34.32 -6.18
N ILE D 199 -0.02 -34.89 -6.11
CA ILE D 199 -0.87 -35.08 -7.29
C ILE D 199 -2.24 -34.43 -7.12
N GLY D 200 -3.02 -34.44 -8.19
CA GLY D 200 -4.38 -33.93 -8.18
C GLY D 200 -4.47 -32.52 -8.69
N GLY D 201 -4.65 -31.58 -7.77
CA GLY D 201 -4.75 -30.17 -8.10
C GLY D 201 -4.17 -29.26 -7.03
N HIS D 202 -4.51 -27.98 -7.15
CA HIS D 202 -3.99 -26.95 -6.24
C HIS D 202 -5.14 -26.23 -5.56
N ALA D 203 -5.85 -26.96 -4.70
CA ALA D 203 -6.94 -26.40 -3.90
C ALA D 203 -7.39 -27.41 -2.85
N GLY D 204 -7.14 -27.09 -1.58
CA GLY D 204 -7.66 -27.86 -0.44
C GLY D 204 -7.45 -29.36 -0.53
N LYS D 205 -8.55 -30.10 -0.57
CA LYS D 205 -8.50 -31.57 -0.58
C LYS D 205 -8.00 -32.15 -1.90
N THR D 206 -7.98 -31.33 -2.97
CA THR D 206 -7.45 -31.81 -4.26
C THR D 206 -5.92 -31.86 -4.26
N ILE D 207 -5.30 -31.23 -3.25
CA ILE D 207 -3.86 -31.37 -3.03
C ILE D 207 -3.62 -32.70 -2.33
N ILE D 208 -2.98 -33.64 -3.04
CA ILE D 208 -2.83 -35.00 -2.53
C ILE D 208 -1.34 -35.38 -2.47
N PRO D 209 -0.74 -35.25 -1.28
CA PRO D 209 0.67 -35.62 -1.14
C PRO D 209 0.85 -37.13 -1.02
N LEU D 210 1.62 -37.72 -1.93
CA LEU D 210 1.88 -39.15 -1.92
C LEU D 210 3.08 -39.43 -1.03
N ILE D 211 2.83 -39.46 0.29
CA ILE D 211 3.89 -39.69 1.27
C ILE D 211 4.47 -41.11 1.11
N SER D 212 3.67 -42.05 0.63
CA SER D 212 4.13 -43.42 0.37
C SER D 212 5.24 -43.48 -0.68
N GLN D 213 5.22 -42.54 -1.63
CA GLN D 213 6.23 -42.48 -2.68
C GLN D 213 7.42 -41.57 -2.34
N CYS D 214 7.44 -41.02 -1.13
CA CYS D 214 8.51 -40.10 -0.72
C CYS D 214 9.88 -40.78 -0.77
N THR D 215 10.89 -40.05 -1.25
CA THR D 215 12.28 -40.50 -1.13
C THR D 215 13.06 -39.47 -0.31
N PRO D 216 13.78 -39.94 0.74
CA PRO D 216 13.93 -41.33 1.16
C PRO D 216 12.64 -41.82 1.82
N LYS D 217 12.54 -43.13 2.00
CA LYS D 217 11.32 -43.72 2.55
C LYS D 217 11.11 -43.23 3.98
N VAL D 218 9.86 -42.93 4.30
CA VAL D 218 9.47 -42.48 5.63
C VAL D 218 8.15 -43.12 5.99
N ASP D 219 7.92 -43.34 7.27
CA ASP D 219 6.65 -43.86 7.75
C ASP D 219 6.21 -43.12 8.99
N PHE D 220 4.94 -42.73 9.01
CA PHE D 220 4.35 -42.00 10.13
C PHE D 220 3.19 -42.82 10.67
N PRO D 221 2.93 -42.69 11.98
CA PRO D 221 1.64 -43.15 12.48
C PRO D 221 0.50 -42.45 11.74
N GLN D 222 -0.68 -43.07 11.69
CA GLN D 222 -1.77 -42.54 10.87
C GLN D 222 -2.24 -41.16 11.32
N ASP D 223 -2.34 -40.96 12.64
CA ASP D 223 -2.74 -39.66 13.20
C ASP D 223 -1.76 -38.54 12.79
N GLN D 224 -0.47 -38.84 12.78
CA GLN D 224 0.54 -37.91 12.27
C GLN D 224 0.40 -37.67 10.78
N LEU D 225 0.25 -38.75 10.01
CA LEU D 225 0.15 -38.68 8.56
C LEU D 225 -1.05 -37.83 8.12
N THR D 226 -2.16 -37.96 8.82
CA THR D 226 -3.34 -37.15 8.57
C THR D 226 -3.09 -35.68 8.91
N ALA D 227 -2.31 -35.43 9.97
CA ALA D 227 -1.94 -34.07 10.36
C ALA D 227 -0.99 -33.45 9.33
N LEU D 228 0.04 -34.21 8.96
CA LEU D 228 0.98 -33.79 7.91
C LEU D 228 0.24 -33.48 6.62
N THR D 229 -0.68 -34.36 6.24
CA THR D 229 -1.46 -34.21 5.01
C THR D 229 -2.35 -32.98 5.09
N GLY D 230 -2.94 -32.75 6.27
CA GLY D 230 -3.74 -31.54 6.51
C GLY D 230 -2.90 -30.27 6.40
N ARG D 231 -1.71 -30.31 7.01
CA ARG D 231 -0.78 -29.18 6.98
C ARG D 231 -0.44 -28.77 5.53
N ILE D 232 -0.08 -29.76 4.71
CA ILE D 232 0.28 -29.51 3.31
C ILE D 232 -0.89 -28.92 2.53
N GLN D 233 -2.07 -29.49 2.73
CA GLN D 233 -3.28 -29.05 2.03
C GLN D 233 -3.70 -27.61 2.37
N GLU D 234 -3.53 -27.21 3.63
CA GLU D 234 -3.95 -25.89 4.10
C GLU D 234 -2.81 -24.88 4.20
N ALA D 235 -1.62 -25.27 3.73
CA ALA D 235 -0.41 -24.44 3.86
C ALA D 235 -0.55 -23.04 3.26
N GLY D 236 -1.29 -22.94 2.16
CA GLY D 236 -1.56 -21.66 1.51
C GLY D 236 -2.41 -20.74 2.39
N THR D 237 -3.46 -21.30 2.98
CA THR D 237 -4.33 -20.56 3.91
C THR D 237 -3.54 -20.16 5.17
N GLU D 238 -2.68 -21.05 5.63
CA GLU D 238 -1.81 -20.78 6.79
C GLU D 238 -1.00 -19.51 6.58
N VAL D 239 -0.40 -19.35 5.40
CA VAL D 239 0.39 -18.16 5.09
C VAL D 239 -0.51 -16.93 4.92
N VAL D 240 -1.65 -17.11 4.25
CA VAL D 240 -2.61 -16.02 4.05
C VAL D 240 -3.05 -15.46 5.40
N LYS D 241 -3.42 -16.34 6.32
CA LYS D 241 -3.82 -15.95 7.67
C LYS D 241 -2.69 -15.24 8.40
N ALA D 242 -1.49 -15.78 8.29
CA ALA D 242 -0.32 -15.21 8.95
C ALA D 242 0.04 -13.81 8.44
N LYS D 243 -0.28 -13.53 7.17
CA LYS D 243 -0.07 -12.20 6.58
C LYS D 243 -1.22 -11.23 6.91
N ALA D 244 -2.34 -11.77 7.37
CA ALA D 244 -3.43 -10.99 7.96
C ALA D 244 -3.92 -9.86 7.05
N GLY D 245 -4.19 -10.22 5.79
CA GLY D 245 -4.69 -9.26 4.80
C GLY D 245 -3.65 -8.65 3.90
N ALA D 246 -2.36 -8.89 4.18
CA ALA D 246 -1.28 -8.31 3.38
C ALA D 246 -0.81 -9.24 2.25
N GLY D 247 -1.71 -10.09 1.77
CA GLY D 247 -1.43 -10.94 0.61
C GLY D 247 -1.21 -12.40 0.95
N SER D 248 -0.79 -13.17 -0.04
CA SER D 248 -0.57 -14.61 0.11
C SER D 248 0.91 -14.91 -0.10
N ALA D 249 1.28 -16.18 -0.11
CA ALA D 249 2.67 -16.58 -0.29
C ALA D 249 3.25 -15.92 -1.54
N THR D 250 4.40 -15.27 -1.37
CA THR D 250 5.04 -14.52 -2.45
C THR D 250 6.47 -15.01 -2.69
N LEU D 251 7.26 -15.04 -1.62
CA LEU D 251 8.67 -15.38 -1.70
C LEU D 251 8.89 -16.88 -1.96
N SER D 252 8.13 -17.71 -1.24
CA SER D 252 8.19 -19.16 -1.43
C SER D 252 7.60 -19.55 -2.78
N MET D 253 6.60 -18.80 -3.24
CA MET D 253 6.01 -19.03 -4.56
C MET D 253 6.96 -18.61 -5.67
N ALA D 254 7.74 -17.55 -5.44
CA ALA D 254 8.75 -17.12 -6.39
C ALA D 254 9.82 -18.21 -6.52
N TYR D 255 10.24 -18.75 -5.38
CA TYR D 255 11.18 -19.87 -5.35
C TYR D 255 10.61 -21.06 -6.14
N ALA D 256 9.35 -21.39 -5.87
CA ALA D 256 8.69 -22.55 -6.49
C ALA D 256 8.47 -22.34 -7.99
N GLY D 257 8.05 -21.14 -8.38
CA GLY D 257 7.89 -20.79 -9.78
C GLY D 257 9.21 -20.76 -10.54
N ALA D 258 10.27 -20.28 -9.89
CA ALA D 258 11.59 -20.24 -10.50
C ALA D 258 12.14 -21.65 -10.71
N ARG D 259 12.04 -22.47 -9.67
CA ARG D 259 12.43 -23.88 -9.75
C ARG D 259 11.77 -24.56 -10.97
N PHE D 260 10.46 -24.42 -11.09
CA PHE D 260 9.72 -25.05 -12.19
C PHE D 260 10.17 -24.55 -13.55
N VAL D 261 10.37 -23.24 -13.67
CA VAL D 261 10.86 -22.66 -14.91
C VAL D 261 12.28 -23.18 -15.21
N PHE D 262 13.14 -23.25 -14.20
CA PHE D 262 14.50 -23.76 -14.41
C PHE D 262 14.47 -25.23 -14.87
N SER D 263 13.66 -26.05 -14.21
CA SER D 263 13.48 -27.45 -14.60
C SER D 263 13.06 -27.53 -16.06
N LEU D 264 12.05 -26.73 -16.41
CA LEU D 264 11.54 -26.67 -17.77
C LEU D 264 12.59 -26.21 -18.78
N VAL D 265 13.37 -25.20 -18.42
CA VAL D 265 14.41 -24.68 -19.33
C VAL D 265 15.59 -25.65 -19.46
N ASP D 266 15.99 -26.28 -18.36
CA ASP D 266 17.02 -27.32 -18.39
C ASP D 266 16.65 -28.45 -19.36
N ALA D 267 15.40 -28.92 -19.25
CA ALA D 267 14.88 -29.97 -20.13
C ALA D 267 14.82 -29.52 -21.59
N MET D 268 14.50 -28.25 -21.83
CA MET D 268 14.51 -27.71 -23.19
C MET D 268 15.92 -27.67 -23.78
N ASN D 269 16.92 -27.56 -22.91
CA ASN D 269 18.32 -27.62 -23.33
C ASN D 269 18.86 -29.05 -23.41
N GLY D 270 17.99 -30.04 -23.20
CA GLY D 270 18.35 -31.45 -23.35
C GLY D 270 18.79 -32.13 -22.07
N LYS D 271 18.66 -31.46 -20.92
CA LYS D 271 19.01 -32.10 -19.65
C LYS D 271 18.03 -33.24 -19.41
N GLU D 272 18.56 -34.37 -18.96
CA GLU D 272 17.79 -35.60 -18.83
C GLU D 272 17.46 -35.89 -17.37
N GLY D 273 16.30 -36.50 -17.14
CA GLY D 273 15.90 -36.95 -15.81
C GLY D 273 15.17 -35.86 -15.04
N VAL D 274 14.81 -34.79 -15.71
CA VAL D 274 14.11 -33.67 -15.06
C VAL D 274 12.63 -34.02 -14.94
N VAL D 275 12.18 -34.11 -13.69
CA VAL D 275 10.80 -34.48 -13.38
C VAL D 275 10.19 -33.44 -12.44
N GLU D 276 9.02 -32.94 -12.80
CA GLU D 276 8.23 -32.03 -11.96
C GLU D 276 6.76 -32.42 -12.01
N CYS D 277 6.09 -32.34 -10.87
CA CYS D 277 4.64 -32.44 -10.83
C CYS D 277 4.06 -31.14 -11.38
N SER D 278 2.96 -31.23 -12.10
CA SER D 278 2.30 -30.05 -12.64
C SER D 278 0.89 -30.37 -13.11
N PHE D 279 -0.03 -29.42 -12.94
CA PHE D 279 -1.43 -29.58 -13.33
C PHE D 279 -1.54 -29.42 -14.84
N VAL D 280 -1.73 -30.54 -15.54
CA VAL D 280 -1.71 -30.56 -17.01
C VAL D 280 -2.86 -31.37 -17.59
N LYS D 281 -3.06 -31.22 -18.90
CA LYS D 281 -3.98 -32.09 -19.64
C LYS D 281 -3.56 -33.54 -19.38
N SER D 282 -4.50 -34.34 -18.88
CA SER D 282 -4.17 -35.67 -18.37
C SER D 282 -5.24 -36.70 -18.70
N GLN D 283 -4.82 -37.96 -18.81
CA GLN D 283 -5.73 -39.09 -18.97
C GLN D 283 -5.40 -40.20 -17.98
N GLU D 284 -4.85 -39.82 -16.83
CA GLU D 284 -4.50 -40.77 -15.77
C GLU D 284 -5.73 -41.08 -14.91
N THR D 285 -6.68 -40.15 -14.87
CA THR D 285 -7.96 -40.32 -14.17
C THR D 285 -9.09 -39.87 -15.08
N GLU D 286 -10.32 -39.85 -14.56
CA GLU D 286 -11.47 -39.36 -15.32
C GLU D 286 -11.47 -37.84 -15.50
N CYS D 287 -10.63 -37.13 -14.72
CA CYS D 287 -10.47 -35.68 -14.87
C CYS D 287 -9.66 -35.35 -16.12
N THR D 288 -10.11 -34.35 -16.87
CA THR D 288 -9.42 -33.91 -18.09
C THR D 288 -8.08 -33.26 -17.79
N TYR D 289 -7.98 -32.67 -16.60
CA TYR D 289 -6.73 -32.09 -16.11
C TYR D 289 -6.43 -32.65 -14.74
N PHE D 290 -5.15 -32.88 -14.46
CA PHE D 290 -4.72 -33.54 -13.25
C PHE D 290 -3.21 -33.34 -13.11
N SER D 291 -2.72 -33.31 -11.88
CA SER D 291 -1.28 -33.16 -11.66
C SER D 291 -0.64 -34.48 -11.28
N THR D 292 0.43 -34.82 -11.99
CA THR D 292 1.22 -36.02 -11.71
C THR D 292 2.67 -35.68 -12.02
N PRO D 293 3.61 -36.51 -11.56
CA PRO D 293 5.00 -36.29 -11.96
C PRO D 293 5.14 -36.38 -13.48
N LEU D 294 5.82 -35.42 -14.08
CA LEU D 294 6.00 -35.36 -15.51
C LEU D 294 7.48 -35.35 -15.82
N LEU D 295 7.92 -36.25 -16.70
CA LEU D 295 9.26 -36.15 -17.26
C LEU D 295 9.22 -35.05 -18.31
N LEU D 296 10.02 -34.02 -18.11
CA LEU D 296 10.06 -32.86 -19.01
C LEU D 296 11.13 -33.07 -20.07
N GLY D 297 10.83 -32.65 -21.29
CA GLY D 297 11.76 -32.80 -22.40
C GLY D 297 11.86 -31.56 -23.26
N LYS D 298 12.49 -31.73 -24.42
CA LYS D 298 12.72 -30.61 -25.34
C LYS D 298 11.42 -30.05 -25.93
N LYS D 299 10.38 -30.88 -26.00
CA LYS D 299 9.07 -30.47 -26.51
C LYS D 299 8.06 -30.10 -25.41
N GLY D 300 8.50 -30.08 -24.15
CA GLY D 300 7.60 -29.84 -23.03
C GLY D 300 7.45 -31.11 -22.22
N ILE D 301 6.23 -31.64 -22.16
CA ILE D 301 6.00 -32.92 -21.50
C ILE D 301 6.56 -34.04 -22.38
N GLU D 302 7.55 -34.76 -21.86
CA GLU D 302 8.15 -35.90 -22.54
C GLU D 302 7.31 -37.13 -22.28
N LYS D 303 7.00 -37.36 -21.01
CA LYS D 303 6.14 -38.46 -20.60
C LYS D 303 5.47 -38.10 -19.27
N ASN D 304 4.16 -38.32 -19.21
CA ASN D 304 3.43 -38.27 -17.93
C ASN D 304 3.75 -39.55 -17.18
N LEU D 305 4.37 -39.43 -16.01
CA LEU D 305 4.79 -40.61 -15.25
C LEU D 305 3.65 -41.22 -14.43
N GLY D 306 2.48 -40.60 -14.45
CA GLY D 306 1.28 -41.16 -13.84
C GLY D 306 1.26 -41.11 -12.32
N ILE D 307 0.15 -41.60 -11.76
CA ILE D 307 -0.05 -41.63 -10.31
C ILE D 307 0.83 -42.70 -9.66
N GLY D 308 0.89 -43.87 -10.30
CA GLY D 308 1.70 -44.97 -9.79
C GLY D 308 1.05 -45.69 -8.64
N LYS D 309 1.84 -46.48 -7.93
CA LYS D 309 1.37 -47.29 -6.81
C LYS D 309 1.23 -46.43 -5.56
N VAL D 310 0.04 -46.45 -4.95
CA VAL D 310 -0.29 -45.61 -3.81
C VAL D 310 -0.94 -46.44 -2.71
N SER D 311 -1.02 -45.88 -1.50
CA SER D 311 -1.69 -46.55 -0.39
C SER D 311 -3.20 -46.37 -0.52
N SER D 312 -3.95 -47.12 0.29
CA SER D 312 -5.40 -46.98 0.34
C SER D 312 -5.83 -45.61 0.87
N PHE D 313 -5.07 -45.06 1.83
CA PHE D 313 -5.27 -43.69 2.30
C PHE D 313 -5.20 -42.70 1.13
N GLU D 314 -4.15 -42.82 0.33
CA GLU D 314 -3.95 -41.96 -0.83
C GLU D 314 -5.00 -42.17 -1.92
N GLU D 315 -5.36 -43.43 -2.17
CA GLU D 315 -6.44 -43.76 -3.12
C GLU D 315 -7.76 -43.11 -2.72
N LYS D 316 -8.09 -43.16 -1.43
CA LYS D 316 -9.32 -42.54 -0.92
C LYS D 316 -9.34 -41.05 -1.20
N MET D 317 -8.21 -40.39 -0.94
CA MET D 317 -8.08 -38.95 -1.21
C MET D 317 -8.27 -38.63 -2.69
N ILE D 318 -7.64 -39.41 -3.55
CA ILE D 318 -7.83 -39.25 -5.01
C ILE D 318 -9.33 -39.31 -5.31
N SER D 319 -9.97 -40.40 -4.90
CA SER D 319 -11.41 -40.58 -5.08
C SER D 319 -12.23 -39.40 -4.51
N ASP D 320 -11.88 -38.95 -3.31
CA ASP D 320 -12.56 -37.81 -2.68
C ASP D 320 -12.38 -36.50 -3.46
N ALA D 321 -11.27 -36.38 -4.18
CA ALA D 321 -10.92 -35.13 -4.88
C ALA D 321 -11.59 -34.96 -6.26
N ILE D 322 -11.93 -36.06 -6.92
CA ILE D 322 -12.46 -36.02 -8.30
C ILE D 322 -13.64 -35.06 -8.50
N PRO D 323 -14.66 -35.13 -7.63
CA PRO D 323 -15.83 -34.25 -7.82
C PRO D 323 -15.48 -32.77 -7.84
N GLU D 324 -14.61 -32.34 -6.92
CA GLU D 324 -14.18 -30.94 -6.86
C GLU D 324 -13.36 -30.56 -8.09
N LEU D 325 -12.36 -31.38 -8.42
CA LEU D 325 -11.53 -31.15 -9.61
C LEU D 325 -12.38 -30.99 -10.86
N LYS D 326 -13.29 -31.93 -11.08
CA LYS D 326 -14.22 -31.89 -12.22
C LYS D 326 -15.01 -30.58 -12.27
N ALA D 327 -15.52 -30.15 -11.12
CA ALA D 327 -16.33 -28.94 -11.03
C ALA D 327 -15.51 -27.70 -11.41
N SER D 328 -14.29 -27.61 -10.90
CA SER D 328 -13.40 -26.48 -11.20
C SER D 328 -13.03 -26.44 -12.68
N ILE D 329 -12.78 -27.62 -13.24
CA ILE D 329 -12.46 -27.75 -14.67
C ILE D 329 -13.64 -27.25 -15.51
N LYS D 330 -14.83 -27.76 -15.24
CA LYS D 330 -16.05 -27.37 -15.97
C LYS D 330 -16.29 -25.86 -15.90
N LYS D 331 -16.10 -25.30 -14.70
CA LYS D 331 -16.23 -23.86 -14.48
C LYS D 331 -15.34 -23.07 -15.45
N GLY D 332 -14.07 -23.46 -15.55
CA GLY D 332 -13.12 -22.80 -16.45
C GLY D 332 -13.54 -22.94 -17.91
N GLU D 333 -13.87 -24.17 -18.29
CA GLU D 333 -14.35 -24.46 -19.64
C GLU D 333 -15.58 -23.64 -20.00
N ASP D 334 -16.57 -23.64 -19.10
CA ASP D 334 -17.83 -22.92 -19.34
C ASP D 334 -17.64 -21.41 -19.48
N PHE D 335 -16.61 -20.87 -18.81
CA PHE D 335 -16.32 -19.43 -18.88
C PHE D 335 -15.86 -19.01 -20.28
N VAL D 336 -14.99 -19.81 -20.89
CA VAL D 336 -14.44 -19.49 -22.21
C VAL D 336 -15.50 -19.60 -23.29
N LYS D 337 -16.48 -20.49 -23.08
CA LYS D 337 -17.58 -20.68 -24.00
C LYS D 337 -18.56 -19.50 -24.06
N THR D 338 -18.46 -18.57 -23.09
CA THR D 338 -19.28 -17.35 -23.10
C THR D 338 -18.54 -16.12 -23.68
N LEU D 339 -17.39 -16.34 -24.31
CA LEU D 339 -16.64 -15.24 -24.93
C LEU D 339 -16.91 -15.22 -26.43
C1 LMR E . 0.77 18.73 9.48
O1A LMR E . 0.16 17.72 9.93
O1B LMR E . 1.04 19.76 10.13
C2 LMR E . 1.16 18.68 8.01
O2 LMR E . 2.04 19.77 7.68
C3 LMR E . 1.80 17.33 7.63
C4 LMR E . 3.13 17.12 8.34
O4A LMR E . 3.28 17.71 9.44
O4B LMR E . 3.96 16.40 7.78
PA NAD F . -0.29 11.19 -0.22
O1A NAD F . 0.94 10.51 -0.65
O2A NAD F . -1.37 10.42 0.42
O5B NAD F . -0.94 11.93 -1.47
C5B NAD F . -0.14 12.75 -2.29
C4B NAD F . -0.86 12.83 -3.62
O4B NAD F . -0.06 13.72 -4.45
C3B NAD F . -0.85 11.46 -4.33
O3B NAD F . -2.19 11.08 -4.72
C2B NAD F . 0.01 11.70 -5.54
O2B NAD F . -0.45 10.98 -6.67
C1B NAD F . -0.17 13.18 -5.77
N9A NAD F . 0.85 13.72 -6.71
C8A NAD F . 2.17 13.59 -6.64
N7A NAD F . 2.69 14.22 -7.70
C5A NAD F . 1.69 14.72 -8.41
C6A NAD F . 1.68 15.44 -9.55
N6A NAD F . 2.85 15.71 -10.09
N1A NAD F . 0.53 15.86 -10.11
C2A NAD F . -0.68 15.54 -9.48
N3A NAD F . -0.64 14.80 -8.30
C4A NAD F . 0.54 14.41 -7.80
O3 NAD F . 0.18 12.40 0.75
PN NAD F . -0.81 13.36 1.56
O1N NAD F . -0.95 12.83 2.95
O2N NAD F . -2.03 13.62 0.77
O5D NAD F . 0.10 14.70 1.66
C5D NAD F . 0.39 15.44 0.46
C4D NAD F . 1.23 16.65 0.84
O4D NAD F . 0.51 17.51 1.77
C3D NAD F . 2.53 16.26 1.55
O3D NAD F . 3.59 17.05 1.01
C2D NAD F . 2.27 16.65 2.99
O2D NAD F . 3.48 16.93 3.69
C1D NAD F . 1.47 17.92 2.74
N1N NAD F . 0.67 18.40 3.88
C2N NAD F . 0.60 19.77 4.17
C3N NAD F . -0.17 20.24 5.22
C7N NAD F . -0.26 21.60 5.53
O7N NAD F . -0.26 21.93 6.86
N7N NAD F . -0.40 22.46 4.51
C4N NAD F . -0.89 19.32 5.98
C5N NAD F . -0.82 17.96 5.70
C6N NAD F . -0.04 17.50 4.65
C1 LMR G . -21.42 -0.48 -3.53
O1A LMR G . -20.60 0.38 -3.91
O1B LMR G . -22.58 -0.64 -3.97
C2 LMR G . -20.99 -1.41 -2.40
O2 LMR G . -21.90 -2.49 -2.26
C3 LMR G . -19.53 -1.91 -2.57
C4 LMR G . -19.40 -2.91 -3.71
O4A LMR G . -20.13 -2.73 -4.71
O4B LMR G . -18.57 -3.84 -3.55
PA NAD H . -10.96 -1.56 3.01
O1A NAD H . -10.17 -2.81 2.87
O2A NAD H . -10.46 -0.32 2.41
O5B NAD H . -11.15 -1.32 4.58
C5B NAD H . -11.63 -2.35 5.40
C4B NAD H . -11.05 -2.14 6.81
O4B NAD H . -11.59 -3.25 7.58
C3B NAD H . -9.52 -2.25 6.87
O3B NAD H . -8.96 -1.18 7.65
C2B NAD H . -9.30 -3.58 7.56
O2B NAD H . -8.13 -3.60 8.38
C1B NAD H . -10.55 -3.67 8.45
N9A NAD H . -10.72 -5.04 8.98
C8A NAD H . -10.71 -6.19 8.28
N7A NAD H . -10.89 -7.18 9.15
C5A NAD H . -10.99 -6.68 10.37
C6A NAD H . -11.18 -7.26 11.56
N6A NAD H . -11.28 -8.59 11.56
N1A NAD H . -11.27 -6.55 12.69
C2A NAD H . -11.15 -5.15 12.61
N3A NAD H . -10.96 -4.57 11.34
C4A NAD H . -10.88 -5.35 10.27
O3 NAD H . -12.41 -1.88 2.44
PN NAD H . -13.58 -0.78 2.32
O1N NAD H . -13.55 -0.16 0.98
O2N NAD H . -13.54 0.07 3.52
O5D NAD H . -14.89 -1.75 2.37
C5D NAD H . -15.29 -2.34 3.61
C4D NAD H . -16.52 -3.20 3.33
O4D NAD H . -17.64 -2.32 3.02
C3D NAD H . -16.35 -4.11 2.11
O3D NAD H . -16.89 -5.41 2.43
C2D NAD H . -17.21 -3.46 1.05
O2D NAD H . -17.73 -4.41 0.11
C1D NAD H . -18.34 -2.91 1.90
N1N NAD H . -19.17 -1.84 1.27
C2N NAD H . -20.56 -1.82 1.53
C3N NAD H . -21.39 -0.83 0.97
C7N NAD H . -22.77 -0.81 1.21
O7N NAD H . -23.56 -0.31 0.22
N7N NAD H . -23.22 -1.28 2.39
C4N NAD H . -20.79 0.15 0.18
C5N NAD H . -19.43 0.15 -0.07
C6N NAD H . -18.61 -0.84 0.46
C1 LMR I . 21.05 2.63 -4.62
O1A LMR I . 22.23 2.94 -4.87
O1B LMR I . 20.20 2.20 -5.44
C2 LMR I . 20.61 2.74 -3.17
O2 LMR I . 21.60 3.43 -2.39
C3 LMR I . 19.22 3.39 -2.98
C4 LMR I . 19.19 4.84 -3.43
O4A LMR I . 18.31 5.56 -2.92
O4B LMR I . 20.03 5.21 -4.29
PA NAD J . 11.24 -0.04 2.38
O1A NAD J . 10.48 1.08 2.96
O2A NAD J . 10.62 -0.86 1.31
O5B NAD J . 11.64 -1.04 3.56
C5B NAD J . 12.31 -0.61 4.71
C4B NAD J . 11.89 -1.57 5.83
O4B NAD J . 12.52 -1.08 7.04
C3B NAD J . 10.37 -1.55 6.09
O3B NAD J . 9.88 -2.90 6.27
C2B NAD J . 10.26 -0.80 7.39
O2B NAD J . 9.14 -1.25 8.17
C1B NAD J . 11.55 -1.18 8.08
N9A NAD J . 11.80 -0.28 9.24
C8A NAD J . 11.70 1.05 9.30
N7A NAD J . 11.99 1.44 10.54
C5A NAD J . 12.26 0.34 11.25
C6A NAD J . 12.61 0.20 12.54
N6A NAD J . 12.71 1.30 13.26
N1A NAD J . 12.85 -1.01 13.06
C2A NAD J . 12.72 -2.14 12.23
N3A NAD J . 12.35 -1.95 10.90
C4A NAD J . 12.14 -0.71 10.45
O3 NAD J . 12.66 0.56 1.87
PN NAD J . 13.82 -0.28 1.09
O1N NAD J . 13.63 -0.11 -0.36
O2N NAD J . 13.88 -1.64 1.64
O5D NAD J . 15.11 0.59 1.52
C5D NAD J . 15.61 0.52 2.85
C4D NAD J . 16.86 1.38 2.92
O4D NAD J . 17.97 0.84 2.15
C3D NAD J . 16.61 2.80 2.36
O3D NAD J . 17.14 3.75 3.27
C2D NAD J . 17.40 2.82 1.08
O2D NAD J . 17.82 4.16 0.76
C1D NAD J . 18.60 1.96 1.50
N1N NAD J . 19.40 1.40 0.38
C2N NAD J . 20.80 1.36 0.45
C3N NAD J . 21.56 0.80 -0.58
C7N NAD J . 22.95 0.75 -0.56
O7N NAD J . 23.59 0.92 -1.75
N7N NAD J . 23.55 0.49 0.61
C4N NAD J . 20.89 0.27 -1.68
C5N NAD J . 19.50 0.29 -1.75
C6N NAD J . 18.75 0.85 -0.73
C1 LMR K . -0.42 -20.98 -2.24
O1A LMR K . -0.65 -22.19 -2.38
O1B LMR K . 0.20 -20.45 -1.27
C2 LMR K . -0.86 -20.06 -3.37
O2 LMR K . -1.74 -20.75 -4.27
C3 LMR K . -1.49 -18.76 -2.84
C4 LMR K . -2.78 -19.03 -2.08
O4A LMR K . -3.73 -18.24 -2.29
O4B LMR K . -2.79 -20.01 -1.30
PA NAD L . -0.18 -9.33 -6.27
O1A NAD L . -1.41 -8.51 -6.16
O2A NAD L . 0.98 -9.03 -5.38
O5B NAD L . 0.30 -9.32 -7.79
C5B NAD L . -0.68 -8.97 -8.73
C4B NAD L . 0.05 -8.51 -9.98
O4B NAD L . -0.75 -8.87 -11.14
C3B NAD L . 0.15 -6.99 -9.93
O3B NAD L . 1.44 -6.55 -10.39
C2B NAD L . -0.97 -6.58 -10.86
O2B NAD L . -0.70 -5.30 -11.43
C1B NAD L . -0.90 -7.67 -11.91
N9A NAD L . -2.15 -7.69 -12.75
C8A NAD L . -3.42 -7.67 -12.38
N7A NAD L . -4.17 -7.69 -13.50
C5A NAD L . -3.34 -7.71 -14.55
C6A NAD L . -3.57 -7.72 -15.86
N6A NAD L . -4.84 -7.72 -16.28
N1A NAD L . -2.57 -7.73 -16.76
C2A NAD L . -1.26 -7.73 -16.28
N3A NAD L . -1.05 -7.71 -14.91
C4A NAD L . -2.10 -7.70 -14.08
O3 NAD L . -0.60 -10.87 -6.10
PN NAD L . 0.49 -12.06 -6.00
O1N NAD L . 0.69 -12.38 -4.57
O2N NAD L . 1.66 -11.71 -6.83
O5D NAD L . -0.36 -13.29 -6.65
C5D NAD L . -0.78 -13.25 -8.02
C4D NAD L . -1.62 -14.49 -8.26
O4D NAD L . -0.84 -15.69 -8.03
C3D NAD L . -2.83 -14.57 -7.30
O3D NAD L . -3.97 -15.01 -8.05
C2D NAD L . -2.43 -15.66 -6.35
O2D NAD L . -3.58 -16.32 -5.79
C1D NAD L . -1.71 -16.57 -7.32
N1N NAD L . -0.82 -17.56 -6.71
C2N NAD L . -0.75 -18.85 -7.26
C3N NAD L . 0.10 -19.82 -6.72
C7N NAD L . 0.19 -21.11 -7.24
O7N NAD L . 0.38 -22.12 -6.36
N7N NAD L . 0.17 -21.25 -8.58
C4N NAD L . 0.88 -19.46 -5.64
C5N NAD L . 0.82 -18.18 -5.09
C6N NAD L . -0.02 -17.23 -5.61
#